data_6L53
#
_entry.id   6L53
#
_cell.length_a   1.00
_cell.length_b   1.00
_cell.length_c   1.00
_cell.angle_alpha   90.00
_cell.angle_beta   90.00
_cell.angle_gamma   90.00
#
_symmetry.space_group_name_H-M   'P 1'
#
_entity_poly.entity_id   1
_entity_poly.type   'polypeptide(L)'
_entity_poly.pdbx_seq_one_letter_code
;MSRRAPGSRLSSGGGGGGTKYPRSWNDWQPRTDSASADPDNLKYSSSRDRGGSSSYGLQPSNSAVVSRQRHDDTRVHADI
QNDEKGGYSVNGGSGENTYGRKSLGQELRVNNVTSPEFTSVQHGSRALATKDMRKSQERSMSYSDESRLSNLLRRITRED
DRDRRLATVKQLKEFIQQPENKLVLVKQLDNILAAVHDVLNESSKLLQELRQEGACCLGLLCASLSYEAEKIFKWIFSKF
SSSAKDEVKLLYLCATYKALETVGEKKAFSSVMQLVMTSLQSILENVDTPELLCKCVKCILLVARCYPHIFSTNFRDTVD
ILVGWHIDHTQKPSLTQQVSGWLQSLEPFWVADLAFSTTLLGQFLEDMEAYAEDLSHVASGESVDEDVPPPSVSLPKLAA
LLRVFSTVVRSIGERFSPIRGPPITEAYVTDVLYRVMRCVTAANQVFFSEAVLTAANECVGVLLGSLDPSMTIHCDMVIT
YGLDQLENCQTCGTDYIISVLNLLTLIVEQINTKLPSSFVEKLFIPSSKLLFLRYHKEKEVVAVAHAVYQAVLSLKNIPV
LETAYKLILGEMTCALNNLLHSLQLPEACSEIKHEAFKNHVFNVDNAKFVVIFDLSALTTIGNAKNSLIGMWALSPTVFA
LLSKNLMIVHSDLAVHFPAIQYAVLYTLYSHCTRHDHFISSSLSSSSPSLFDGAVISTVTTATKKHFSIILNLLGILLKK
DNLNQDTRKLLMTWALEAAVLMKKSETYAPLFSLPSFHKFCKGLLANTLVEDVNICLQACSSLHALSSSLPDDLLQRCVD
VCRVQLVHSGTRIRQAFGKLLKSIPLDVVLSNNNHTEIQEISLALRSHMSKAPSNTFHPQDFSDVISFILYGNSHRTGKD
NWLERLFYSCQRLDKRDQSTIPRNLLKTDAVLWQWAIWEAAQFTVLSKLRTPLGRAQDTFQTIEGIIRSLAAHTLNPDQD
VSQWTTADNDEGHGNNQLRLVLLLQYLENLEKLMYNAYEGCANALTSPPKVIRTFFYTNRQTCQDWLTRIRLSIMRVGLL
AGQPAVTVRHGFDLLTEMKTTSLSQGNELEVTIMMVVEALCELHCPEAIQGIAVWSSSIVGKNLLWINSVAQQAEGRFEK
ASVEYQEHLCAMTGVDCCISSFDKSVLTLANAGRNSASPKHSLNGESRKTVLSKPTDSSPEVINYLGNKACECYISIADW
AAVQEWQNAIHDLKKSTSSTSLNLKADFNYIKSLSSFESGKFVECTEQLELLPGENINLLAGGSKEKIDMKKLLPNMLSP
DPRELQKSIEVQLLRSSVCLATALNPIEQDQKWQSITENVVKYLKQTSRIAIGPLRLSTLTVSQSLPVLSTLQLYCSSAL
ENTVSNRLSTEDCLIPLFSEALRSCKQHDVRPWMQALRYTMYQNQLLEKIKEQTVPIRSHLMELGLTAAKFARKRGNVSL
ATRLLAQCSEVQLGKTTTAQDLVQHFKKLSTQGQVDEKWGPELDIEKTKLLYTAGQSTHAMEMLSSCAISFCKSVKAEYA
VAKSILTLAKWIQAEWKEISGQLKQVYRAQHQQNFTGLSTLSKNILTLIELPSVNTMEEEYPRIESESTVHIGVGEPDFI
LGQLYHLSSVQAPEVAKSWAALASWAYRWGRKVVDNASQGEGVRLLPREKSEVQNLLPDTITEEEKERIYGILGQAVCRP
AGIQDEDITLQITESEDNEEDDMVDVIWRQLISSCPWLSELDESATEGVIKVWRKVVDRIFSLYKLSCSAYFTFLKLNAG
QIPLDEDDPRLHLSHRVEQSTDDMIVMATLRLLRLLVKHAGELRQYLEHGLETTPTAPWRGIIPQLFSRLNHPEVYVRQS
ICNLLCRVAQDSPHLILYPAIVGTISLSSESQASGNKFSTAIPTLLGNIQGEELLVSECEGGSPPASQDSNKDEPKSGLN
EDQAMMQDCYSKIVDKLSSANPTMVLQVQMLVAELRRVTVLWDELWLGVLLQQHMYVLRRIQQLEDEVKRVQNNNTLRKE
EKIAIMREKHTALMKPIVFALEHVRSITAAPAETPHEKWFQDNYGDAIENALEKLKTPLNPAKPGSSWIPFKEIMLSLQQ
RAQKRASYILRLEEISPWLAAMTNTEIALPGEVSARDTVTIHSVGGTITILPTKTKPKKLLFLGSDGKSYPYLFKGLEDL
HLDERIMQFLSIVNTMFATINRQETPRFHARHYSVTPLGTRSGLIQWVDGATPLFGLYKRWQQREAALQAQKAQDSYQTP
QNPGIVPRPSELYYSKIGPALKTVGLSLDVSRRDWPLHVMKAVLEELMEATPPNLLAKELWSSCTTPDEWWRVTQSYARS
TAVMSMVGYIIGLGDRHLDNVLIDMTTGEVVHIDYNVCFEKGKSLRVPEKVPFRMTQNIETALGVTGVEGVFRLSCEQVL
HIMRRGRETLLTLLEAFVYDPLVDWTAGGEAGFAGAVYGGGGQQAESKQSKREMEREITRSLFSSRVAEIKVNWFKNRDE
MLVVLPKLDGSLDEYLSLQEQLTDVEKLQGKLLEEIEFLEGAEGVDHPSHTLQHRYSEHTQLQTQQRAVQEAIQVKLNEF
EQWITHYQAAFNNLEATQLASLLQEISTQMDLGPPSYVPATAFLQNAGQAHLISQCEQLEGEVGALLQQRRSVLRGCLEQ
LHHYATVALQYPKAIFQKHRIEQWKTWMEELICNTTVERCQELYRKYEMQYAPQPPPTVCQFITATEMTLQRYAADINSR
LIRQVERLKQEAVTVPVCEDQLKEIERCIKVFLHENGEEGSLSLASVIISALCTLTRRNLMMEGAASSAGEQLVDLTSRD
GAWFLEELCSMSGNVTCLVQLLKQCHLVPQDLDIPNPMEASETVHLANGVYTSLQELNSNFRQIIFPEALRCLMKGEYTL
ESMLHELDGLIEQTTDGVPLQTLVESLQAYLRNAAMGLEEETHAHYIDVARLLHAQYGELIQPRNGSVDETPKMSAGQML
LVAFDGMFAQVETAFSLLVEKLNKMEIPIAWRKIDIIREARSTQVNFFDDDNHRQVLEEIFFLKRLQTIKEFFRLCGTFS
KTLSGSSSLEDQNTVNGPVQIVNVKTLFRNSCFSEDQMAKPIKAFTADFVRQLLIGLPNQALGLTLCSFISALGVDIIAQ
VEAKDFGAESKVSVDDLCKKAVEHNIQIGKFSQLVMNRATVLASSYDTAWKKHDLVRRLETSISSCKTSLQRVQLHIAMF
QWQHEDLLINRPQAMSVTPPPRSAILTSMKKKLHTLSQIETSIATVQEKLAALESSIEQRLKWAGGANPALAPVLQDFEA
TIAERRNLVLKESQRASQVTFLCSNIIHFESLRTRTAEALNLDAALFELIKRCQQMCSFASQFNSSVSELELRLLQRVDT
GLEHPIGSSEWLLSAHKQLTQDMSTQRAIQTEKEQQIETVCETIQNLVDNIKTVLTGHNRQLGDVKHLLKAMAKDEEAAL
ADGEDVPYENSVRQFLGEYKSWQDNIQTVLFTLVQAMGQVRSQEHVEMLQEITPTLKELKTQSQSIYNNLVSFASPLVTD
ATNECSSPTSSATYQPSFAAAVRSNTGQKTQPDVMSQNARKLIQKNLATSADTPPSTVPGTGKSVACSPKKAVRDPKTGK
AVQERNSYAVSVWKRVKAKLEGRDVDPNRRMSVAEQVDYVIKEATNLDNLAQLYEGWTAWV
;
_entity_poly.pdbx_strand_id   A
#
# COMPACT_ATOMS: atom_id res chain seq x y z
N SER A 36 84.27 -24.99 46.70
CA SER A 36 83.60 -25.57 47.85
C SER A 36 83.58 -24.62 49.04
N ALA A 37 84.73 -24.51 49.71
CA ALA A 37 84.86 -23.63 50.88
C ALA A 37 85.08 -22.19 50.50
N ASP A 38 85.72 -21.93 49.37
CA ASP A 38 85.97 -20.55 48.94
C ASP A 38 84.68 -19.79 48.63
N PRO A 39 83.71 -20.33 47.87
CA PRO A 39 82.46 -19.58 47.68
C PRO A 39 81.67 -19.41 48.96
N ASP A 40 81.70 -20.39 49.86
CA ASP A 40 80.99 -20.26 51.13
C ASP A 40 81.64 -19.20 52.02
N ASN A 41 82.97 -19.04 51.92
CA ASN A 41 83.63 -17.98 52.68
C ASN A 41 83.40 -16.61 52.05
N LEU A 42 83.36 -16.55 50.72
CA LEU A 42 83.06 -15.27 50.06
C LEU A 42 81.61 -14.86 50.22
N LYS A 43 80.71 -15.82 50.49
CA LYS A 43 79.31 -15.47 50.70
C LYS A 43 79.11 -14.69 51.99
N TYR A 44 79.92 -14.95 53.00
CA TYR A 44 79.80 -14.28 54.29
C TYR A 44 80.10 -12.79 54.17
N SER A 61 78.13 -7.21 48.04
CA SER A 61 77.70 -8.49 48.61
C SER A 61 76.45 -9.00 47.93
N ASN A 62 75.71 -8.09 47.28
CA ASN A 62 74.48 -8.48 46.61
C ASN A 62 74.77 -9.29 45.34
N SER A 63 75.90 -9.02 44.69
CA SER A 63 76.28 -9.76 43.49
C SER A 63 77.08 -11.01 43.78
N ALA A 64 77.61 -11.15 45.00
CA ALA A 64 78.35 -12.36 45.36
C ALA A 64 77.45 -13.49 45.81
N VAL A 65 76.21 -13.20 46.22
CA VAL A 65 75.30 -14.24 46.68
C VAL A 65 74.49 -14.86 45.55
N VAL A 66 74.42 -14.20 44.38
CA VAL A 66 73.71 -14.78 43.26
C VAL A 66 74.50 -15.92 42.63
N SER A 67 75.82 -15.96 42.84
CA SER A 67 76.63 -17.06 42.35
C SER A 67 76.45 -18.33 43.16
N ARG A 68 75.87 -18.23 44.37
CA ARG A 68 75.62 -19.42 45.17
C ARG A 68 74.60 -20.33 44.50
N GLN A 69 73.64 -19.75 43.79
CA GLN A 69 72.65 -20.55 43.06
C GLN A 69 73.33 -21.46 42.04
N ARG A 70 74.41 -20.99 41.42
CA ARG A 70 75.14 -21.81 40.46
C ARG A 70 76.15 -22.73 41.14
N HIS A 71 76.73 -22.28 42.27
CA HIS A 71 77.70 -23.10 42.97
C HIS A 71 77.06 -24.28 43.69
N ASP A 72 75.80 -24.17 44.08
CA ASP A 72 75.12 -25.27 44.77
C ASP A 72 74.62 -26.35 43.82
N ASP A 73 74.60 -26.09 42.52
CA ASP A 73 74.14 -27.09 41.56
C ASP A 73 75.25 -28.08 41.20
N THR A 74 76.50 -27.64 41.20
CA THR A 74 77.61 -28.51 40.86
C THR A 74 78.04 -29.35 42.06
N HIS A 77 78.27 -31.32 47.93
CA HIS A 77 78.75 -30.44 48.99
C HIS A 77 77.97 -30.67 50.29
N ALA A 78 78.63 -30.39 51.41
CA ALA A 78 78.02 -30.56 52.73
C ALA A 78 78.23 -29.36 53.65
N ASP A 79 79.00 -28.37 53.23
CA ASP A 79 79.24 -27.19 54.06
C ASP A 79 78.27 -26.05 53.78
N ILE A 80 77.46 -26.14 52.73
CA ILE A 80 76.51 -25.08 52.40
C ILE A 80 75.17 -25.25 53.11
N GLN A 81 75.00 -26.32 53.89
CA GLN A 81 73.73 -26.54 54.58
C GLN A 81 73.55 -25.57 55.73
N ASN A 82 74.55 -25.46 56.60
CA ASN A 82 74.48 -24.55 57.74
C ASN A 82 74.73 -23.09 57.37
N ASP A 83 75.20 -22.83 56.15
CA ASP A 83 75.43 -21.45 55.73
C ASP A 83 74.12 -20.66 55.65
N GLU A 84 73.03 -21.31 55.25
CA GLU A 84 71.75 -20.63 55.20
C GLU A 84 71.27 -20.24 56.59
N LYS A 85 71.49 -21.12 57.58
CA LYS A 85 71.11 -20.78 58.95
C LYS A 85 72.03 -19.73 59.54
N GLY A 86 73.31 -19.73 59.16
CA GLY A 86 74.25 -18.77 59.72
C GLY A 86 74.17 -17.39 59.10
N GLY A 87 73.78 -17.30 57.84
CA GLY A 87 73.75 -16.03 57.14
C GLY A 87 72.40 -15.36 57.08
N TYR A 88 71.36 -16.12 56.75
CA TYR A 88 70.02 -15.55 56.60
C TYR A 88 69.39 -15.16 57.93
N SER A 89 69.95 -15.60 59.06
CA SER A 89 69.42 -15.27 60.37
C SER A 89 70.10 -14.06 61.00
N VAL A 90 71.08 -13.46 60.33
CA VAL A 90 71.78 -12.29 60.86
C VAL A 90 71.77 -11.11 59.91
N ASN A 91 71.34 -11.29 58.67
CA ASN A 91 71.34 -10.20 57.69
C ASN A 91 70.04 -9.41 57.77
N GLY A 92 69.89 -8.43 56.87
CA GLY A 92 68.71 -7.61 56.83
C GLY A 92 67.59 -8.23 56.01
N GLY A 93 66.83 -7.39 55.31
CA GLY A 93 65.73 -7.85 54.49
C GLY A 93 66.08 -8.00 53.03
N SER A 94 67.09 -7.26 52.58
CA SER A 94 67.50 -7.32 51.17
C SER A 94 68.22 -8.61 50.81
N GLY A 95 68.68 -9.38 51.80
CA GLY A 95 69.37 -10.62 51.52
C GLY A 95 68.85 -11.78 52.35
N GLU A 96 67.55 -11.78 52.62
CA GLU A 96 66.91 -12.80 53.44
C GLU A 96 66.18 -13.85 52.60
N ASN A 97 65.28 -13.41 51.72
CA ASN A 97 64.52 -14.34 50.90
C ASN A 97 65.35 -14.98 49.80
N THR A 98 66.55 -14.45 49.53
CA THR A 98 67.39 -15.01 48.47
C THR A 98 68.07 -16.29 48.89
N TYR A 99 68.49 -16.39 50.16
CA TYR A 99 69.19 -17.58 50.63
C TYR A 99 68.29 -18.80 50.70
N GLY A 100 66.98 -18.61 50.84
CA GLY A 100 66.06 -19.73 50.93
C GLY A 100 65.83 -20.49 49.64
N ARG A 101 66.39 -20.02 48.53
CA ARG A 101 66.20 -20.64 47.23
C ARG A 101 67.47 -21.27 46.68
N LYS A 102 68.50 -21.41 47.51
CA LYS A 102 69.79 -21.93 47.05
C LYS A 102 69.83 -23.46 47.08
N SER A 103 69.62 -24.05 48.25
CA SER A 103 69.60 -25.50 48.42
C SER A 103 68.19 -26.06 48.48
N LEU A 104 67.25 -25.47 47.74
CA LEU A 104 65.86 -25.87 47.83
C LEU A 104 65.59 -27.21 47.16
N GLY A 105 66.48 -27.68 46.29
CA GLY A 105 66.23 -28.91 45.57
C GLY A 105 67.44 -29.82 45.44
N GLN A 106 68.58 -29.42 46.00
CA GLN A 106 69.80 -30.21 45.88
C GLN A 106 70.01 -31.12 47.09
N GLU A 107 70.23 -30.52 48.26
CA GLU A 107 70.59 -31.28 49.45
C GLU A 107 70.33 -30.42 50.68
N LEU A 108 69.94 -31.07 51.78
CA LEU A 108 69.69 -32.51 51.82
C LEU A 108 68.35 -32.80 52.47
N ARG A 109 67.96 -31.94 53.42
CA ARG A 109 66.69 -32.03 54.14
C ARG A 109 66.52 -33.38 54.81
N VAL A 110 67.56 -33.82 55.51
CA VAL A 110 67.51 -35.10 56.22
C VAL A 110 67.80 -34.90 57.70
N ASN A 111 68.99 -34.42 58.03
CA ASN A 111 69.39 -34.34 59.43
C ASN A 111 70.00 -32.99 59.80
N ASN A 112 70.58 -32.30 58.83
CA ASN A 112 71.27 -31.03 59.11
C ASN A 112 70.64 -29.83 58.43
N VAL A 113 69.70 -30.02 57.51
CA VAL A 113 69.04 -28.91 56.83
C VAL A 113 67.63 -28.67 57.37
N THR A 114 67.16 -29.49 58.30
CA THR A 114 65.84 -29.32 58.91
C THR A 114 65.87 -29.15 60.42
N SER A 115 66.86 -29.73 61.10
CA SER A 115 66.94 -29.65 62.56
C SER A 115 67.33 -28.26 63.07
N PRO A 116 68.32 -27.57 62.48
CA PRO A 116 68.66 -26.24 62.99
C PRO A 116 67.55 -25.22 62.82
N GLU A 117 66.58 -25.47 61.94
CA GLU A 117 65.47 -24.55 61.77
C GLU A 117 64.51 -24.58 62.94
N PHE A 118 64.49 -25.66 63.71
CA PHE A 118 63.63 -25.72 64.90
C PHE A 118 64.11 -24.76 65.98
N THR A 119 65.42 -24.50 66.04
CA THR A 119 66.01 -23.62 67.04
C THR A 119 66.11 -22.17 66.55
N SER A 120 65.24 -21.76 65.63
CA SER A 120 65.23 -20.40 65.10
C SER A 120 64.17 -19.54 65.76
N VAL A 121 63.93 -19.74 67.06
CA VAL A 121 62.86 -19.04 67.77
C VAL A 121 63.36 -17.70 68.28
N GLN A 122 64.55 -17.29 67.84
CA GLN A 122 65.09 -16.00 68.26
C GLN A 122 64.23 -14.84 67.77
N HIS A 123 63.61 -14.97 66.60
CA HIS A 123 62.76 -13.92 66.06
C HIS A 123 61.78 -14.54 65.07
N GLY A 124 60.66 -13.86 64.89
CA GLY A 124 59.62 -14.37 64.01
C GLY A 124 59.99 -14.25 62.54
N SER A 125 60.43 -13.05 62.13
CA SER A 125 60.78 -12.85 60.72
C SER A 125 62.01 -13.64 60.32
N ARG A 126 62.96 -13.82 61.25
CA ARG A 126 64.14 -14.63 60.96
C ARG A 126 63.81 -16.10 60.79
N ALA A 127 62.70 -16.56 61.36
CA ALA A 127 62.25 -17.94 61.20
C ALA A 127 61.25 -18.10 60.08
N LEU A 128 60.63 -17.01 59.63
CA LEU A 128 59.68 -17.11 58.52
C LEU A 128 60.37 -17.54 57.23
N ALA A 129 61.63 -17.14 57.05
CA ALA A 129 62.38 -17.53 55.85
C ALA A 129 63.03 -18.91 56.00
N THR A 130 63.03 -19.49 57.19
CA THR A 130 63.63 -20.80 57.41
C THR A 130 62.61 -21.92 57.61
N LYS A 131 61.37 -21.59 57.96
CA LYS A 131 60.35 -22.62 58.12
C LYS A 131 59.75 -23.05 56.79
N ASP A 132 59.77 -22.18 55.78
CA ASP A 132 59.18 -22.51 54.49
C ASP A 132 60.14 -23.29 53.60
N MET A 133 61.45 -23.07 53.75
CA MET A 133 62.41 -23.77 52.91
C MET A 133 62.42 -25.26 53.19
N ARG A 134 62.10 -25.67 54.42
CA ARG A 134 62.02 -27.10 54.73
C ARG A 134 60.97 -27.78 53.88
N LYS A 135 59.76 -27.23 53.85
CA LYS A 135 58.70 -27.83 53.03
C LYS A 135 58.97 -27.62 51.54
N SER A 136 59.64 -26.54 51.17
CA SER A 136 60.05 -26.38 49.78
C SER A 136 60.97 -27.51 49.34
N GLN A 137 61.94 -27.86 50.19
CA GLN A 137 62.82 -28.99 49.89
C GLN A 137 62.05 -30.30 49.90
N GLU A 138 61.12 -30.47 50.85
CA GLU A 138 60.29 -31.68 50.87
C GLU A 138 59.50 -31.84 49.58
N ARG A 139 59.03 -30.73 49.00
CA ARG A 139 58.32 -30.79 47.72
C ARG A 139 59.27 -30.98 46.56
N SER A 140 60.51 -30.48 46.66
CA SER A 140 61.44 -30.52 45.54
C SER A 140 62.22 -31.83 45.45
N MET A 141 62.55 -32.45 46.59
CA MET A 141 63.31 -33.69 46.55
C MET A 141 62.46 -34.86 46.09
N SER A 142 61.40 -35.17 46.84
CA SER A 142 60.44 -36.23 46.50
C SER A 142 61.16 -37.56 46.26
N TYR A 143 61.83 -38.05 47.31
CA TYR A 143 62.52 -39.33 47.23
C TYR A 143 61.58 -40.51 47.44
N SER A 144 60.80 -40.55 48.53
CA SER A 144 60.68 -39.54 49.58
C SER A 144 61.35 -40.00 50.87
N ASP A 145 62.41 -39.29 51.26
CA ASP A 145 63.15 -39.61 52.48
C ASP A 145 62.56 -38.92 53.71
N GLU A 146 62.33 -37.61 53.63
CA GLU A 146 61.77 -36.83 54.72
C GLU A 146 60.73 -35.87 54.14
N SER A 147 59.47 -36.32 54.09
CA SER A 147 58.37 -35.49 53.63
C SER A 147 57.09 -36.06 54.23
N ARG A 148 56.50 -35.33 55.18
CA ARG A 148 55.36 -35.82 55.95
C ARG A 148 55.70 -37.15 56.62
N LEU A 149 56.91 -37.24 57.15
CA LEU A 149 57.44 -38.47 57.74
C LEU A 149 56.92 -38.68 59.16
N SER A 150 57.60 -39.55 59.91
CA SER A 150 57.16 -39.96 61.24
C SER A 150 57.45 -38.85 62.24
N ASN A 151 57.41 -39.20 63.52
CA ASN A 151 57.44 -38.26 64.66
C ASN A 151 58.45 -37.14 64.52
N LEU A 152 59.48 -37.32 63.69
CA LEU A 152 60.38 -36.22 63.36
C LEU A 152 59.64 -35.03 62.77
N LEU A 153 58.51 -35.25 62.10
CA LEU A 153 57.72 -34.15 61.58
C LEU A 153 56.95 -33.41 62.67
N ARG A 154 56.80 -34.04 63.85
CA ARG A 154 56.07 -33.42 64.95
C ARG A 154 56.58 -32.03 65.28
N ARG A 155 57.87 -31.78 65.03
CA ARG A 155 58.43 -30.44 65.23
C ARG A 155 57.60 -29.39 64.52
N ILE A 156 57.31 -29.61 63.24
CA ILE A 156 56.48 -28.67 62.48
C ILE A 156 55.12 -28.52 63.16
N THR A 157 54.55 -29.62 63.65
CA THR A 157 53.30 -29.54 64.39
C THR A 157 53.46 -28.64 65.62
N ARG A 158 54.58 -28.77 66.33
CA ARG A 158 54.86 -27.87 67.44
C ARG A 158 55.00 -26.44 66.94
N GLU A 159 55.55 -26.24 65.75
CA GLU A 159 55.60 -24.91 65.16
C GLU A 159 54.21 -24.37 64.87
N ASP A 160 53.21 -25.25 64.72
CA ASP A 160 51.84 -24.78 64.58
C ASP A 160 51.33 -24.15 65.87
N ASP A 161 51.92 -24.53 67.01
CA ASP A 161 51.55 -23.90 68.26
C ASP A 161 52.02 -22.46 68.33
N ARG A 162 53.14 -22.14 67.67
CA ARG A 162 53.68 -20.79 67.64
C ARG A 162 53.07 -19.94 66.54
N ASP A 163 52.34 -20.54 65.60
CA ASP A 163 51.71 -19.75 64.55
C ASP A 163 50.57 -18.90 65.09
N ARG A 164 49.89 -19.37 66.13
CA ARG A 164 48.81 -18.61 66.73
C ARG A 164 49.30 -17.41 67.54
N ARG A 165 50.58 -17.40 67.93
CA ARG A 165 51.12 -16.26 68.66
C ARG A 165 51.40 -15.08 67.76
N LEU A 166 51.77 -15.32 66.50
CA LEU A 166 52.00 -14.26 65.53
C LEU A 166 50.69 -13.99 64.79
N ALA A 167 50.75 -13.23 63.70
CA ALA A 167 49.57 -12.89 62.92
C ALA A 167 49.24 -13.95 61.87
N THR A 168 49.63 -15.21 62.11
CA THR A 168 49.38 -16.32 61.19
C THR A 168 50.00 -16.07 59.82
N VAL A 169 51.09 -15.31 59.77
CA VAL A 169 51.77 -15.09 58.50
C VAL A 169 52.55 -16.32 58.08
N LYS A 170 52.98 -17.14 59.04
CA LYS A 170 53.72 -18.36 58.71
C LYS A 170 52.84 -19.39 58.03
N GLN A 171 51.57 -19.48 58.44
CA GLN A 171 50.63 -20.45 57.86
C GLN A 171 50.41 -20.23 56.37
N LEU A 172 50.81 -19.07 55.83
CA LEU A 172 50.72 -18.86 54.39
C LEU A 172 51.67 -19.76 53.61
N LYS A 173 52.69 -20.32 54.27
CA LYS A 173 53.64 -21.19 53.60
C LYS A 173 53.84 -22.53 54.31
N GLU A 174 53.18 -22.76 55.45
CA GLU A 174 53.30 -24.00 56.19
C GLU A 174 52.14 -24.96 55.96
N PHE A 175 50.94 -24.44 55.76
CA PHE A 175 49.75 -25.29 55.57
C PHE A 175 49.37 -25.47 54.11
N ILE A 176 49.97 -24.71 53.19
CA ILE A 176 49.69 -24.90 51.77
C ILE A 176 50.51 -26.04 51.19
N GLN A 177 51.60 -26.44 51.85
CA GLN A 177 52.43 -27.54 51.39
C GLN A 177 52.40 -28.74 52.32
N GLN A 178 51.65 -28.67 53.43
CA GLN A 178 51.63 -29.80 54.36
C GLN A 178 50.81 -30.96 53.83
N PRO A 179 49.54 -30.81 53.43
CA PRO A 179 48.77 -31.98 52.98
C PRO A 179 49.16 -32.50 51.60
N GLU A 180 49.89 -31.71 50.81
CA GLU A 180 50.25 -32.16 49.47
C GLU A 180 51.25 -33.31 49.50
N ASN A 181 52.12 -33.34 50.51
CA ASN A 181 53.06 -34.43 50.70
C ASN A 181 52.55 -35.50 51.66
N LYS A 182 51.26 -35.46 52.01
CA LYS A 182 50.69 -36.31 53.05
C LYS A 182 49.99 -37.55 52.48
N LEU A 183 50.54 -38.15 51.43
CA LEU A 183 49.98 -39.38 50.89
C LEU A 183 51.12 -40.27 50.38
N VAL A 184 51.17 -41.52 50.85
CA VAL A 184 50.36 -42.02 51.95
C VAL A 184 51.22 -42.94 52.83
N LEU A 185 51.77 -42.48 53.97
CA LEU A 185 51.76 -41.12 54.54
C LEU A 185 50.37 -40.58 54.87
N VAL A 186 49.42 -41.47 55.14
CA VAL A 186 48.07 -41.05 55.52
C VAL A 186 48.12 -40.50 56.94
N LYS A 187 47.71 -39.24 57.11
CA LYS A 187 47.68 -38.59 58.40
C LYS A 187 46.41 -37.76 58.52
N GLN A 188 45.64 -38.00 59.59
CA GLN A 188 44.40 -37.28 59.83
C GLN A 188 44.30 -36.69 61.23
N LEU A 189 45.27 -36.94 62.11
CA LEU A 189 45.23 -36.43 63.48
C LEU A 189 45.62 -34.96 63.57
N ASP A 190 46.12 -34.36 62.49
CA ASP A 190 46.51 -32.96 62.51
C ASP A 190 45.33 -32.02 62.35
N ASN A 191 44.20 -32.50 61.84
CA ASN A 191 43.04 -31.63 61.65
C ASN A 191 42.47 -31.19 62.99
N ILE A 192 42.41 -32.10 63.97
CA ILE A 192 41.89 -31.72 65.29
C ILE A 192 42.91 -30.91 66.07
N LEU A 193 44.18 -30.96 65.69
CA LEU A 193 45.22 -30.17 66.36
C LEU A 193 45.39 -28.79 65.76
N ALA A 194 45.01 -28.60 64.50
CA ALA A 194 45.13 -27.30 63.84
C ALA A 194 43.86 -26.47 63.92
N ALA A 195 42.70 -27.10 64.07
CA ALA A 195 41.43 -26.40 64.13
C ALA A 195 41.13 -25.83 65.52
N VAL A 196 42.07 -25.92 66.45
CA VAL A 196 41.82 -25.38 67.79
C VAL A 196 42.09 -23.87 67.83
N HIS A 197 42.92 -23.37 66.92
CA HIS A 197 43.22 -21.94 66.87
C HIS A 197 42.73 -21.26 65.60
N ASP A 198 42.25 -22.02 64.61
CA ASP A 198 41.74 -21.42 63.39
C ASP A 198 40.33 -20.88 63.55
N VAL A 199 39.58 -21.34 64.55
CA VAL A 199 38.23 -20.85 64.79
C VAL A 199 38.01 -20.32 66.20
N LEU A 200 38.81 -20.71 67.19
CA LEU A 200 38.69 -20.17 68.53
C LEU A 200 39.58 -18.95 68.74
N ASN A 201 40.86 -19.06 68.35
CA ASN A 201 41.76 -17.92 68.49
C ASN A 201 41.48 -16.85 67.45
N GLU A 202 40.98 -17.25 66.28
CA GLU A 202 40.64 -16.30 65.21
C GLU A 202 39.26 -15.70 65.37
N SER A 203 38.66 -15.79 66.56
CA SER A 203 37.34 -15.22 66.79
C SER A 203 37.40 -13.70 66.93
N SER A 204 38.42 -13.19 67.63
CA SER A 204 38.58 -11.76 67.84
C SER A 204 40.03 -11.36 67.62
N LYS A 205 40.66 -11.87 66.56
CA LYS A 205 42.04 -11.55 66.25
C LYS A 205 42.18 -10.25 65.45
N LEU A 206 41.13 -9.43 65.42
CA LEU A 206 41.16 -8.10 64.82
C LEU A 206 41.53 -8.16 63.34
N LEU A 207 40.66 -8.78 62.56
CA LEU A 207 40.75 -8.82 61.10
C LEU A 207 42.10 -9.42 60.65
N GLN A 208 42.29 -10.73 60.87
CA GLN A 208 41.30 -11.80 61.10
C GLN A 208 40.11 -11.78 60.14
N GLU A 209 40.36 -11.36 58.90
CA GLU A 209 39.37 -11.41 57.84
C GLU A 209 39.77 -12.39 56.73
N LEU A 210 40.96 -12.20 56.14
CA LEU A 210 41.43 -13.12 55.12
C LEU A 210 41.92 -14.44 55.71
N ARG A 211 42.28 -14.46 56.99
CA ARG A 211 42.72 -15.69 57.63
C ARG A 211 41.59 -16.71 57.73
N GLN A 212 40.35 -16.24 57.95
CA GLN A 212 39.23 -17.16 58.04
C GLN A 212 38.95 -17.83 56.70
N GLU A 213 39.13 -17.10 55.59
CA GLU A 213 38.96 -17.68 54.27
C GLU A 213 40.19 -18.44 53.81
N GLY A 214 41.34 -18.21 54.42
CA GLY A 214 42.53 -18.96 54.10
C GLY A 214 42.64 -20.26 54.89
N ALA A 215 41.89 -20.33 56.00
CA ALA A 215 41.88 -21.52 56.82
C ALA A 215 40.78 -22.50 56.41
N CYS A 216 39.75 -22.04 55.71
CA CYS A 216 38.66 -22.94 55.31
C CYS A 216 39.09 -23.85 54.17
N CYS A 217 39.93 -23.36 53.25
CA CYS A 217 40.41 -24.19 52.16
C CYS A 217 41.40 -25.25 52.64
N LEU A 218 42.00 -25.04 53.81
CA LEU A 218 42.92 -26.04 54.36
C LEU A 218 42.17 -27.28 54.84
N GLY A 219 40.89 -27.13 55.19
CA GLY A 219 40.11 -28.25 55.65
C GLY A 219 39.43 -29.03 54.54
N LEU A 220 40.10 -29.11 53.39
CA LEU A 220 39.59 -29.88 52.25
C LEU A 220 40.49 -31.06 51.92
N LEU A 221 41.77 -30.81 51.66
CA LEU A 221 42.68 -31.88 51.24
C LEU A 221 42.90 -32.89 52.36
N CYS A 222 43.32 -32.41 53.53
CA CYS A 222 43.57 -33.31 54.64
C CYS A 222 42.27 -33.84 55.24
N ALA A 223 41.19 -33.07 55.18
CA ALA A 223 39.92 -33.48 55.74
C ALA A 223 39.08 -34.33 54.80
N SER A 224 39.55 -34.56 53.56
CA SER A 224 38.83 -35.44 52.66
C SER A 224 38.73 -36.86 53.21
N LEU A 225 39.82 -37.36 53.78
CA LEU A 225 39.82 -38.66 54.43
C LEU A 225 39.23 -38.54 55.84
N SER A 226 39.27 -39.64 56.58
CA SER A 226 38.73 -39.73 57.93
C SER A 226 37.25 -39.32 57.94
N TYR A 227 36.44 -40.12 57.25
CA TYR A 227 35.03 -39.82 57.07
C TYR A 227 34.24 -39.87 58.38
N GLU A 228 34.83 -40.39 59.46
CA GLU A 228 34.16 -40.45 60.75
C GLU A 228 34.44 -39.20 61.58
N ALA A 229 34.14 -38.03 61.00
CA ALA A 229 34.39 -36.76 61.65
C ALA A 229 33.15 -36.17 62.31
N GLU A 230 32.11 -36.99 62.55
CA GLU A 230 30.91 -36.49 63.20
C GLU A 230 31.14 -36.14 64.66
N LYS A 231 32.17 -36.72 65.29
CA LYS A 231 32.50 -36.35 66.66
C LYS A 231 32.88 -34.88 66.75
N ILE A 232 33.54 -34.34 65.73
CA ILE A 232 33.86 -32.92 65.71
C ILE A 232 32.58 -32.09 65.71
N PHE A 233 31.62 -32.45 64.85
CA PHE A 233 30.34 -31.76 64.84
C PHE A 233 29.65 -31.83 66.19
N LYS A 234 29.66 -33.01 66.83
CA LYS A 234 29.02 -33.16 68.12
C LYS A 234 29.67 -32.28 69.19
N TRP A 235 31.00 -32.31 69.26
CA TRP A 235 31.70 -31.53 70.28
C TRP A 235 31.60 -30.04 70.02
N ILE A 236 31.44 -29.63 68.76
CA ILE A 236 31.26 -28.21 68.47
C ILE A 236 29.84 -27.77 68.84
N PHE A 237 28.84 -28.55 68.45
CA PHE A 237 27.45 -28.17 68.72
C PHE A 237 27.12 -28.22 70.20
N SER A 238 27.76 -29.12 70.95
CA SER A 238 27.53 -29.17 72.39
C SER A 238 27.93 -27.86 73.05
N LYS A 239 29.17 -27.41 72.81
CA LYS A 239 29.63 -26.14 73.37
C LYS A 239 28.86 -24.96 72.79
N PHE A 240 28.41 -25.06 71.54
CA PHE A 240 27.60 -23.99 70.95
C PHE A 240 26.29 -23.84 71.71
N SER A 241 25.59 -24.95 71.96
CA SER A 241 24.35 -24.89 72.73
C SER A 241 24.61 -24.44 74.16
N SER A 242 25.73 -24.87 74.74
CA SER A 242 26.05 -24.46 76.11
C SER A 242 26.27 -22.95 76.19
N SER A 243 26.97 -22.37 75.23
CA SER A 243 27.19 -20.93 75.20
C SER A 243 25.95 -20.16 74.78
N ALA A 244 25.01 -20.82 74.07
CA ALA A 244 23.78 -20.15 73.68
C ALA A 244 22.77 -20.12 74.82
N LYS A 245 22.75 -21.14 75.67
CA LYS A 245 21.77 -21.19 76.76
C LYS A 245 22.04 -20.10 77.79
N ASP A 246 23.30 -19.86 78.12
CA ASP A 246 23.67 -18.93 79.17
C ASP A 246 24.54 -17.80 78.60
N GLU A 247 24.37 -16.60 79.14
CA GLU A 247 23.35 -16.33 80.16
C GLU A 247 22.39 -15.22 79.71
N VAL A 248 22.94 -14.10 79.24
CA VAL A 248 22.14 -12.94 78.86
C VAL A 248 22.83 -12.21 77.72
N LYS A 249 22.19 -11.18 77.19
CA LYS A 249 22.73 -10.41 76.07
C LYS A 249 23.98 -9.65 76.54
N LEU A 250 25.16 -10.13 76.15
CA LEU A 250 26.40 -9.48 76.52
C LEU A 250 27.39 -9.63 75.36
N LEU A 251 28.58 -9.05 75.55
CA LEU A 251 29.63 -9.16 74.56
C LEU A 251 30.27 -10.55 74.52
N TYR A 252 29.99 -11.39 75.51
CA TYR A 252 30.53 -12.74 75.51
C TYR A 252 29.78 -13.66 74.56
N LEU A 253 28.53 -13.32 74.23
CA LEU A 253 27.69 -14.15 73.37
C LEU A 253 27.67 -13.67 71.92
N CYS A 254 28.71 -12.96 71.49
CA CYS A 254 28.78 -12.52 70.10
C CYS A 254 30.10 -12.91 69.43
N ALA A 255 31.20 -12.90 70.17
CA ALA A 255 32.50 -13.24 69.59
C ALA A 255 32.66 -14.75 69.45
N THR A 256 32.62 -15.47 70.58
CA THR A 256 32.76 -16.92 70.56
C THR A 256 31.47 -17.65 70.23
N TYR A 257 30.36 -16.93 70.06
CA TYR A 257 29.10 -17.57 69.73
C TYR A 257 28.94 -17.73 68.22
N LYS A 258 29.38 -16.73 67.45
CA LYS A 258 29.22 -16.80 66.00
C LYS A 258 30.39 -17.52 65.34
N ALA A 259 31.60 -17.38 65.88
CA ALA A 259 32.77 -18.00 65.27
C ALA A 259 32.62 -19.51 65.19
N LEU A 260 32.05 -20.12 66.23
CA LEU A 260 31.83 -21.56 66.20
C LEU A 260 30.89 -21.95 65.05
N GLU A 261 29.93 -21.09 64.72
CA GLU A 261 29.07 -21.35 63.57
C GLU A 261 29.88 -21.44 62.29
N THR A 262 30.97 -20.68 62.18
CA THR A 262 31.84 -20.77 61.01
C THR A 262 32.42 -22.17 60.87
N VAL A 263 32.56 -22.90 61.98
CA VAL A 263 32.99 -24.30 61.90
C VAL A 263 32.00 -25.09 61.05
N GLY A 264 30.69 -24.88 61.28
CA GLY A 264 29.68 -25.51 60.46
C GLY A 264 29.76 -25.12 59.00
N GLU A 265 30.43 -23.99 58.70
CA GLU A 265 30.65 -23.61 57.32
C GLU A 265 31.89 -24.27 56.73
N LYS A 266 32.86 -24.61 57.58
CA LYS A 266 34.13 -25.17 57.11
C LYS A 266 34.12 -26.70 57.13
N LYS A 267 33.80 -27.30 58.27
CA LYS A 267 33.86 -28.75 58.39
C LYS A 267 32.84 -29.43 57.49
N ALA A 268 31.74 -28.74 57.16
CA ALA A 268 30.74 -29.28 56.25
C ALA A 268 31.15 -29.14 54.79
N PHE A 269 32.30 -28.51 54.51
CA PHE A 269 32.75 -28.38 53.12
C PHE A 269 33.11 -29.74 52.53
N SER A 270 33.97 -30.49 53.23
CA SER A 270 34.43 -31.79 52.72
C SER A 270 33.50 -32.92 53.10
N SER A 271 32.86 -32.86 54.27
CA SER A 271 31.97 -33.92 54.73
C SER A 271 30.66 -33.85 53.96
N VAL A 272 30.55 -34.64 52.89
CA VAL A 272 29.35 -34.67 52.07
C VAL A 272 28.91 -36.12 51.88
N MET A 273 29.81 -37.05 52.20
CA MET A 273 29.55 -38.47 52.02
C MET A 273 29.14 -39.18 53.31
N GLN A 274 29.24 -38.52 54.46
CA GLN A 274 28.93 -39.12 55.74
C GLN A 274 27.62 -38.52 56.27
N LEU A 275 26.60 -39.37 56.41
CA LEU A 275 26.71 -40.78 56.05
C LEU A 275 25.78 -41.22 54.89
N VAL A 276 24.47 -40.95 54.91
CA VAL A 276 23.73 -40.24 55.96
C VAL A 276 22.37 -40.91 56.16
N MET A 277 21.93 -41.02 57.42
CA MET A 277 20.62 -41.59 57.76
C MET A 277 19.86 -40.56 58.59
N THR A 278 19.16 -39.66 57.89
CA THR A 278 18.27 -38.63 58.44
C THR A 278 18.82 -37.98 59.71
N SER A 279 20.14 -37.76 59.75
CA SER A 279 20.75 -37.10 60.90
C SER A 279 20.86 -35.59 60.70
N LEU A 280 20.98 -35.13 59.46
CA LEU A 280 21.05 -33.70 59.20
C LEU A 280 19.76 -32.99 59.59
N GLN A 281 18.62 -33.70 59.52
CA GLN A 281 17.37 -33.12 59.98
C GLN A 281 17.42 -32.82 61.47
N SER A 282 17.91 -33.76 62.28
CA SER A 282 18.05 -33.52 63.71
C SER A 282 19.11 -32.45 63.98
N ILE A 283 20.17 -32.41 63.17
CA ILE A 283 21.17 -31.36 63.33
C ILE A 283 20.56 -29.99 63.12
N LEU A 284 19.77 -29.83 62.05
CA LEU A 284 19.09 -28.56 61.81
C LEU A 284 18.09 -28.24 62.91
N GLU A 285 17.37 -29.26 63.40
CA GLU A 285 16.44 -29.05 64.51
C GLU A 285 17.15 -28.53 65.75
N ASN A 286 18.34 -29.04 66.03
CA ASN A 286 19.11 -28.60 67.19
C ASN A 286 19.77 -27.24 66.95
N VAL A 287 20.06 -26.89 65.71
CA VAL A 287 20.74 -25.62 65.43
C VAL A 287 19.75 -24.46 65.33
N ASP A 288 18.50 -24.73 64.92
CA ASP A 288 17.55 -23.64 64.70
C ASP A 288 17.15 -22.98 66.02
N THR A 289 16.99 -23.76 67.09
CA THR A 289 16.46 -23.21 68.33
C THR A 289 17.33 -22.14 68.99
N PRO A 290 18.65 -22.30 69.12
CA PRO A 290 19.44 -21.27 69.84
C PRO A 290 19.50 -19.91 69.14
N GLU A 291 18.84 -19.74 68.00
CA GLU A 291 18.83 -18.44 67.32
C GLU A 291 17.44 -17.81 67.22
N LEU A 292 16.38 -18.58 67.46
CA LEU A 292 15.03 -18.04 67.35
C LEU A 292 14.63 -17.28 68.61
N LEU A 293 14.63 -17.96 69.75
CA LEU A 293 14.20 -17.36 71.01
C LEU A 293 15.34 -16.68 71.77
N CYS A 294 16.58 -16.84 71.33
CA CYS A 294 17.71 -16.23 72.02
C CYS A 294 18.09 -14.87 71.45
N LYS A 295 17.53 -14.48 70.32
CA LYS A 295 17.86 -13.19 69.70
C LYS A 295 16.65 -12.77 68.86
N CYS A 296 15.84 -11.82 69.34
CA CYS A 296 15.78 -11.18 70.68
C CYS A 296 16.97 -10.30 71.10
N VAL A 297 17.99 -10.17 70.25
CA VAL A 297 19.09 -9.25 70.52
C VAL A 297 19.40 -8.33 69.35
N LYS A 298 19.01 -8.68 68.12
CA LYS A 298 19.29 -7.88 66.92
C LYS A 298 20.79 -7.70 66.71
N CYS A 299 21.53 -8.80 66.77
CA CYS A 299 22.95 -8.81 66.48
C CYS A 299 23.17 -9.13 65.00
N ILE A 300 24.41 -9.47 64.64
CA ILE A 300 24.73 -9.85 63.28
C ILE A 300 24.36 -11.31 63.06
N LEU A 301 23.61 -11.58 61.99
CA LEU A 301 23.20 -12.94 61.65
C LEU A 301 23.76 -13.39 60.31
N LEU A 302 24.91 -12.86 59.91
CA LEU A 302 25.51 -13.25 58.63
C LEU A 302 25.89 -14.72 58.63
N VAL A 303 26.62 -15.16 59.66
CA VAL A 303 27.03 -16.56 59.74
C VAL A 303 25.91 -17.45 60.27
N ALA A 304 24.87 -16.85 60.86
CA ALA A 304 23.76 -17.66 61.39
C ALA A 304 22.75 -18.01 60.31
N ARG A 305 22.45 -17.07 59.42
CA ARG A 305 21.48 -17.33 58.36
C ARG A 305 22.03 -18.26 57.29
N CYS A 306 23.33 -18.21 57.04
CA CYS A 306 23.97 -19.07 56.06
C CYS A 306 24.39 -20.42 56.61
N TYR A 307 24.11 -20.68 57.90
CA TYR A 307 24.46 -21.99 58.46
C TYR A 307 23.61 -23.11 57.85
N PRO A 308 22.27 -23.00 57.75
CA PRO A 308 21.52 -24.05 57.07
C PRO A 308 21.70 -24.07 55.57
N HIS A 309 22.36 -23.06 54.98
CA HIS A 309 22.60 -23.05 53.55
C HIS A 309 23.46 -24.24 53.14
N ILE A 310 24.54 -24.50 53.89
CA ILE A 310 25.44 -25.61 53.56
C ILE A 310 24.92 -26.95 54.07
N PHE A 311 23.91 -26.95 54.94
CA PHE A 311 23.40 -28.17 55.54
C PHE A 311 22.11 -28.65 54.87
N SER A 312 21.14 -27.76 54.66
CA SER A 312 19.87 -28.14 54.07
C SER A 312 19.98 -28.43 52.58
N THR A 313 21.11 -28.16 51.95
CA THR A 313 21.29 -28.41 50.53
C THR A 313 21.65 -29.86 50.23
N ASN A 314 21.87 -30.69 51.24
CA ASN A 314 22.24 -32.08 51.03
C ASN A 314 21.03 -32.98 50.77
N PHE A 315 19.83 -32.55 51.14
CA PHE A 315 18.60 -33.28 50.86
C PHE A 315 17.75 -32.51 49.87
N ARG A 316 16.99 -33.24 49.06
CA ARG A 316 16.19 -32.63 48.01
C ARG A 316 14.70 -32.77 48.25
N ASP A 317 14.19 -34.00 48.40
CA ASP A 317 12.76 -34.20 48.57
C ASP A 317 12.40 -35.25 49.61
N THR A 318 13.38 -35.82 50.33
CA THR A 318 13.11 -36.89 51.28
C THR A 318 12.18 -36.45 52.40
N VAL A 319 12.65 -35.52 53.24
CA VAL A 319 11.87 -35.05 54.38
C VAL A 319 12.49 -33.76 54.89
N ASP A 320 11.68 -32.91 55.53
CA ASP A 320 12.19 -31.67 56.12
C ASP A 320 11.29 -31.30 57.29
N ILE A 321 11.59 -30.15 57.90
CA ILE A 321 10.90 -29.69 59.10
C ILE A 321 10.21 -28.36 58.81
N LEU A 322 9.72 -28.20 57.58
CA LEU A 322 9.16 -26.95 57.09
C LEU A 322 8.22 -26.25 58.07
N VAL A 323 7.51 -27.02 58.90
CA VAL A 323 6.62 -26.44 59.90
C VAL A 323 7.41 -25.57 60.87
N GLY A 324 8.70 -25.81 61.02
CA GLY A 324 9.55 -24.99 61.85
C GLY A 324 10.59 -24.23 61.05
N TRP A 325 10.37 -24.11 59.74
CA TRP A 325 11.29 -23.41 58.86
C TRP A 325 10.70 -22.15 58.25
N HIS A 326 9.40 -22.15 57.94
CA HIS A 326 8.78 -20.97 57.35
C HIS A 326 8.90 -19.77 58.29
N ILE A 327 8.58 -19.97 59.57
CA ILE A 327 8.77 -18.90 60.55
C ILE A 327 10.24 -18.54 60.68
N ASP A 328 11.14 -19.51 60.40
CA ASP A 328 12.57 -19.23 60.39
C ASP A 328 12.99 -18.41 59.18
N HIS A 329 12.16 -18.39 58.12
CA HIS A 329 12.49 -17.66 56.90
C HIS A 329 11.64 -16.42 56.69
N THR A 330 10.45 -16.35 57.31
CA THR A 330 9.58 -15.20 57.12
C THR A 330 9.81 -14.11 58.17
N GLN A 331 10.24 -14.50 59.37
CA GLN A 331 10.44 -13.52 60.44
C GLN A 331 11.77 -12.78 60.30
N LYS A 332 12.77 -13.41 59.69
CA LYS A 332 14.07 -12.75 59.53
C LYS A 332 14.01 -11.48 58.69
N PRO A 333 13.29 -11.40 57.56
CA PRO A 333 13.27 -10.14 56.80
C PRO A 333 12.56 -9.02 57.52
N SER A 334 13.23 -8.44 58.53
CA SER A 334 12.71 -7.31 59.28
C SER A 334 13.40 -6.05 58.75
N LEU A 335 12.64 -5.23 58.01
CA LEU A 335 13.20 -4.03 57.42
C LEU A 335 13.56 -3.01 58.50
N THR A 336 14.69 -2.32 58.31
CA THR A 336 15.56 -2.53 57.16
C THR A 336 17.04 -2.49 57.56
N GLN A 337 17.61 -3.65 57.85
CA GLN A 337 19.02 -3.75 58.20
C GLN A 337 19.49 -5.18 57.97
N GLN A 338 20.67 -5.32 57.36
CA GLN A 338 21.45 -4.18 56.89
C GLN A 338 21.78 -4.35 55.41
N VAL A 339 22.56 -3.42 54.86
CA VAL A 339 22.88 -3.46 53.43
C VAL A 339 23.61 -4.75 53.09
N SER A 340 24.55 -5.17 53.93
CA SER A 340 25.24 -6.45 53.72
C SER A 340 24.54 -7.61 54.39
N GLY A 341 23.37 -7.39 54.99
CA GLY A 341 22.67 -8.44 55.69
C GLY A 341 21.53 -9.07 54.92
N TRP A 342 21.08 -8.41 53.85
CA TRP A 342 19.97 -8.91 53.07
C TRP A 342 20.36 -10.02 52.09
N LEU A 343 21.66 -10.24 51.87
CA LEU A 343 22.09 -11.28 50.94
C LEU A 343 21.87 -12.67 51.55
N GLN A 344 22.45 -12.90 52.72
CA GLN A 344 22.29 -14.19 53.40
C GLN A 344 20.91 -14.38 53.99
N SER A 345 20.00 -13.42 53.82
CA SER A 345 18.60 -13.60 54.19
C SER A 345 17.71 -13.88 53.00
N LEU A 346 18.11 -13.46 51.80
CA LEU A 346 17.38 -13.79 50.58
C LEU A 346 17.85 -15.08 49.94
N GLU A 347 19.13 -15.44 50.13
CA GLU A 347 19.60 -16.73 49.63
C GLU A 347 18.88 -17.93 50.26
N PRO A 348 18.60 -17.97 51.57
CA PRO A 348 17.85 -19.11 52.10
C PRO A 348 16.47 -19.29 51.50
N PHE A 349 15.87 -18.22 50.95
CA PHE A 349 14.63 -18.41 50.21
C PHE A 349 14.83 -19.33 49.02
N TRP A 350 15.86 -19.09 48.22
CA TRP A 350 16.18 -19.98 47.11
C TRP A 350 16.59 -21.36 47.60
N VAL A 351 17.33 -21.42 48.71
CA VAL A 351 17.75 -22.71 49.25
C VAL A 351 16.55 -23.56 49.63
N ALA A 352 15.52 -22.91 50.20
CA ALA A 352 14.31 -23.64 50.59
C ALA A 352 13.47 -23.99 49.37
N ASP A 353 13.35 -23.07 48.41
CA ASP A 353 12.59 -23.36 47.20
C ASP A 353 13.21 -24.48 46.40
N LEU A 354 14.53 -24.68 46.51
CA LEU A 354 15.16 -25.82 45.87
C LEU A 354 14.65 -27.12 46.46
N ALA A 355 14.39 -27.15 47.77
CA ALA A 355 13.88 -28.33 48.45
C ALA A 355 12.37 -28.34 48.58
N PHE A 356 11.69 -27.30 48.11
CA PHE A 356 10.22 -27.20 48.17
C PHE A 356 9.67 -27.49 46.77
N SER A 357 9.33 -28.75 46.53
CA SER A 357 8.76 -29.16 45.25
C SER A 357 7.54 -30.05 45.38
N THR A 358 7.27 -30.61 46.54
CA THR A 358 6.12 -31.49 46.73
C THR A 358 5.22 -31.07 47.88
N THR A 359 5.78 -30.56 48.97
CA THR A 359 5.03 -30.19 50.16
C THR A 359 5.20 -28.69 50.39
N LEU A 360 4.32 -27.90 49.77
CA LEU A 360 4.30 -26.45 49.95
C LEU A 360 3.01 -25.87 49.39
N LEU A 361 2.32 -25.03 50.16
CA LEU A 361 1.08 -24.44 49.70
C LEU A 361 0.67 -23.32 50.65
N GLY A 362 0.00 -22.31 50.10
CA GLY A 362 -0.67 -21.31 50.88
C GLY A 362 0.14 -20.09 51.29
N GLN A 363 0.12 -19.78 52.59
CA GLN A 363 0.64 -18.52 53.09
C GLN A 363 2.11 -18.31 52.74
N PHE A 364 2.84 -19.40 52.48
CA PHE A 364 4.26 -19.28 52.14
C PHE A 364 4.46 -18.41 50.89
N LEU A 365 3.45 -18.34 50.02
CA LEU A 365 3.51 -17.48 48.85
C LEU A 365 2.81 -16.14 49.06
N GLU A 366 2.00 -16.01 50.10
CA GLU A 366 1.28 -14.76 50.36
C GLU A 366 2.12 -13.73 51.10
N ASP A 367 3.35 -14.06 51.47
CA ASP A 367 4.23 -13.14 52.17
C ASP A 367 5.08 -12.29 51.22
N MET A 368 4.65 -12.14 49.96
CA MET A 368 5.39 -11.39 48.97
C MET A 368 4.57 -10.19 48.47
N GLU A 369 3.76 -9.60 49.35
CA GLU A 369 2.94 -8.45 48.97
C GLU A 369 3.63 -7.13 49.31
N ALA A 370 3.98 -6.93 50.57
CA ALA A 370 4.64 -5.70 51.01
C ALA A 370 5.75 -5.99 52.01
N TYR A 371 6.41 -7.13 51.89
CA TYR A 371 7.47 -7.54 52.80
C TYR A 371 8.84 -7.52 52.16
N ALA A 372 9.02 -8.21 51.04
CA ALA A 372 10.30 -8.28 50.34
C ALA A 372 10.42 -7.28 49.20
N GLU A 373 9.32 -6.65 48.80
CA GLU A 373 9.35 -5.68 47.71
C GLU A 373 9.98 -4.35 48.12
N ASP A 374 10.23 -4.13 49.41
CA ASP A 374 10.88 -2.90 49.85
C ASP A 374 12.37 -2.87 49.50
N LEU A 375 12.94 -4.00 49.09
CA LEU A 375 14.34 -4.07 48.70
C LEU A 375 14.55 -3.76 47.22
N SER A 376 13.59 -3.07 46.60
CA SER A 376 13.63 -2.75 45.17
C SER A 376 14.02 -1.29 44.92
N HIS A 377 14.97 -0.78 45.69
CA HIS A 377 15.31 0.63 45.66
C HIS A 377 16.80 0.77 45.34
N VAL A 378 17.34 1.95 45.60
CA VAL A 378 18.69 2.35 45.18
C VAL A 378 19.76 1.39 45.68
N ALA A 379 19.43 0.56 46.67
CA ALA A 379 20.39 -0.41 47.20
C ALA A 379 20.70 -1.42 46.11
N SER A 380 21.90 -1.30 45.53
CA SER A 380 22.30 -2.14 44.41
C SER A 380 22.99 -3.43 44.83
N GLY A 381 23.42 -3.54 46.08
CA GLY A 381 24.08 -4.74 46.54
C GLY A 381 23.19 -5.97 46.54
N GLU A 382 21.88 -5.78 46.64
CA GLU A 382 20.93 -6.89 46.63
C GLU A 382 19.90 -6.79 45.52
N SER A 383 20.05 -5.82 44.59
CA SER A 383 19.10 -5.70 43.49
C SER A 383 19.13 -6.93 42.58
N VAL A 384 20.30 -7.56 42.45
CA VAL A 384 20.38 -8.80 41.68
C VAL A 384 20.10 -10.03 42.53
N ASP A 385 20.26 -9.93 43.86
CA ASP A 385 19.97 -11.05 44.75
C ASP A 385 18.49 -11.17 45.07
N GLU A 386 17.67 -10.18 44.72
CA GLU A 386 16.23 -10.27 44.89
C GLU A 386 15.52 -10.72 43.62
N ASP A 387 16.22 -10.76 42.48
CA ASP A 387 15.63 -11.18 41.22
C ASP A 387 15.84 -12.66 40.93
N VAL A 388 16.50 -13.39 41.83
CA VAL A 388 16.63 -14.84 41.73
C VAL A 388 15.41 -15.58 42.28
N PRO A 389 14.80 -15.17 43.40
CA PRO A 389 13.67 -15.94 43.96
C PRO A 389 12.48 -16.04 43.00
N PRO A 390 12.07 -14.97 42.32
CA PRO A 390 10.88 -15.08 41.45
C PRO A 390 11.06 -16.11 40.34
N PRO A 391 12.23 -16.18 39.68
CA PRO A 391 12.44 -17.30 38.74
C PRO A 391 12.46 -18.66 39.42
N SER A 392 13.03 -18.76 40.62
CA SER A 392 13.07 -20.05 41.31
C SER A 392 11.70 -20.51 41.73
N VAL A 393 10.74 -19.61 41.88
CA VAL A 393 9.37 -19.96 42.24
C VAL A 393 8.43 -19.97 41.03
N SER A 394 8.88 -19.47 39.88
CA SER A 394 8.01 -19.38 38.71
C SER A 394 7.87 -20.72 38.00
N LEU A 395 8.97 -21.30 37.52
CA LEU A 395 8.86 -22.57 36.80
C LEU A 395 8.68 -23.72 37.80
N PRO A 396 9.55 -23.89 38.81
CA PRO A 396 9.29 -24.94 39.81
C PRO A 396 8.71 -24.39 41.11
N LYS A 397 7.69 -25.04 41.66
CA LYS A 397 7.00 -26.17 41.06
C LYS A 397 5.54 -26.10 41.49
N LEU A 398 4.81 -27.21 41.38
CA LEU A 398 3.45 -27.31 41.91
C LEU A 398 2.54 -26.23 41.29
N ALA A 399 2.24 -26.43 40.01
CA ALA A 399 1.48 -25.49 39.20
C ALA A 399 0.24 -24.94 39.90
N ALA A 400 -0.30 -25.69 40.87
CA ALA A 400 -1.36 -25.13 41.71
C ALA A 400 -0.88 -23.88 42.45
N LEU A 401 0.40 -23.84 42.83
CA LEU A 401 0.94 -22.64 43.46
C LEU A 401 1.18 -21.53 42.44
N LEU A 402 1.33 -21.89 41.16
CA LEU A 402 1.46 -20.86 40.13
C LEU A 402 0.18 -20.05 40.01
N ARG A 403 -0.97 -20.70 40.11
CA ARG A 403 -2.26 -20.01 40.06
C ARG A 403 -2.41 -18.98 41.17
N VAL A 404 -1.51 -18.95 42.15
CA VAL A 404 -1.46 -17.89 43.14
C VAL A 404 -0.31 -16.93 42.87
N PHE A 405 0.88 -17.45 42.66
CA PHE A 405 2.07 -16.61 42.50
C PHE A 405 1.98 -15.75 41.23
N SER A 406 1.77 -16.39 40.08
CA SER A 406 1.70 -15.64 38.83
C SER A 406 0.50 -14.70 38.81
N THR A 407 -0.61 -15.09 39.44
CA THR A 407 -1.77 -14.19 39.50
C THR A 407 -1.48 -12.97 40.35
N VAL A 408 -0.77 -13.15 41.47
CA VAL A 408 -0.38 -11.99 42.28
C VAL A 408 0.57 -11.10 41.50
N VAL A 409 1.52 -11.69 40.76
CA VAL A 409 2.45 -10.91 39.97
C VAL A 409 1.70 -10.11 38.91
N ARG A 410 0.75 -10.75 38.22
CA ARG A 410 -0.01 -10.06 37.19
C ARG A 410 -0.93 -9.00 37.78
N SER A 411 -1.45 -9.22 38.99
CA SER A 411 -2.25 -8.19 39.65
C SER A 411 -1.41 -6.99 40.02
N ILE A 412 -0.17 -7.22 40.48
CA ILE A 412 0.74 -6.12 40.77
C ILE A 412 1.08 -5.37 39.48
N GLY A 413 1.25 -6.11 38.38
CA GLY A 413 1.53 -5.46 37.11
C GLY A 413 0.37 -4.63 36.60
N GLU A 414 -0.85 -5.13 36.76
CA GLU A 414 -2.05 -4.43 36.33
C GLU A 414 -2.54 -3.43 37.36
N ARG A 415 -1.87 -3.31 38.50
CA ARG A 415 -2.22 -2.33 39.52
C ARG A 415 -1.27 -1.13 39.53
N PHE A 416 -0.24 -1.15 38.70
CA PHE A 416 0.70 -0.04 38.59
C PHE A 416 0.38 0.87 37.40
N SER A 417 -0.14 0.30 36.32
CA SER A 417 -0.58 1.13 35.20
C SER A 417 -1.73 2.08 35.54
N PRO A 418 -2.73 1.71 36.36
CA PRO A 418 -3.75 2.70 36.73
C PRO A 418 -3.20 3.86 37.53
N ILE A 419 -2.04 3.71 38.19
CA ILE A 419 -1.45 4.83 38.91
C ILE A 419 -0.96 5.88 37.93
N ARG A 420 -0.42 5.46 36.79
CA ARG A 420 0.00 6.38 35.73
C ARG A 420 -1.18 6.91 34.92
N GLY A 421 -2.39 6.45 35.20
CA GLY A 421 -3.58 6.88 34.49
C GLY A 421 -3.87 8.36 34.61
N PRO A 422 -4.14 8.83 35.82
CA PRO A 422 -4.47 10.25 36.02
C PRO A 422 -3.41 11.20 35.48
N PRO A 423 -2.11 10.85 35.56
CA PRO A 423 -1.11 11.67 34.86
C PRO A 423 -1.34 11.79 33.35
N ILE A 424 -2.02 10.82 32.73
CA ILE A 424 -2.27 10.87 31.30
C ILE A 424 -3.76 10.81 30.95
N THR A 425 -4.63 10.51 31.92
CA THR A 425 -6.08 10.43 31.71
C THR A 425 -6.43 9.46 30.58
N GLU A 426 -6.06 8.20 30.79
CA GLU A 426 -6.32 7.14 29.84
C GLU A 426 -7.54 6.33 30.29
N ALA A 427 -7.81 5.22 29.59
CA ALA A 427 -8.89 4.34 29.98
C ALA A 427 -8.53 3.63 31.29
N TYR A 428 -9.57 3.11 31.96
CA TYR A 428 -9.41 2.47 33.26
C TYR A 428 -10.17 1.16 33.29
N VAL A 429 -9.46 0.05 33.42
CA VAL A 429 -8.00 0.02 33.26
C VAL A 429 -7.65 -1.21 32.40
N THR A 430 -8.69 -1.83 31.82
CA THR A 430 -8.56 -3.08 31.10
C THR A 430 -7.91 -4.15 31.98
N ASP A 431 -8.59 -4.45 33.09
CA ASP A 431 -8.09 -5.39 34.09
C ASP A 431 -8.87 -6.69 34.03
N VAL A 432 -8.16 -7.82 33.93
CA VAL A 432 -8.76 -9.14 33.95
C VAL A 432 -8.19 -10.01 35.06
N LEU A 433 -6.87 -10.00 35.23
CA LEU A 433 -6.19 -10.83 36.23
C LEU A 433 -5.73 -10.00 37.43
N TYR A 434 -6.54 -9.02 37.84
CA TYR A 434 -6.21 -8.16 38.96
C TYR A 434 -6.87 -8.67 40.24
N ARG A 435 -6.21 -8.44 41.37
CA ARG A 435 -6.71 -8.82 42.68
C ARG A 435 -6.83 -7.58 43.55
N VAL A 436 -7.30 -7.77 44.79
CA VAL A 436 -7.51 -6.67 45.72
C VAL A 436 -6.18 -6.28 46.35
N MET A 437 -5.49 -5.30 45.75
CA MET A 437 -4.23 -4.80 46.29
C MET A 437 -4.17 -3.31 45.94
N ARG A 438 -4.56 -2.47 46.90
CA ARG A 438 -4.66 -1.02 46.68
C ARG A 438 -3.36 -0.37 47.13
N CYS A 439 -2.43 -0.22 46.18
CA CYS A 439 -1.16 0.45 46.40
C CYS A 439 -1.07 1.68 45.51
N VAL A 440 -0.76 2.82 46.11
CA VAL A 440 -0.66 4.09 45.40
C VAL A 440 0.79 4.51 45.42
N THR A 441 1.50 4.27 44.33
CA THR A 441 2.91 4.66 44.23
C THR A 441 3.05 6.14 43.94
N ALA A 442 2.48 6.59 42.80
CA ALA A 442 2.48 7.99 42.41
C ALA A 442 3.90 8.54 42.29
N ALA A 443 4.81 7.71 41.77
CA ALA A 443 6.20 8.10 41.59
C ALA A 443 6.75 7.37 40.38
N ASN A 444 8.08 7.41 40.23
CA ASN A 444 8.76 6.72 39.13
C ASN A 444 8.98 5.24 39.39
N GLN A 445 8.40 4.70 40.47
CA GLN A 445 8.56 3.29 40.78
C GLN A 445 7.74 2.38 39.88
N VAL A 446 6.83 2.92 39.08
CA VAL A 446 6.02 2.11 38.19
C VAL A 446 6.90 1.46 37.12
N PHE A 447 7.87 2.22 36.58
CA PHE A 447 8.77 1.68 35.57
C PHE A 447 9.54 0.49 36.12
N PHE A 448 10.10 0.63 37.33
CA PHE A 448 10.88 -0.44 37.92
C PHE A 448 10.00 -1.64 38.26
N SER A 449 8.79 -1.39 38.78
CA SER A 449 7.89 -2.47 39.13
C SER A 449 7.43 -3.24 37.89
N GLU A 450 7.31 -2.56 36.74
CA GLU A 450 6.97 -3.26 35.52
C GLU A 450 8.17 -4.02 34.96
N ALA A 451 9.35 -3.40 34.98
CA ALA A 451 10.55 -4.05 34.44
C ALA A 451 10.94 -5.29 35.22
N VAL A 452 10.93 -5.23 36.56
CA VAL A 452 11.30 -6.39 37.35
C VAL A 452 10.29 -7.52 37.17
N LEU A 453 9.00 -7.20 37.11
CA LEU A 453 7.99 -8.21 36.92
C LEU A 453 8.11 -8.87 35.54
N THR A 454 8.37 -8.07 34.51
CA THR A 454 8.55 -8.64 33.17
C THR A 454 9.80 -9.49 33.09
N ALA A 455 10.88 -9.08 33.74
CA ALA A 455 12.10 -9.87 33.74
C ALA A 455 11.93 -11.16 34.54
N ALA A 456 11.07 -11.15 35.56
CA ALA A 456 10.80 -12.35 36.32
C ALA A 456 9.87 -13.31 35.59
N ASN A 457 8.94 -12.78 34.80
CA ASN A 457 8.03 -13.61 34.02
C ASN A 457 8.68 -14.18 32.77
N GLU A 458 9.99 -14.06 32.61
CA GLU A 458 10.65 -14.60 31.43
C GLU A 458 10.78 -16.11 31.51
N CYS A 459 10.99 -16.65 32.71
CA CYS A 459 11.24 -18.07 32.86
C CYS A 459 10.02 -18.92 32.52
N VAL A 460 8.83 -18.32 32.46
CA VAL A 460 7.64 -19.08 32.07
C VAL A 460 7.72 -19.48 30.60
N GLY A 461 8.21 -18.58 29.75
CA GLY A 461 8.37 -18.87 28.34
C GLY A 461 9.76 -19.39 27.99
N VAL A 462 10.20 -20.44 28.69
CA VAL A 462 11.50 -21.04 28.48
C VAL A 462 11.33 -22.54 28.32
N LEU A 463 12.08 -23.13 27.40
CA LEU A 463 12.02 -24.56 27.16
C LEU A 463 12.32 -25.34 28.43
N LEU A 464 11.58 -26.42 28.65
CA LEU A 464 10.56 -26.88 27.71
C LEU A 464 9.17 -26.39 28.09
N GLY A 465 8.82 -26.52 29.38
CA GLY A 465 7.52 -26.13 29.85
C GLY A 465 6.38 -26.86 29.17
N SER A 466 6.33 -28.18 29.34
CA SER A 466 5.32 -28.99 28.67
C SER A 466 4.03 -29.02 29.47
N LEU A 467 3.50 -27.84 29.80
CA LEU A 467 2.25 -27.71 30.54
C LEU A 467 1.79 -26.27 30.48
N ASP A 468 0.49 -26.07 30.31
CA ASP A 468 -0.11 -24.73 30.27
C ASP A 468 -1.44 -24.75 31.01
N PRO A 469 -1.40 -24.86 32.34
CA PRO A 469 -2.62 -24.70 33.14
C PRO A 469 -2.87 -23.29 33.64
N SER A 470 -1.95 -22.36 33.35
CA SER A 470 -2.02 -21.00 33.85
C SER A 470 -2.96 -20.18 32.97
N MET A 471 -2.87 -18.85 33.09
CA MET A 471 -3.70 -17.91 32.36
C MET A 471 -3.09 -17.49 31.03
N THR A 472 -2.35 -18.39 30.37
CA THR A 472 -1.72 -18.21 29.06
C THR A 472 -1.03 -16.84 28.97
N ILE A 473 0.08 -16.74 29.70
CA ILE A 473 0.94 -15.56 29.75
C ILE A 473 1.28 -15.09 28.33
N HIS A 474 1.30 -16.02 27.37
CA HIS A 474 1.47 -15.63 25.98
C HIS A 474 0.38 -14.68 25.52
N CYS A 475 -0.87 -14.95 25.93
CA CYS A 475 -1.97 -14.07 25.59
C CYS A 475 -2.04 -12.84 26.50
N ASP A 476 -1.23 -12.79 27.55
CA ASP A 476 -1.20 -11.61 28.42
C ASP A 476 -0.60 -10.40 27.69
N MET A 477 0.31 -10.64 26.76
CA MET A 477 0.91 -9.55 25.98
C MET A 477 -0.05 -9.00 24.93
N VAL A 478 -1.17 -9.66 24.68
CA VAL A 478 -2.15 -9.19 23.72
C VAL A 478 -3.44 -8.72 24.38
N ILE A 479 -3.80 -9.28 25.54
CA ILE A 479 -5.02 -8.88 26.22
C ILE A 479 -4.91 -7.47 26.78
N THR A 480 -3.69 -7.00 27.03
CA THR A 480 -3.45 -5.63 27.48
C THR A 480 -2.77 -4.77 26.42
N TYR A 481 -2.63 -5.28 25.19
CA TYR A 481 -1.92 -4.57 24.14
C TYR A 481 -2.63 -3.30 23.69
N GLY A 482 -3.87 -3.08 24.13
CA GLY A 482 -4.58 -1.87 23.73
C GLY A 482 -4.28 -0.67 24.59
N LEU A 483 -3.89 -0.88 25.85
CA LEU A 483 -3.68 0.22 26.78
C LEU A 483 -2.23 0.66 26.83
N ASP A 484 -1.32 -0.27 27.17
CA ASP A 484 0.08 0.07 27.40
C ASP A 484 0.89 0.17 26.11
N GLN A 485 0.25 0.23 24.94
CA GLN A 485 0.96 0.31 23.68
C GLN A 485 0.53 1.48 22.81
N LEU A 486 -0.23 2.42 23.36
CA LEU A 486 -0.64 3.62 22.63
C LEU A 486 0.03 4.87 23.16
N GLU A 487 -0.15 5.18 24.46
CA GLU A 487 0.54 6.29 25.12
C GLU A 487 0.75 5.90 26.59
N ASN A 488 1.89 5.27 26.94
CA ASN A 488 2.90 4.64 26.07
C ASN A 488 3.57 5.50 25.00
N CYS A 489 3.79 6.77 25.28
CA CYS A 489 4.45 7.53 24.22
C CYS A 489 5.69 8.34 24.65
N GLN A 490 5.72 9.00 25.83
CA GLN A 490 4.78 9.20 26.97
C GLN A 490 4.68 8.05 27.98
N THR A 491 5.51 7.02 27.84
CA THR A 491 5.80 6.16 28.99
C THR A 491 7.30 6.07 29.30
N CYS A 492 8.17 5.71 28.36
CA CYS A 492 7.86 5.28 26.99
C CYS A 492 8.49 3.92 26.70
N GLY A 493 9.12 3.31 27.71
CA GLY A 493 9.86 2.09 27.56
C GLY A 493 9.13 0.80 27.86
N THR A 494 7.93 0.85 28.42
CA THR A 494 7.20 -0.39 28.70
C THR A 494 6.85 -1.14 27.43
N ASP A 495 6.56 -0.42 26.33
CA ASP A 495 6.35 -1.08 25.06
C ASP A 495 7.61 -1.81 24.60
N TYR A 496 8.77 -1.19 24.77
CA TYR A 496 10.04 -1.84 24.44
C TYR A 496 10.23 -3.11 25.28
N ILE A 497 9.92 -3.03 26.57
CA ILE A 497 10.10 -4.19 27.45
C ILE A 497 9.15 -5.31 27.06
N ILE A 498 7.90 -4.97 26.73
CA ILE A 498 6.93 -5.99 26.32
C ILE A 498 7.34 -6.62 25.00
N SER A 499 7.90 -5.81 24.08
CA SER A 499 8.38 -6.35 22.82
C SER A 499 9.55 -7.30 23.03
N VAL A 500 10.48 -6.94 23.93
CA VAL A 500 11.61 -7.82 24.24
C VAL A 500 11.10 -9.12 24.86
N LEU A 501 10.13 -9.02 25.77
CA LEU A 501 9.57 -10.22 26.39
C LEU A 501 8.89 -11.12 25.36
N ASN A 502 8.10 -10.55 24.46
CA ASN A 502 7.43 -11.35 23.44
C ASN A 502 8.44 -11.97 22.47
N LEU A 503 9.51 -11.25 22.13
CA LEU A 503 10.54 -11.83 21.29
C LEU A 503 11.25 -12.99 21.97
N LEU A 504 11.61 -12.82 23.25
CA LEU A 504 12.26 -13.90 23.97
C LEU A 504 11.34 -15.09 24.15
N THR A 505 10.02 -14.85 24.20
CA THR A 505 9.07 -15.95 24.31
C THR A 505 8.85 -16.67 22.98
N LEU A 506 8.89 -15.94 21.86
CA LEU A 506 8.65 -16.54 20.55
C LEU A 506 9.92 -17.00 19.85
N ILE A 507 11.09 -16.77 20.43
CA ILE A 507 12.32 -17.26 19.81
C ILE A 507 12.42 -18.78 19.94
N VAL A 508 12.09 -19.31 21.12
CA VAL A 508 12.20 -20.76 21.34
C VAL A 508 11.22 -21.52 20.46
N GLU A 509 10.00 -21.00 20.31
CA GLU A 509 9.02 -21.56 19.38
C GLU A 509 8.36 -20.42 18.63
N GLN A 510 8.36 -20.52 17.30
CA GLN A 510 7.90 -19.43 16.44
C GLN A 510 6.57 -19.73 15.77
N ILE A 511 6.47 -20.85 15.07
CA ILE A 511 5.26 -21.18 14.32
C ILE A 511 5.16 -22.70 14.18
N ASN A 512 3.96 -23.23 14.39
CA ASN A 512 3.70 -24.65 14.22
C ASN A 512 2.47 -24.96 13.39
N THR A 513 1.51 -24.03 13.27
CA THR A 513 0.30 -24.27 12.50
C THR A 513 -0.24 -22.96 11.92
N VAL A 541 -2.40 -27.34 23.16
CA VAL A 541 -1.76 -26.76 21.98
C VAL A 541 -2.63 -25.63 21.43
N VAL A 542 -1.99 -24.52 21.06
CA VAL A 542 -2.67 -23.35 20.51
C VAL A 542 -2.34 -23.25 19.03
N ALA A 543 -3.34 -22.89 18.23
CA ALA A 543 -3.18 -22.74 16.79
C ALA A 543 -3.34 -21.31 16.30
N VAL A 544 -4.20 -20.51 16.93
CA VAL A 544 -4.39 -19.13 16.52
C VAL A 544 -3.16 -18.28 16.82
N ALA A 545 -2.32 -18.72 17.76
CA ALA A 545 -1.12 -17.95 18.11
C ALA A 545 -0.23 -17.74 16.90
N HIS A 546 0.01 -18.80 16.12
CA HIS A 546 0.84 -18.68 14.93
C HIS A 546 0.25 -17.70 13.92
N ALA A 547 -1.02 -17.37 14.04
CA ALA A 547 -1.65 -16.37 13.19
C ALA A 547 -1.92 -15.05 13.89
N VAL A 548 -1.71 -14.98 15.21
CA VAL A 548 -1.94 -13.74 15.95
C VAL A 548 -0.70 -12.85 16.00
N TYR A 549 0.47 -13.37 15.64
CA TYR A 549 1.68 -12.57 15.67
C TYR A 549 1.63 -11.46 14.61
N GLN A 550 1.47 -11.85 13.35
CA GLN A 550 1.38 -10.86 12.28
C GLN A 550 0.24 -9.88 12.54
N ALA A 551 -0.90 -10.38 13.02
CA ALA A 551 -2.04 -9.50 13.32
C ALA A 551 -1.67 -8.43 14.34
N VAL A 552 -0.72 -8.71 15.23
CA VAL A 552 -0.23 -7.70 16.16
C VAL A 552 1.12 -7.14 15.74
N LEU A 553 1.75 -7.69 14.71
CA LEU A 553 3.00 -7.13 14.20
C LEU A 553 2.77 -5.99 13.23
N SER A 554 1.54 -5.81 12.73
CA SER A 554 1.23 -4.71 11.83
C SER A 554 0.69 -3.49 12.57
N LEU A 555 -0.11 -3.70 13.62
CA LEU A 555 -0.64 -2.59 14.39
C LEU A 555 0.43 -1.87 15.19
N LYS A 556 1.56 -2.53 15.46
CA LYS A 556 2.66 -1.92 16.21
C LYS A 556 3.84 -1.54 15.34
N ASN A 557 3.77 -1.77 14.02
CA ASN A 557 4.90 -1.49 13.16
C ASN A 557 4.95 -0.06 12.67
N ILE A 558 3.81 0.54 12.31
CA ILE A 558 3.83 1.92 11.81
C ILE A 558 2.92 2.86 12.60
N PRO A 559 2.91 2.83 13.95
CA PRO A 559 2.53 4.06 14.68
C PRO A 559 3.80 4.82 15.08
N VAL A 560 4.32 5.59 14.12
CA VAL A 560 5.69 6.12 14.13
C VAL A 560 6.13 6.59 15.51
N LEU A 561 7.26 6.09 15.97
CA LEU A 561 7.76 6.34 17.31
C LEU A 561 9.28 6.33 17.27
N GLU A 562 9.90 6.23 18.44
CA GLU A 562 11.36 6.22 18.54
C GLU A 562 11.93 4.99 17.85
N THR A 563 13.18 5.12 17.40
CA THR A 563 13.84 4.05 16.65
C THR A 563 14.24 2.86 17.52
N ALA A 564 14.03 2.95 18.84
CA ALA A 564 14.39 1.85 19.72
C ALA A 564 13.50 0.63 19.57
N TYR A 565 12.35 0.77 18.88
CA TYR A 565 11.42 -0.33 18.71
C TYR A 565 11.49 -0.95 17.31
N LYS A 566 11.78 -0.16 16.28
CA LYS A 566 11.87 -0.69 14.93
C LYS A 566 13.02 -1.68 14.79
N LEU A 567 14.11 -1.47 15.54
CA LEU A 567 15.25 -2.38 15.47
C LEU A 567 14.86 -3.79 15.90
N ILE A 568 13.89 -3.91 16.80
CA ILE A 568 13.42 -5.23 17.21
C ILE A 568 12.26 -5.70 16.32
N LEU A 569 11.41 -4.77 15.86
CA LEU A 569 10.29 -5.16 15.01
C LEU A 569 10.78 -5.74 13.69
N GLY A 570 11.71 -5.05 13.02
CA GLY A 570 12.26 -5.54 11.77
C GLY A 570 13.09 -6.80 11.91
N GLU A 571 13.62 -7.07 13.11
CA GLU A 571 14.32 -8.32 13.35
C GLU A 571 13.35 -9.49 13.58
N MET A 572 12.29 -9.24 14.36
CA MET A 572 11.28 -10.28 14.55
C MET A 572 10.59 -10.62 13.24
N THR A 573 10.30 -9.61 12.41
CA THR A 573 9.66 -9.89 11.12
C THR A 573 10.61 -10.64 10.19
N CYS A 574 11.90 -10.28 10.21
CA CYS A 574 12.86 -10.97 9.37
C CYS A 574 13.08 -12.41 9.82
N ALA A 575 12.97 -12.67 11.13
CA ALA A 575 13.06 -14.03 11.62
C ALA A 575 11.79 -14.83 11.39
N LEU A 576 10.64 -14.16 11.28
CA LEU A 576 9.38 -14.86 11.03
C LEU A 576 9.21 -15.21 9.56
N ASN A 577 9.49 -14.26 8.66
CA ASN A 577 9.30 -14.53 7.24
C ASN A 577 10.29 -15.56 6.70
N ASN A 578 11.44 -15.70 7.34
CA ASN A 578 12.39 -16.75 6.93
C ASN A 578 11.84 -18.13 7.23
N LEU A 579 11.24 -18.31 8.41
CA LEU A 579 10.64 -19.59 8.76
C LEU A 579 9.30 -19.81 8.10
N LEU A 580 8.66 -18.75 7.59
CA LEU A 580 7.41 -18.91 6.86
C LEU A 580 7.58 -19.82 5.65
N HIS A 581 8.62 -19.58 4.85
CA HIS A 581 8.85 -20.41 3.68
C HIS A 581 9.53 -21.72 4.05
N SER A 582 10.55 -21.65 4.89
CA SER A 582 11.27 -22.86 5.31
C SER A 582 10.50 -23.60 6.40
N ALA A 596 4.41 -21.87 5.79
CA ALA A 596 4.63 -23.31 5.68
C ALA A 596 3.37 -24.09 6.04
N PHE A 597 2.55 -24.40 5.05
CA PHE A 597 2.82 -24.02 3.66
C PHE A 597 1.71 -23.13 3.11
N LYS A 598 0.51 -23.28 3.66
CA LYS A 598 -0.65 -22.50 3.25
C LYS A 598 -0.90 -21.31 4.17
N ASN A 599 0.12 -20.86 4.90
CA ASN A 599 -0.04 -19.72 5.79
C ASN A 599 -0.12 -18.40 5.05
N HIS A 600 0.26 -18.37 3.77
CA HIS A 600 0.15 -17.14 2.98
C HIS A 600 -1.30 -16.74 2.76
N VAL A 601 -2.19 -17.72 2.60
CA VAL A 601 -3.62 -17.46 2.46
C VAL A 601 -4.21 -17.47 3.87
N PHE A 602 -4.13 -16.33 4.55
CA PHE A 602 -4.60 -16.21 5.92
C PHE A 602 -6.10 -15.88 6.02
N ASN A 603 -6.60 -14.82 5.36
CA ASN A 603 -5.86 -13.90 4.48
C ASN A 603 -5.66 -12.55 5.15
N VAL A 604 -6.43 -12.29 6.20
CA VAL A 604 -6.37 -10.99 6.88
C VAL A 604 -5.07 -10.76 7.61
N ASP A 605 -4.25 -11.79 7.81
CA ASP A 605 -2.98 -11.64 8.52
C ASP A 605 -1.83 -11.37 7.57
N ASN A 606 -1.71 -12.17 6.49
CA ASN A 606 -0.61 -11.97 5.56
C ASN A 606 -0.81 -10.72 4.70
N ALA A 607 -2.06 -10.42 4.34
CA ALA A 607 -2.33 -9.22 3.55
C ALA A 607 -2.11 -7.94 4.33
N LYS A 608 -1.97 -8.02 5.66
CA LYS A 608 -1.65 -6.87 6.49
C LYS A 608 -0.21 -6.90 7.00
N PHE A 609 0.41 -8.08 7.08
CA PHE A 609 1.80 -8.18 7.51
C PHE A 609 2.77 -7.64 6.47
N VAL A 610 2.34 -7.52 5.21
CA VAL A 610 3.22 -7.03 4.14
C VAL A 610 3.02 -5.56 3.84
N VAL A 611 1.97 -4.93 4.36
CA VAL A 611 1.76 -3.51 4.12
C VAL A 611 2.72 -2.67 4.96
N ILE A 612 3.06 -3.14 6.16
CA ILE A 612 3.97 -2.39 7.02
C ILE A 612 5.37 -2.34 6.42
N PHE A 613 5.76 -3.38 5.68
CA PHE A 613 7.05 -3.34 4.99
C PHE A 613 7.06 -2.29 3.88
N ASP A 614 5.89 -1.97 3.32
CA ASP A 614 5.81 -0.96 2.28
C ASP A 614 6.06 0.44 2.81
N LEU A 615 5.85 0.66 4.11
CA LEU A 615 6.11 1.95 4.74
C LEU A 615 7.46 1.99 5.45
N SER A 616 7.88 0.87 6.02
CA SER A 616 9.15 0.82 6.74
C SER A 616 10.36 0.69 5.81
N ALA A 617 10.15 0.65 4.49
CA ALA A 617 11.23 0.51 3.53
C ALA A 617 11.81 1.84 3.08
N LEU A 618 11.21 2.96 3.45
CA LEU A 618 11.70 4.26 3.03
C LEU A 618 11.98 5.21 4.18
N THR A 619 11.17 5.16 5.24
CA THR A 619 11.33 6.03 6.40
C THR A 619 11.55 5.18 7.65
N THR A 620 12.50 5.61 8.49
CA THR A 620 13.29 6.80 8.23
C THR A 620 14.62 6.43 7.58
N ILE A 621 15.51 7.41 7.44
CA ILE A 621 16.82 7.19 6.83
C ILE A 621 17.77 6.74 7.94
N GLY A 622 18.01 5.44 8.03
CA GLY A 622 18.89 4.90 9.03
C GLY A 622 19.95 3.99 8.45
N ASN A 623 19.74 3.56 7.21
CA ASN A 623 20.63 2.64 6.48
C ASN A 623 20.76 1.28 7.14
N ALA A 624 19.97 1.00 8.17
CA ALA A 624 19.97 -0.29 8.83
C ALA A 624 18.63 -0.99 8.79
N LYS A 625 17.52 -0.26 8.75
CA LYS A 625 16.19 -0.86 8.65
C LYS A 625 15.81 -1.18 7.20
N ASN A 626 16.26 -0.38 6.24
CA ASN A 626 15.99 -0.67 4.85
C ASN A 626 16.61 -1.98 4.42
N SER A 627 17.79 -2.31 4.96
CA SER A 627 18.39 -3.60 4.67
C SER A 627 17.65 -4.75 5.35
N LEU A 628 16.97 -4.45 6.47
CA LEU A 628 16.15 -5.42 7.17
C LEU A 628 14.73 -5.50 6.62
N ILE A 629 14.44 -4.77 5.55
CA ILE A 629 13.13 -4.83 4.89
C ILE A 629 13.25 -5.30 3.45
N GLY A 630 14.21 -4.76 2.70
CA GLY A 630 14.44 -5.22 1.35
C GLY A 630 14.89 -6.67 1.29
N MET A 631 15.63 -7.12 2.30
CA MET A 631 16.00 -8.53 2.39
C MET A 631 14.89 -9.37 3.02
N TRP A 632 14.16 -8.80 3.96
CA TRP A 632 13.03 -9.52 4.57
C TRP A 632 11.88 -9.71 3.59
N ALA A 633 11.80 -8.89 2.55
CA ALA A 633 10.77 -9.02 1.53
C ALA A 633 11.29 -9.66 0.25
N LEU A 634 12.59 -9.91 0.14
CA LEU A 634 13.12 -10.53 -1.06
C LEU A 634 12.75 -12.00 -1.15
N SER A 635 12.69 -12.71 -0.01
CA SER A 635 12.31 -14.11 -0.04
C SER A 635 10.82 -14.29 -0.31
N PRO A 636 9.90 -13.58 0.35
CA PRO A 636 8.48 -13.69 -0.01
C PRO A 636 8.16 -12.91 -1.26
N THR A 637 7.02 -13.28 -1.86
CA THR A 637 6.53 -12.55 -3.03
C THR A 637 5.44 -11.52 -2.65
N VAL A 638 4.38 -11.91 -1.93
CA VAL A 638 4.11 -13.25 -1.43
C VAL A 638 2.99 -13.91 -2.23
N PHE A 639 1.81 -13.33 -2.20
CA PHE A 639 0.70 -13.93 -2.93
C PHE A 639 -0.06 -12.97 -3.84
N ALA A 640 -0.26 -11.73 -3.42
CA ALA A 640 -1.19 -10.84 -4.13
C ALA A 640 -0.55 -9.54 -4.60
N LEU A 641 0.04 -8.76 -3.71
CA LEU A 641 0.39 -7.36 -4.00
C LEU A 641 1.88 -7.26 -4.31
N LEU A 642 2.19 -6.69 -5.48
CA LEU A 642 3.56 -6.44 -5.89
C LEU A 642 3.77 -5.04 -6.48
N SER A 643 2.71 -4.33 -6.83
CA SER A 643 2.86 -3.00 -7.40
C SER A 643 3.47 -2.03 -6.39
N LYS A 644 3.16 -2.21 -5.11
CA LYS A 644 3.76 -1.35 -4.08
C LYS A 644 5.28 -1.55 -4.02
N ASN A 645 5.73 -2.81 -4.13
CA ASN A 645 7.17 -3.06 -4.16
C ASN A 645 7.83 -2.42 -5.38
N LEU A 646 7.14 -2.44 -6.52
CA LEU A 646 7.69 -1.79 -7.71
C LEU A 646 7.75 -0.29 -7.55
N MET A 647 6.74 0.31 -6.91
CA MET A 647 6.78 1.74 -6.64
C MET A 647 7.84 2.10 -5.61
N ILE A 648 8.19 1.18 -4.72
CA ILE A 648 9.25 1.42 -3.75
C ILE A 648 10.62 1.35 -4.41
N VAL A 649 10.88 0.25 -5.13
CA VAL A 649 12.20 0.06 -5.73
C VAL A 649 12.47 1.10 -6.81
N HIS A 650 11.42 1.55 -7.51
CA HIS A 650 11.60 2.56 -8.55
C HIS A 650 12.19 3.84 -7.99
N SER A 651 11.92 4.14 -6.72
CA SER A 651 12.47 5.32 -6.05
C SER A 651 13.53 4.96 -5.03
N ASP A 652 14.13 3.77 -5.12
CA ASP A 652 15.11 3.30 -4.15
C ASP A 652 16.42 2.87 -4.80
N LEU A 653 16.65 3.22 -6.06
CA LEU A 653 17.84 2.80 -6.80
C LEU A 653 18.89 3.90 -6.89
N ALA A 654 18.82 4.90 -6.00
CA ALA A 654 19.77 6.00 -6.04
C ALA A 654 20.24 6.44 -4.67
N VAL A 655 20.09 5.61 -3.63
CA VAL A 655 20.42 6.00 -2.26
C VAL A 655 21.90 6.29 -2.07
N HIS A 656 22.75 5.95 -3.05
CA HIS A 656 24.20 6.10 -2.93
C HIS A 656 24.72 5.32 -1.73
N PHE A 657 24.13 4.16 -1.49
CA PHE A 657 24.44 3.31 -0.34
C PHE A 657 24.40 1.85 -0.79
N PRO A 658 24.86 0.90 0.03
CA PRO A 658 24.73 -0.51 -0.34
C PRO A 658 23.30 -1.00 -0.44
N ALA A 659 22.31 -0.16 -0.13
CA ALA A 659 20.91 -0.54 -0.33
C ALA A 659 20.51 -0.57 -1.79
N ILE A 660 21.26 0.11 -2.66
CA ILE A 660 20.98 0.07 -4.09
C ILE A 660 21.11 -1.36 -4.61
N GLN A 661 22.17 -2.05 -4.20
CA GLN A 661 22.37 -3.43 -4.64
C GLN A 661 21.26 -4.34 -4.11
N TYR A 662 20.82 -4.10 -2.87
CA TYR A 662 19.72 -4.88 -2.33
C TYR A 662 18.43 -4.66 -3.10
N ALA A 663 18.10 -3.41 -3.42
CA ALA A 663 16.91 -3.13 -4.21
C ALA A 663 17.01 -3.70 -5.62
N VAL A 664 18.22 -3.70 -6.21
CA VAL A 664 18.40 -4.29 -7.54
C VAL A 664 18.17 -5.80 -7.47
N LEU A 665 18.80 -6.47 -6.51
CA LEU A 665 18.59 -7.90 -6.32
C LEU A 665 17.14 -8.22 -6.02
N TYR A 666 16.40 -7.30 -5.39
CA TYR A 666 14.99 -7.51 -5.16
C TYR A 666 14.19 -7.42 -6.46
N THR A 667 14.38 -6.34 -7.22
CA THR A 667 13.59 -6.14 -8.43
C THR A 667 13.99 -7.07 -9.56
N LEU A 668 15.20 -7.66 -9.51
CA LEU A 668 15.63 -8.59 -10.54
C LEU A 668 14.97 -9.95 -10.40
N TYR A 669 14.47 -10.30 -9.22
CA TYR A 669 13.85 -11.60 -9.02
C TYR A 669 12.48 -11.52 -8.37
N SER A 670 11.93 -10.31 -8.17
CA SER A 670 10.60 -10.18 -7.59
C SER A 670 9.55 -10.81 -8.51
N HIS A 671 9.36 -10.23 -9.70
CA HIS A 671 8.41 -10.71 -10.69
C HIS A 671 8.56 -9.86 -11.94
N CYS A 672 8.09 -10.39 -13.05
CA CYS A 672 8.07 -9.67 -14.32
C CYS A 672 6.62 -9.39 -14.72
N THR A 673 6.47 -8.60 -15.79
CA THR A 673 5.18 -8.23 -16.35
C THR A 673 4.29 -7.51 -15.34
N ARG A 674 4.88 -6.91 -14.31
CA ARG A 674 4.14 -6.17 -13.29
C ARG A 674 4.89 -4.89 -12.94
N HIS A 675 5.38 -4.19 -13.95
CA HIS A 675 6.23 -3.03 -13.75
C HIS A 675 5.65 -1.71 -14.26
N ASP A 676 5.06 -1.60 -15.47
CA ASP A 676 4.52 -2.59 -16.44
C ASP A 676 3.42 -3.46 -15.83
N HIS A 677 2.54 -2.84 -15.06
CA HIS A 677 1.43 -3.55 -14.43
C HIS A 677 0.12 -3.26 -15.14
N ASN A 712 4.46 4.71 -8.87
CA ASN A 712 3.01 4.81 -8.85
C ASN A 712 2.51 5.53 -7.60
N LEU A 713 2.83 4.97 -6.44
CA LEU A 713 2.40 5.53 -5.16
C LEU A 713 3.46 6.48 -4.59
N LEU A 714 4.70 6.00 -4.48
CA LEU A 714 5.77 6.83 -3.92
C LEU A 714 6.23 7.91 -4.89
N GLY A 715 5.98 7.75 -6.19
CA GLY A 715 6.33 8.80 -7.13
C GLY A 715 5.54 10.07 -6.91
N ILE A 716 4.28 9.95 -6.47
CA ILE A 716 3.49 11.12 -6.13
C ILE A 716 4.07 11.87 -4.94
N LEU A 717 4.71 11.15 -4.01
CA LEU A 717 5.38 11.82 -2.90
C LEU A 717 6.54 12.67 -3.38
N LEU A 718 7.35 12.14 -4.30
CA LEU A 718 8.43 12.93 -4.89
C LEU A 718 7.89 14.12 -5.67
N LYS A 719 6.79 13.92 -6.40
CA LYS A 719 6.16 15.02 -7.13
C LYS A 719 5.74 16.13 -6.17
N LYS A 720 5.08 15.77 -5.07
CA LYS A 720 4.63 16.76 -4.11
C LYS A 720 5.79 17.44 -3.40
N ASP A 721 6.88 16.70 -3.13
CA ASP A 721 8.04 17.31 -2.49
C ASP A 721 8.75 18.26 -3.43
N ASN A 722 8.71 17.98 -4.74
CA ASN A 722 9.33 18.89 -5.70
C ASN A 722 8.46 20.10 -5.99
N LEU A 723 7.13 19.94 -5.92
CA LEU A 723 6.22 21.05 -6.19
C LEU A 723 6.08 22.00 -4.99
N ASN A 724 6.64 21.66 -3.84
CA ASN A 724 6.55 22.50 -2.65
C ASN A 724 7.80 23.33 -2.40
N GLN A 725 8.97 22.88 -2.89
CA GLN A 725 10.20 23.62 -2.69
C GLN A 725 10.30 24.86 -3.57
N ASP A 726 9.56 24.89 -4.69
CA ASP A 726 9.63 26.03 -5.60
C ASP A 726 8.76 27.20 -5.14
N THR A 727 7.88 26.99 -4.16
CA THR A 727 6.96 28.04 -3.74
C THR A 727 7.57 28.97 -2.69
N ARG A 728 8.51 28.47 -1.88
CA ARG A 728 9.07 29.29 -0.81
C ARG A 728 9.98 30.38 -1.36
N LYS A 729 10.80 30.05 -2.35
CA LYS A 729 11.73 30.99 -2.98
C LYS A 729 12.68 31.60 -1.93
N LEU A 730 13.49 30.72 -1.36
CA LEU A 730 14.51 31.13 -0.40
C LEU A 730 15.81 31.45 -1.13
N LEU A 731 16.48 32.52 -0.67
CA LEU A 731 17.72 32.98 -1.28
C LEU A 731 18.83 32.83 -0.24
N MET A 732 19.42 31.64 -0.18
CA MET A 732 20.53 31.36 0.73
C MET A 732 21.79 30.94 -0.01
N THR A 733 21.68 30.02 -0.97
CA THR A 733 22.81 29.50 -1.70
C THR A 733 22.52 29.54 -3.20
N TRP A 734 23.54 29.86 -4.00
CA TRP A 734 24.89 30.15 -3.53
C TRP A 734 25.53 31.25 -4.36
N ALA A 735 26.51 31.94 -3.77
CA ALA A 735 27.24 32.96 -4.51
C ALA A 735 28.35 32.36 -5.34
N LEU A 736 29.07 31.38 -4.80
CA LEU A 736 30.15 30.71 -5.50
C LEU A 736 30.01 29.20 -5.54
N GLU A 737 29.32 28.59 -4.57
CA GLU A 737 29.16 27.15 -4.56
C GLU A 737 28.25 26.65 -5.67
N ALA A 738 27.39 27.52 -6.22
CA ALA A 738 26.50 27.13 -7.30
C ALA A 738 27.21 27.02 -8.65
N ALA A 739 28.45 27.52 -8.74
CA ALA A 739 29.21 27.42 -9.98
C ALA A 739 29.78 26.02 -10.21
N VAL A 740 29.75 25.15 -9.20
CA VAL A 740 30.21 23.79 -9.37
C VAL A 740 29.13 22.88 -9.95
N LEU A 741 27.86 23.20 -9.73
CA LEU A 741 26.77 22.41 -10.28
C LEU A 741 26.67 22.53 -11.80
N MET A 742 27.21 23.59 -12.38
CA MET A 742 27.18 23.77 -13.83
C MET A 742 28.41 23.16 -14.51
N LYS A 743 29.53 23.07 -13.81
CA LYS A 743 30.72 22.46 -14.41
C LYS A 743 30.54 20.96 -14.59
N LYS A 744 29.77 20.31 -13.72
CA LYS A 744 29.55 18.88 -13.86
C LYS A 744 28.60 18.56 -15.02
N SER A 745 27.62 19.45 -15.25
CA SER A 745 26.66 19.21 -16.32
C SER A 745 27.21 19.65 -17.67
N GLU A 746 27.74 20.86 -17.75
CA GLU A 746 28.24 21.38 -19.02
C GLU A 746 29.55 20.73 -19.42
N THR A 747 30.51 20.66 -18.51
CA THR A 747 31.82 20.09 -18.77
C THR A 747 31.94 18.72 -18.12
N TYR A 748 33.11 18.10 -18.28
CA TYR A 748 33.38 16.78 -17.73
C TYR A 748 34.17 16.85 -16.42
N ALA A 749 34.31 18.02 -15.83
CA ALA A 749 35.05 18.14 -14.58
C ALA A 749 34.34 17.38 -13.46
N PRO A 750 35.08 16.76 -12.54
CA PRO A 750 34.42 16.04 -11.44
C PRO A 750 33.82 16.97 -10.41
N LEU A 751 33.31 16.42 -9.31
CA LEU A 751 32.68 17.21 -8.27
C LEU A 751 33.73 17.97 -7.46
N PHE A 752 34.10 19.16 -7.93
CA PHE A 752 35.09 20.02 -7.28
C PHE A 752 36.43 19.30 -7.10
N LYS A 759 35.78 15.52 -6.13
CA LYS A 759 35.72 14.75 -4.90
C LYS A 759 34.64 13.67 -4.99
N PHE A 760 33.96 13.43 -3.87
CA PHE A 760 32.88 12.46 -3.81
C PHE A 760 31.59 13.09 -4.32
N CYS A 761 30.47 12.40 -4.12
CA CYS A 761 29.17 12.88 -4.62
C CYS A 761 28.81 14.22 -3.99
N LYS A 762 29.08 14.38 -2.70
CA LYS A 762 28.90 15.63 -1.94
C LYS A 762 27.49 16.21 -2.08
N GLY A 763 26.52 15.39 -2.47
CA GLY A 763 25.15 15.87 -2.58
C GLY A 763 24.55 16.21 -1.22
N LEU A 764 24.67 15.28 -0.27
CA LEU A 764 24.15 15.52 1.07
C LEU A 764 24.88 16.68 1.73
N LEU A 765 26.18 16.81 1.49
CA LEU A 765 26.93 17.93 2.07
C LEU A 765 26.45 19.25 1.51
N ALA A 766 26.29 19.33 0.18
CA ALA A 766 25.81 20.57 -0.43
C ALA A 766 24.38 20.88 -0.03
N ASN A 767 23.58 19.85 0.30
CA ASN A 767 22.22 20.10 0.75
C ASN A 767 22.20 20.59 2.21
N THR A 768 23.09 20.04 3.05
CA THR A 768 23.14 20.44 4.45
C THR A 768 23.85 21.78 4.65
N LEU A 769 24.65 22.22 3.68
CA LEU A 769 25.25 23.56 3.79
C LEU A 769 24.18 24.64 3.81
N VAL A 770 23.07 24.43 3.10
CA VAL A 770 21.95 25.35 3.13
C VAL A 770 21.10 25.03 4.37
N GLU A 771 20.18 25.94 4.72
CA GLU A 771 19.24 25.80 5.82
C GLU A 771 19.89 25.23 7.09
N ASP A 772 20.80 25.96 7.77
CA ASP A 772 21.11 27.40 7.66
C ASP A 772 19.86 28.30 7.61
N VAL A 773 18.92 28.04 8.52
CA VAL A 773 17.69 28.81 8.64
C VAL A 773 17.40 29.04 10.11
N ASN A 774 17.02 30.27 10.46
CA ASN A 774 16.87 31.35 9.49
C ASN A 774 17.83 32.50 9.81
N VAL A 801 9.34 22.20 2.72
CA VAL A 801 10.68 21.63 2.70
C VAL A 801 10.59 20.14 2.36
N CYS A 802 11.68 19.57 1.86
CA CYS A 802 11.70 18.16 1.53
C CYS A 802 11.61 17.32 2.81
N ARG A 803 11.10 16.10 2.65
CA ARG A 803 10.94 15.20 3.78
C ARG A 803 12.27 14.53 4.11
N VAL A 804 12.22 13.43 4.87
CA VAL A 804 13.40 12.83 5.47
C VAL A 804 14.09 11.87 4.51
N GLN A 805 13.64 11.83 3.25
CA GLN A 805 14.28 10.94 2.29
C GLN A 805 15.64 11.48 1.85
N LEU A 806 15.65 12.65 1.21
CA LEU A 806 16.86 13.36 0.80
C LEU A 806 17.74 12.57 -0.16
N VAL A 807 17.23 11.48 -0.73
CA VAL A 807 17.97 10.69 -1.71
C VAL A 807 16.99 10.17 -2.76
N HIS A 808 17.29 10.39 -4.04
CA HIS A 808 18.44 11.20 -4.43
C HIS A 808 18.01 12.28 -5.43
N SER A 809 17.01 11.94 -6.25
CA SER A 809 16.50 12.90 -7.22
C SER A 809 15.95 14.15 -6.54
N GLY A 810 15.45 14.01 -5.31
CA GLY A 810 15.01 15.17 -4.56
C GLY A 810 16.12 16.17 -4.30
N THR A 811 17.38 15.72 -4.33
CA THR A 811 18.51 16.64 -4.21
C THR A 811 19.00 17.14 -5.56
N ARG A 812 18.96 16.29 -6.60
CA ARG A 812 19.39 16.73 -7.92
C ARG A 812 18.47 17.81 -8.46
N ILE A 813 17.15 17.59 -8.36
CA ILE A 813 16.19 18.60 -8.81
C ILE A 813 16.32 19.87 -8.00
N ARG A 814 16.55 19.74 -6.69
CA ARG A 814 16.70 20.91 -5.84
C ARG A 814 17.94 21.72 -6.22
N GLN A 815 19.05 21.03 -6.51
CA GLN A 815 20.26 21.72 -6.92
C GLN A 815 20.08 22.39 -8.28
N ALA A 816 19.39 21.71 -9.21
CA ALA A 816 19.14 22.30 -10.52
C ALA A 816 18.25 23.53 -10.40
N PHE A 817 17.28 23.51 -9.47
CA PHE A 817 16.42 24.67 -9.28
C PHE A 817 17.14 25.80 -8.55
N GLY A 818 18.06 25.47 -7.64
CA GLY A 818 18.83 26.52 -6.98
C GLY A 818 19.82 27.19 -7.89
N LYS A 819 20.51 26.41 -8.73
CA LYS A 819 21.44 26.97 -9.71
C LYS A 819 20.74 27.82 -10.77
N LEU A 820 19.41 27.78 -10.81
CA LEU A 820 18.61 28.63 -11.70
C LEU A 820 17.99 29.81 -10.98
N LEU A 821 17.56 29.63 -9.74
CA LEU A 821 17.20 30.78 -8.92
C LEU A 821 18.39 31.71 -8.72
N LYS A 822 19.60 31.17 -8.77
CA LYS A 822 20.79 32.03 -8.74
C LYS A 822 21.10 32.63 -10.10
N SER A 823 20.74 31.94 -11.19
CA SER A 823 21.05 32.42 -12.53
C SER A 823 20.02 33.43 -13.04
N ILE A 824 18.83 33.48 -12.46
CA ILE A 824 17.78 34.40 -12.87
C ILE A 824 18.22 35.85 -12.69
N PRO A 825 18.88 36.23 -11.58
CA PRO A 825 19.43 37.59 -11.50
C PRO A 825 20.29 37.95 -12.70
N LEU A 826 20.36 39.24 -12.99
CA LEU A 826 21.01 39.70 -14.22
C LEU A 826 22.49 39.36 -14.24
N ASP A 827 23.26 39.92 -13.31
CA ASP A 827 24.70 39.71 -13.27
C ASP A 827 24.96 38.32 -12.72
N VAL A 828 25.08 37.34 -13.62
CA VAL A 828 25.35 35.97 -13.22
C VAL A 828 26.77 35.85 -12.70
N VAL A 829 26.95 35.23 -11.55
CA VAL A 829 28.27 35.05 -10.97
C VAL A 829 28.92 33.75 -11.46
N LEU A 830 28.11 32.73 -11.77
CA LEU A 830 28.66 31.46 -12.23
C LEU A 830 29.40 31.63 -13.55
N SER A 831 28.91 32.52 -14.42
CA SER A 831 29.53 32.78 -15.70
C SER A 831 29.74 34.28 -15.88
N ASN A 832 30.05 34.70 -17.10
CA ASN A 832 30.20 36.12 -17.41
C ASN A 832 28.82 36.77 -17.55
N ASN A 833 28.79 37.98 -18.10
CA ASN A 833 27.55 38.73 -18.21
C ASN A 833 26.52 37.99 -19.09
N ASN A 834 25.29 38.52 -19.09
CA ASN A 834 24.17 37.82 -19.70
C ASN A 834 24.39 37.57 -21.18
N HIS A 835 24.88 38.58 -21.91
CA HIS A 835 25.07 38.41 -23.35
C HIS A 835 26.14 37.39 -23.67
N THR A 836 26.98 37.03 -22.71
CA THR A 836 27.95 35.94 -22.88
C THR A 836 27.46 34.62 -22.32
N GLU A 837 26.70 34.63 -21.22
CA GLU A 837 26.14 33.39 -20.69
C GLU A 837 25.12 32.79 -21.65
N ILE A 838 24.30 33.64 -22.28
CA ILE A 838 23.35 33.14 -23.27
C ILE A 838 24.08 32.49 -24.44
N GLN A 839 25.18 33.11 -24.89
CA GLN A 839 25.96 32.52 -25.97
C GLN A 839 26.60 31.21 -25.55
N GLU A 840 27.10 31.14 -24.31
CA GLU A 840 27.71 29.91 -23.81
C GLU A 840 26.68 28.79 -23.71
N ILE A 841 25.44 29.11 -23.35
CA ILE A 841 24.40 28.09 -23.30
C ILE A 841 23.97 27.69 -24.70
N SER A 842 23.91 28.64 -25.64
CA SER A 842 23.47 28.31 -27.00
C SER A 842 24.52 27.49 -27.74
N LEU A 843 25.80 27.73 -27.48
CA LEU A 843 26.85 26.97 -28.15
C LEU A 843 26.99 25.57 -27.59
N ALA A 844 26.52 25.33 -26.36
CA ALA A 844 26.51 23.99 -25.80
C ALA A 844 25.44 23.10 -26.41
N LEU A 845 24.55 23.66 -27.23
CA LEU A 845 23.53 22.88 -27.93
C LEU A 845 23.61 22.99 -29.44
N ARG A 846 24.15 24.08 -29.98
CA ARG A 846 24.30 24.18 -31.43
C ARG A 846 25.38 23.23 -31.94
N SER A 847 26.40 22.97 -31.12
CA SER A 847 27.44 22.01 -31.46
C SER A 847 27.12 20.60 -30.98
N HIS A 848 25.91 20.37 -30.48
CA HIS A 848 25.49 19.07 -29.98
C HIS A 848 24.26 18.51 -30.68
N MET A 849 23.35 19.36 -31.15
CA MET A 849 22.18 18.88 -31.88
C MET A 849 22.55 18.42 -33.29
N SER A 850 23.51 19.09 -33.94
CA SER A 850 23.97 18.68 -35.25
C SER A 850 24.80 17.39 -35.19
N LYS A 851 25.17 16.93 -34.00
CA LYS A 851 25.94 15.70 -33.88
C LYS A 851 25.11 14.47 -34.24
N ALA A 852 23.79 14.53 -34.09
CA ALA A 852 22.96 13.37 -34.41
C ALA A 852 22.98 13.06 -35.90
N PRO A 853 22.73 14.00 -36.82
CA PRO A 853 22.89 13.68 -38.25
C PRO A 853 24.33 13.86 -38.72
N SER A 854 25.29 13.37 -37.94
CA SER A 854 26.71 13.49 -38.24
C SER A 854 27.46 12.53 -37.31
N ASN A 855 28.79 12.63 -37.32
CA ASN A 855 29.62 11.82 -36.44
C ASN A 855 30.82 12.67 -36.02
N THR A 856 30.71 13.32 -34.87
CA THR A 856 31.78 14.14 -34.32
C THR A 856 32.05 13.71 -32.88
N PHE A 857 33.12 14.27 -32.32
CA PHE A 857 33.54 13.95 -30.96
C PHE A 857 33.59 15.20 -30.10
N HIS A 858 33.36 15.03 -28.81
CA HIS A 858 33.31 16.12 -27.85
C HIS A 858 33.32 15.51 -26.45
N PRO A 859 33.66 16.30 -25.42
CA PRO A 859 33.66 15.77 -24.05
C PRO A 859 32.29 15.44 -23.50
N GLN A 860 31.22 15.57 -24.29
CA GLN A 860 29.89 15.26 -23.79
C GLN A 860 29.57 13.78 -23.85
N ASP A 861 30.14 13.04 -24.80
CA ASP A 861 29.86 11.63 -24.95
C ASP A 861 31.07 10.73 -24.70
N PHE A 862 32.27 11.17 -25.06
CA PHE A 862 33.49 10.40 -24.86
C PHE A 862 34.04 10.73 -23.48
N SER A 863 33.87 9.80 -22.53
CA SER A 863 34.31 10.03 -21.15
C SER A 863 34.72 8.67 -20.58
N ASP A 864 36.02 8.44 -20.47
CA ASP A 864 36.54 7.21 -19.90
C ASP A 864 37.03 7.47 -18.47
N VAL A 865 36.77 6.52 -17.58
CA VAL A 865 36.10 5.26 -17.91
C VAL A 865 34.79 5.14 -17.13
N ILE A 866 34.08 4.03 -17.36
CA ILE A 866 32.87 3.73 -16.60
C ILE A 866 33.19 3.74 -15.12
N SER A 867 32.36 4.43 -14.33
CA SER A 867 31.12 5.04 -14.80
C SER A 867 31.25 6.50 -15.21
N PHE A 868 31.57 6.72 -16.48
CA PHE A 868 31.50 8.05 -17.10
C PHE A 868 30.79 8.06 -18.44
N ILE A 869 30.65 6.90 -19.10
CA ILE A 869 29.85 6.84 -20.33
C ILE A 869 28.37 6.76 -20.00
N LEU A 870 28.00 5.99 -18.98
CA LEU A 870 26.61 5.93 -18.52
C LEU A 870 26.20 7.17 -17.73
N TYR A 871 27.16 7.99 -17.30
CA TYR A 871 26.86 9.26 -16.66
C TYR A 871 26.73 10.40 -17.67
N GLY A 872 26.95 10.12 -18.96
CA GLY A 872 26.74 11.13 -19.98
C GLY A 872 25.28 11.41 -20.30
N ASN A 873 24.41 10.41 -20.10
CA ASN A 873 22.98 10.65 -20.23
C ASN A 873 22.47 11.55 -19.12
N SER A 874 23.03 11.41 -17.91
CA SER A 874 22.66 12.27 -16.80
C SER A 874 22.98 13.74 -17.06
N HIS A 875 24.08 14.03 -17.76
CA HIS A 875 24.39 15.42 -18.10
C HIS A 875 23.34 16.00 -19.04
N ARG A 876 22.92 15.24 -20.05
CA ARG A 876 21.90 15.71 -20.97
C ARG A 876 20.56 15.90 -20.26
N THR A 877 20.21 14.96 -19.37
CA THR A 877 18.96 15.10 -18.62
C THR A 877 19.00 16.32 -17.72
N GLY A 878 20.15 16.56 -17.06
CA GLY A 878 20.28 17.73 -16.21
C GLY A 878 20.21 19.02 -17.00
N LYS A 879 20.80 19.05 -18.19
CA LYS A 879 20.71 20.24 -19.03
C LYS A 879 19.29 20.48 -19.51
N ASP A 880 18.56 19.41 -19.86
CA ASP A 880 17.18 19.57 -20.28
C ASP A 880 16.31 20.10 -19.14
N ASN A 881 16.48 19.53 -17.94
CA ASN A 881 15.73 20.04 -16.79
C ASN A 881 16.14 21.46 -16.43
N TRP A 882 17.42 21.80 -16.64
CA TRP A 882 17.88 23.16 -16.41
C TRP A 882 17.18 24.14 -17.33
N LEU A 883 17.12 23.81 -18.62
CA LEU A 883 16.41 24.66 -19.57
C LEU A 883 14.92 24.74 -19.27
N GLU A 884 14.31 23.62 -18.85
CA GLU A 884 12.89 23.62 -18.53
C GLU A 884 12.60 24.54 -17.35
N ARG A 885 13.35 24.39 -16.26
CA ARG A 885 13.14 25.25 -15.09
C ARG A 885 13.56 26.69 -15.36
N LEU A 886 14.48 26.94 -16.28
CA LEU A 886 14.81 28.31 -16.67
C LEU A 886 13.62 28.94 -17.39
N PHE A 887 13.03 28.22 -18.34
CA PHE A 887 11.82 28.71 -19.00
C PHE A 887 10.69 28.90 -17.99
N TYR A 888 10.64 28.06 -16.95
CA TYR A 888 9.66 28.24 -15.90
C TYR A 888 9.89 29.56 -15.16
N SER A 889 11.13 29.81 -14.75
CA SER A 889 11.46 30.98 -13.96
C SER A 889 11.59 32.26 -14.78
N CYS A 890 11.76 32.16 -16.09
CA CYS A 890 11.83 33.33 -16.95
C CYS A 890 10.46 33.87 -17.32
N GLN A 891 9.41 33.46 -16.63
CA GLN A 891 8.04 33.92 -16.88
C GLN A 891 7.61 34.96 -15.85
N ARG A 892 8.54 35.81 -15.42
CA ARG A 892 8.25 36.88 -14.47
C ARG A 892 7.76 38.15 -15.15
N LEU A 893 7.34 38.07 -16.42
CA LEU A 893 6.85 39.22 -17.16
C LEU A 893 5.36 39.16 -17.46
N ASP A 894 4.73 37.98 -17.36
CA ASP A 894 3.29 37.88 -17.61
C ASP A 894 2.46 38.55 -16.51
N LYS A 895 2.71 38.25 -15.23
CA LYS A 895 3.70 37.31 -14.70
C LYS A 895 3.08 35.95 -14.39
N ARG A 896 3.85 35.09 -13.73
CA ARG A 896 3.40 33.74 -13.43
C ARG A 896 2.30 33.75 -12.37
N ASP A 897 1.66 32.60 -12.20
CA ASP A 897 0.53 32.47 -11.29
C ASP A 897 1.00 32.25 -9.85
N GLN A 898 0.06 31.82 -8.99
CA GLN A 898 0.28 31.75 -7.55
C GLN A 898 1.32 30.72 -7.12
N SER A 899 1.95 30.05 -8.09
CA SER A 899 3.04 29.13 -7.76
C SER A 899 4.16 29.86 -7.01
N THR A 900 4.73 30.89 -7.63
CA THR A 900 5.65 31.80 -7.00
C THR A 900 4.88 33.09 -6.65
N ILE A 901 5.59 34.14 -6.24
CA ILE A 901 4.89 35.30 -5.70
C ILE A 901 4.07 35.96 -6.81
N PRO A 902 4.65 36.74 -7.76
CA PRO A 902 4.37 36.44 -9.17
C PRO A 902 5.33 35.38 -9.68
N ARG A 903 6.61 35.76 -9.70
CA ARG A 903 7.76 34.88 -9.65
C ARG A 903 8.75 35.45 -8.64
N ASN A 904 8.84 36.78 -8.64
CA ASN A 904 9.71 37.59 -7.78
C ASN A 904 9.35 39.04 -8.12
N LEU A 905 10.04 39.98 -7.47
CA LEU A 905 9.79 41.38 -7.82
C LEU A 905 10.15 41.60 -9.29
N LEU A 906 11.45 41.56 -9.61
CA LEU A 906 11.95 41.29 -10.96
C LEU A 906 11.31 42.10 -12.07
N LYS A 907 10.67 43.23 -11.76
CA LYS A 907 9.97 44.02 -12.76
C LYS A 907 10.77 45.24 -13.20
N THR A 908 12.10 45.20 -13.09
CA THR A 908 12.94 46.29 -13.57
C THR A 908 13.66 45.94 -14.86
N ASP A 909 13.91 44.66 -15.13
CA ASP A 909 14.60 44.23 -16.34
C ASP A 909 13.83 43.17 -17.12
N ALA A 910 13.13 42.28 -16.44
CA ALA A 910 12.41 41.21 -17.13
C ALA A 910 11.29 41.74 -18.00
N VAL A 911 10.77 42.93 -17.71
CA VAL A 911 9.72 43.53 -18.54
C VAL A 911 10.33 44.36 -19.66
N LEU A 912 11.43 45.06 -19.39
CA LEU A 912 12.09 45.84 -20.43
C LEU A 912 12.78 44.94 -21.45
N TRP A 913 13.51 43.93 -20.98
CA TRP A 913 14.20 43.00 -21.85
C TRP A 913 13.32 41.79 -22.12
N GLN A 914 13.54 41.17 -23.29
CA GLN A 914 12.78 40.01 -23.72
C GLN A 914 13.74 38.91 -24.14
N TRP A 915 13.70 37.79 -23.40
CA TRP A 915 14.53 36.64 -23.71
C TRP A 915 13.83 35.65 -24.65
N ALA A 916 12.60 35.95 -25.08
CA ALA A 916 11.91 35.06 -26.00
C ALA A 916 12.56 35.06 -27.38
N ILE A 917 13.23 36.14 -27.75
CA ILE A 917 13.91 36.19 -29.04
C ILE A 917 15.07 35.21 -29.11
N TRP A 918 15.66 34.87 -27.96
CA TRP A 918 16.72 33.86 -27.94
C TRP A 918 16.14 32.45 -27.95
N GLU A 919 15.05 32.22 -27.20
CA GLU A 919 14.43 30.91 -27.21
C GLU A 919 13.84 30.57 -28.57
N ALA A 920 13.37 31.58 -29.31
CA ALA A 920 12.83 31.32 -30.64
C ALA A 920 13.94 31.04 -31.64
N ALA A 921 15.12 31.61 -31.44
CA ALA A 921 16.25 31.42 -32.34
C ALA A 921 17.18 30.30 -31.89
N GLN A 922 16.85 29.61 -30.81
CA GLN A 922 17.66 28.52 -30.28
C GLN A 922 16.78 27.33 -29.95
N PHE A 923 15.92 26.95 -30.89
CA PHE A 923 15.00 25.83 -30.72
C PHE A 923 15.57 24.52 -31.28
N THR A 924 16.89 24.37 -31.29
CA THR A 924 17.52 23.11 -31.68
C THR A 924 17.40 22.05 -30.58
N VAL A 925 16.75 22.37 -29.47
CA VAL A 925 16.55 21.39 -28.41
C VAL A 925 15.64 20.25 -28.85
N LEU A 926 14.83 20.47 -29.90
CA LEU A 926 13.98 19.40 -30.42
C LEU A 926 14.80 18.22 -30.91
N SER A 927 16.03 18.47 -31.36
CA SER A 927 16.92 17.40 -31.80
C SER A 927 17.92 16.99 -30.72
N LYS A 928 18.41 17.96 -29.94
CA LYS A 928 19.40 17.68 -28.91
C LYS A 928 18.81 17.09 -27.64
N LEU A 929 17.47 17.02 -27.53
CA LEU A 929 16.84 16.46 -26.36
C LEU A 929 15.83 15.36 -26.70
N ARG A 930 15.70 15.00 -27.97
CA ARG A 930 14.83 13.90 -28.35
C ARG A 930 15.54 12.55 -28.30
N THR A 931 16.87 12.55 -28.22
CA THR A 931 17.60 11.28 -28.13
C THR A 931 17.47 10.65 -26.75
N PRO A 932 17.88 11.31 -25.64
CA PRO A 932 17.80 10.63 -24.34
C PRO A 932 16.39 10.56 -23.77
N LEU A 933 15.63 11.65 -23.88
CA LEU A 933 14.30 11.74 -23.32
C LEU A 933 13.27 11.96 -24.43
N GLY A 934 12.07 11.42 -24.22
CA GLY A 934 11.00 11.59 -25.17
C GLY A 934 10.27 12.92 -25.05
N ARG A 935 9.69 13.17 -23.89
CA ARG A 935 8.84 14.35 -23.68
C ARG A 935 9.63 15.64 -23.51
N ALA A 936 10.94 15.61 -23.70
CA ALA A 936 11.76 16.80 -23.59
C ALA A 936 11.75 17.65 -24.85
N GLN A 937 11.09 17.19 -25.92
CA GLN A 937 11.03 17.93 -27.17
C GLN A 937 9.63 18.46 -27.49
N ASP A 938 8.58 17.86 -26.92
CA ASP A 938 7.23 18.34 -27.21
C ASP A 938 6.96 19.68 -26.55
N THR A 939 7.56 19.95 -25.39
CA THR A 939 7.35 21.22 -24.70
C THR A 939 7.79 22.40 -25.57
N PHE A 940 8.88 22.23 -26.31
CA PHE A 940 9.35 23.28 -27.20
C PHE A 940 8.72 23.19 -28.59
N GLN A 941 8.35 21.98 -29.02
CA GLN A 941 7.75 21.83 -30.34
C GLN A 941 6.33 22.40 -30.39
N THR A 942 5.57 22.25 -29.31
CA THR A 942 4.23 22.82 -29.22
C THR A 942 4.24 24.31 -28.97
N ILE A 943 5.40 24.90 -28.68
CA ILE A 943 5.53 26.34 -28.53
C ILE A 943 6.15 27.00 -29.76
N GLU A 944 6.97 26.27 -30.53
CA GLU A 944 7.51 26.83 -31.76
C GLU A 944 6.53 26.69 -32.92
N GLY A 945 5.82 25.56 -32.99
CA GLY A 945 4.83 25.36 -34.03
C GLY A 945 3.54 26.10 -33.85
N ILE A 946 3.31 26.69 -32.68
CA ILE A 946 2.10 27.46 -32.42
C ILE A 946 2.31 28.95 -32.62
N ILE A 947 3.56 29.43 -32.59
CA ILE A 947 3.83 30.85 -32.77
C ILE A 947 4.07 31.20 -34.25
N ARG A 948 4.49 30.23 -35.06
CA ARG A 948 4.73 30.47 -36.48
C ARG A 948 3.48 30.15 -37.30
N SER A 949 2.41 30.85 -36.97
CA SER A 949 1.13 30.66 -37.65
C SER A 949 0.94 31.72 -38.75
N ASP A 970 11.90 25.04 -40.50
CA ASP A 970 10.75 25.17 -41.38
C ASP A 970 9.61 24.26 -40.93
N GLU A 971 8.48 24.34 -41.63
CA GLU A 971 7.33 23.51 -41.30
C GLU A 971 7.54 22.05 -41.68
N GLY A 972 8.46 21.77 -42.61
CA GLY A 972 8.72 20.39 -42.98
C GLY A 972 9.67 19.70 -42.04
N HIS A 973 10.65 20.43 -41.49
CA HIS A 973 11.59 19.86 -40.53
C HIS A 973 11.08 19.94 -39.10
N GLY A 974 10.38 21.02 -38.76
CA GLY A 974 9.84 21.15 -37.41
C GLY A 974 8.70 20.20 -37.11
N ASN A 975 8.10 19.61 -38.14
CA ASN A 975 7.01 18.65 -37.95
C ASN A 975 7.49 17.20 -37.92
N ASN A 976 8.59 16.90 -38.61
CA ASN A 976 9.14 15.55 -38.56
C ASN A 976 9.71 15.23 -37.18
N GLN A 977 10.19 16.25 -36.46
CA GLN A 977 10.67 16.07 -35.10
C GLN A 977 9.55 16.06 -34.08
N LEU A 978 8.29 16.12 -34.52
CA LEU A 978 7.13 16.05 -33.64
C LEU A 978 6.48 14.67 -33.66
N ARG A 979 6.15 14.16 -34.85
CA ARG A 979 5.57 12.83 -34.94
C ARG A 979 6.56 11.75 -34.55
N LEU A 980 7.86 12.00 -34.75
CA LEU A 980 8.87 11.02 -34.34
C LEU A 980 8.99 10.96 -32.83
N VAL A 981 8.86 12.10 -32.16
CA VAL A 981 8.90 12.12 -30.70
C VAL A 981 7.70 11.39 -30.12
N LEU A 982 6.51 11.67 -30.66
CA LEU A 982 5.30 10.97 -30.19
C LEU A 982 5.35 9.48 -30.47
N LEU A 983 6.13 9.06 -31.48
CA LEU A 983 6.31 7.64 -31.73
C LEU A 983 7.26 7.01 -30.73
N LEU A 984 8.27 7.75 -30.28
CA LEU A 984 9.21 7.23 -29.29
C LEU A 984 8.55 7.01 -27.94
N GLN A 985 7.45 7.71 -27.65
CA GLN A 985 6.74 7.53 -26.40
C GLN A 985 6.09 6.17 -26.27
N TYR A 986 5.97 5.42 -27.37
CA TYR A 986 5.24 4.14 -27.45
C TYR A 986 3.77 4.30 -27.10
N LEU A 987 3.28 5.53 -26.99
CA LEU A 987 1.90 5.81 -26.63
C LEU A 987 1.48 7.09 -27.36
N GLU A 988 0.37 7.68 -26.92
CA GLU A 988 -0.14 8.94 -27.46
C GLU A 988 -0.37 8.87 -28.96
N ASN A 989 -0.74 7.69 -29.46
CA ASN A 989 -1.04 7.55 -30.88
C ASN A 989 -2.31 8.31 -31.27
N LEU A 990 -3.20 8.58 -30.31
CA LEU A 990 -4.39 9.37 -30.61
C LEU A 990 -4.04 10.84 -30.82
N GLU A 991 -3.00 11.33 -30.15
CA GLU A 991 -2.56 12.71 -30.33
C GLU A 991 -1.82 12.92 -31.64
N LYS A 992 -1.28 11.86 -32.23
CA LYS A 992 -0.58 11.99 -33.50
C LYS A 992 -1.53 12.21 -34.67
N LEU A 993 -2.82 11.88 -34.52
CA LEU A 993 -3.81 12.14 -35.55
C LEU A 993 -4.22 13.60 -35.62
N MET A 994 -3.78 14.42 -34.67
CA MET A 994 -4.09 15.85 -34.72
C MET A 994 -3.42 16.51 -35.92
N TYR A 995 -2.16 16.15 -36.20
CA TYR A 995 -1.46 16.72 -37.34
C TYR A 995 -1.98 16.19 -38.67
N ASN A 996 -2.64 15.03 -38.66
CA ASN A 996 -3.30 14.55 -39.86
C ASN A 996 -4.52 15.39 -40.22
N ALA A 997 -5.09 16.10 -39.24
CA ALA A 997 -6.20 17.03 -39.48
C ALA A 997 -5.75 18.48 -39.32
N TYR A 998 -4.45 18.73 -39.23
CA TYR A 998 -3.90 20.07 -39.07
C TYR A 998 -3.24 20.57 -40.35
N GLU A 999 -3.54 19.95 -41.49
CA GLU A 999 -2.94 20.33 -42.75
C GLU A 999 -3.51 21.63 -43.32
N GLY A 1000 -4.52 22.20 -42.68
CA GLY A 1000 -5.09 23.46 -43.17
C GLY A 1000 -4.10 24.60 -43.15
N CYS A 1001 -3.20 24.61 -42.16
CA CYS A 1001 -2.17 25.65 -42.05
C CYS A 1001 -1.03 25.28 -43.00
N ALA A 1002 -1.18 25.66 -44.27
CA ALA A 1002 -0.20 25.38 -45.32
C ALA A 1002 0.11 23.88 -45.42
N PRO A 1009 0.72 16.66 -44.03
CA PRO A 1009 0.25 15.96 -45.22
C PRO A 1009 -0.21 14.54 -44.94
N LYS A 1010 -0.22 13.69 -45.97
CA LYS A 1010 -0.64 12.31 -45.82
C LYS A 1010 0.39 11.44 -45.13
N VAL A 1011 1.61 11.95 -44.91
CA VAL A 1011 2.63 11.15 -44.24
C VAL A 1011 2.31 10.96 -42.77
N ILE A 1012 1.67 11.96 -42.15
CA ILE A 1012 1.33 11.84 -40.73
C ILE A 1012 0.18 10.86 -40.53
N ARG A 1013 -0.70 10.73 -41.53
CA ARG A 1013 -1.83 9.82 -41.43
C ARG A 1013 -1.38 8.37 -41.32
N THR A 1014 -0.22 8.02 -41.89
CA THR A 1014 0.32 6.67 -41.77
C THR A 1014 1.43 6.57 -40.74
N PHE A 1015 2.07 7.69 -40.36
CA PHE A 1015 3.07 7.66 -39.31
C PHE A 1015 2.45 7.45 -37.94
N PHE A 1016 1.17 7.76 -37.79
CA PHE A 1016 0.44 7.52 -36.54
C PHE A 1016 -0.18 6.14 -36.48
N TYR A 1017 -0.10 5.37 -37.58
CA TYR A 1017 -0.65 4.02 -37.64
C TYR A 1017 0.37 2.97 -37.24
N THR A 1018 1.33 3.32 -36.38
CA THR A 1018 2.39 2.40 -36.01
C THR A 1018 2.40 2.00 -34.54
N ASN A 1019 1.74 2.75 -33.65
CA ASN A 1019 1.73 2.42 -32.23
C ASN A 1019 0.37 2.65 -31.55
N ARG A 1020 -0.76 2.14 -32.08
CA ARG A 1020 -1.00 1.22 -33.21
C ARG A 1020 0.00 0.08 -33.43
N GLN A 1021 0.17 -0.77 -32.42
CA GLN A 1021 1.21 -1.79 -32.46
C GLN A 1021 0.88 -2.87 -33.48
N THR A 1022 0.92 -2.51 -34.75
CA THR A 1022 0.66 -3.45 -35.85
C THR A 1022 1.77 -3.36 -36.89
N CYS A 1023 3.02 -3.43 -36.43
CA CYS A 1023 4.21 -3.26 -37.27
C CYS A 1023 4.14 -4.03 -38.58
N GLN A 1024 3.43 -5.16 -38.60
CA GLN A 1024 3.20 -5.87 -39.86
C GLN A 1024 2.46 -4.98 -40.84
N ASP A 1025 1.37 -4.35 -40.40
CA ASP A 1025 0.70 -3.35 -41.20
C ASP A 1025 1.47 -2.04 -41.10
N TRP A 1026 0.89 -0.97 -41.67
CA TRP A 1026 1.50 0.35 -41.75
C TRP A 1026 2.81 0.35 -42.53
N LEU A 1027 3.14 -0.76 -43.17
CA LEU A 1027 4.31 -0.86 -44.04
C LEU A 1027 3.97 -0.54 -45.49
N THR A 1028 2.78 -0.93 -45.94
CA THR A 1028 2.35 -0.57 -47.28
C THR A 1028 2.17 0.94 -47.41
N ARG A 1029 1.45 1.55 -46.45
CA ARG A 1029 1.17 2.97 -46.53
C ARG A 1029 2.44 3.82 -46.48
N ILE A 1030 3.48 3.33 -45.81
CA ILE A 1030 4.76 4.02 -45.86
C ILE A 1030 5.41 3.86 -47.23
N ARG A 1031 5.32 2.66 -47.81
CA ARG A 1031 5.83 2.46 -49.17
C ARG A 1031 4.91 3.11 -50.20
N LEU A 1032 3.60 3.16 -49.92
CA LEU A 1032 2.69 3.86 -50.83
C LEU A 1032 2.94 5.36 -50.85
N SER A 1033 3.52 5.93 -49.79
CA SER A 1033 3.86 7.33 -49.77
C SER A 1033 5.15 7.63 -50.54
N ILE A 1034 5.81 6.61 -51.09
CA ILE A 1034 7.01 6.82 -51.87
C ILE A 1034 6.72 7.01 -53.35
N MET A 1035 5.58 6.51 -53.84
CA MET A 1035 5.16 6.71 -55.21
C MET A 1035 4.32 7.98 -55.31
N ARG A 1036 4.51 8.74 -56.39
CA ARG A 1036 5.45 8.38 -57.46
C ARG A 1036 6.77 9.14 -57.33
N VAL A 1037 7.19 9.42 -56.09
CA VAL A 1037 8.46 10.09 -55.86
C VAL A 1037 9.65 9.17 -56.04
N GLY A 1038 9.41 7.87 -56.22
CA GLY A 1038 10.49 6.93 -56.39
C GLY A 1038 10.06 5.61 -57.00
N LEU A 1039 10.62 4.50 -56.50
CA LEU A 1039 10.31 3.18 -57.02
C LEU A 1039 9.14 2.57 -56.25
N LEU A 1040 8.89 1.28 -56.45
CA LEU A 1040 7.79 0.62 -55.78
C LEU A 1040 8.07 0.38 -54.31
N ALA A 1041 9.33 0.10 -53.98
CA ALA A 1041 9.88 -0.07 -52.62
C ALA A 1041 9.47 -1.39 -51.97
N GLY A 1042 8.59 -2.19 -52.58
CA GLY A 1042 8.33 -3.53 -52.08
C GLY A 1042 8.98 -4.54 -53.01
N GLN A 1043 9.96 -5.29 -52.48
CA GLN A 1043 10.76 -6.11 -53.38
C GLN A 1043 9.94 -7.27 -53.94
N PRO A 1044 9.53 -8.31 -53.16
CA PRO A 1044 8.68 -9.33 -53.77
C PRO A 1044 7.19 -9.04 -53.67
N ALA A 1045 6.78 -8.41 -52.57
CA ALA A 1045 5.38 -8.12 -52.26
C ALA A 1045 5.28 -7.41 -50.92
N VAL A 1046 4.08 -6.96 -50.55
CA VAL A 1046 3.82 -6.49 -49.20
C VAL A 1046 2.56 -7.16 -48.67
N THR A 1047 1.96 -8.00 -49.52
CA THR A 1047 0.70 -8.70 -49.21
C THR A 1047 -0.37 -7.72 -48.73
N VAL A 1048 -0.70 -6.78 -49.62
CA VAL A 1048 -1.64 -5.72 -49.27
C VAL A 1048 -3.07 -6.25 -49.23
N ARG A 1049 -3.40 -7.22 -50.10
CA ARG A 1049 -4.78 -7.70 -50.19
C ARG A 1049 -5.26 -8.30 -48.87
N HIS A 1050 -4.36 -8.93 -48.11
CA HIS A 1050 -4.70 -9.49 -46.81
C HIS A 1050 -4.35 -8.57 -45.65
N GLY A 1051 -3.99 -7.31 -45.94
CA GLY A 1051 -3.60 -6.37 -44.92
C GLY A 1051 -4.59 -5.26 -44.63
N PHE A 1052 -5.78 -5.28 -45.24
CA PHE A 1052 -6.80 -4.26 -45.01
C PHE A 1052 -8.02 -4.81 -44.27
N ASP A 1053 -7.94 -6.03 -43.74
CA ASP A 1053 -9.01 -6.61 -42.95
C ASP A 1053 -8.73 -6.53 -41.44
N LEU A 1054 -8.05 -5.48 -41.01
CA LEU A 1054 -7.68 -5.32 -39.61
C LEU A 1054 -8.54 -4.26 -38.93
N LEU A 1069 5.90 15.83 -53.35
CA LEU A 1069 6.78 16.99 -53.46
C LEU A 1069 8.22 16.61 -53.18
N GLU A 1070 9.13 17.09 -54.04
CA GLU A 1070 10.57 16.80 -53.90
C GLU A 1070 11.12 17.65 -52.77
N VAL A 1071 11.06 17.11 -51.55
CA VAL A 1071 11.54 17.81 -50.37
C VAL A 1071 12.92 17.30 -50.00
N THR A 1072 13.22 16.04 -50.38
CA THR A 1072 14.48 15.36 -50.12
C THR A 1072 14.80 15.24 -48.63
N ILE A 1073 13.83 15.52 -47.75
CA ILE A 1073 14.00 15.40 -46.32
C ILE A 1073 13.08 14.34 -45.73
N MET A 1074 11.84 14.26 -46.21
CA MET A 1074 10.91 13.25 -45.73
C MET A 1074 11.39 11.84 -46.08
N MET A 1075 12.18 11.71 -47.15
CA MET A 1075 12.65 10.39 -47.56
C MET A 1075 13.56 9.77 -46.51
N VAL A 1076 14.35 10.60 -45.81
CA VAL A 1076 15.21 10.09 -44.75
C VAL A 1076 14.36 9.61 -43.56
N VAL A 1077 13.27 10.33 -43.27
CA VAL A 1077 12.38 9.92 -42.19
C VAL A 1077 11.76 8.57 -42.47
N GLU A 1078 11.62 8.21 -43.75
CA GLU A 1078 11.08 6.90 -44.12
C GLU A 1078 11.99 5.78 -43.65
N ALA A 1079 13.22 6.12 -43.24
CA ALA A 1079 14.11 5.16 -42.59
C ALA A 1079 13.50 4.57 -41.33
N LEU A 1080 12.49 5.23 -40.75
CA LEU A 1080 11.75 4.63 -39.64
C LEU A 1080 11.16 3.27 -39.99
N CYS A 1081 10.97 3.00 -41.29
CA CYS A 1081 10.55 1.66 -41.71
C CYS A 1081 11.50 0.59 -41.19
N GLU A 1082 12.81 0.85 -41.27
CA GLU A 1082 13.78 -0.12 -40.78
C GLU A 1082 13.67 -0.31 -39.27
N LEU A 1083 13.09 0.67 -38.57
CA LEU A 1083 12.86 0.51 -37.14
C LEU A 1083 11.54 -0.21 -36.85
N HIS A 1084 10.65 -0.27 -37.84
CA HIS A 1084 9.35 -0.91 -37.63
C HIS A 1084 9.36 -2.36 -38.09
N CYS A 1085 9.62 -2.59 -39.38
CA CYS A 1085 9.50 -3.91 -39.97
C CYS A 1085 10.70 -4.79 -39.63
N PRO A 1086 11.92 -4.28 -39.76
CA PRO A 1086 13.10 -5.15 -39.67
C PRO A 1086 13.32 -5.75 -38.27
N GLU A 1087 13.29 -4.92 -37.24
CA GLU A 1087 13.83 -5.29 -35.93
C GLU A 1087 13.29 -6.62 -35.40
N ALA A 1088 12.20 -7.14 -35.97
CA ALA A 1088 11.72 -8.48 -35.64
C ALA A 1088 11.36 -9.32 -36.86
N ILE A 1089 11.13 -8.69 -38.00
CA ILE A 1089 10.59 -9.35 -39.19
C ILE A 1089 11.56 -9.16 -40.35
N GLN A 1090 12.87 -9.28 -40.05
CA GLN A 1090 13.94 -8.52 -40.71
C GLN A 1090 13.70 -8.24 -42.18
N GLY A 1091 13.59 -9.25 -43.03
CA GLY A 1091 13.15 -9.00 -44.38
C GLY A 1091 14.16 -8.25 -45.24
N ILE A 1092 14.73 -7.20 -44.66
CA ILE A 1092 15.56 -6.20 -45.34
C ILE A 1092 16.70 -6.82 -46.13
N ALA A 1093 17.03 -8.09 -45.84
CA ALA A 1093 18.07 -8.79 -46.58
C ALA A 1093 17.91 -8.61 -48.09
N VAL A 1094 16.68 -8.43 -48.56
CA VAL A 1094 16.42 -8.01 -49.93
C VAL A 1094 15.98 -6.55 -49.98
N TRP A 1095 15.18 -6.12 -49.00
CA TRP A 1095 14.60 -4.77 -49.05
C TRP A 1095 15.68 -3.70 -49.00
N SER A 1096 16.76 -3.94 -48.23
CA SER A 1096 17.86 -3.00 -48.21
C SER A 1096 18.45 -2.81 -49.60
N SER A 1097 18.53 -3.90 -50.37
CA SER A 1097 19.00 -3.78 -51.76
C SER A 1097 18.06 -2.89 -52.56
N SER A 1098 16.76 -2.94 -52.28
CA SER A 1098 15.82 -2.04 -52.94
C SER A 1098 16.13 -0.58 -52.65
N ILE A 1099 16.83 -0.30 -51.55
CA ILE A 1099 17.27 1.07 -51.29
C ILE A 1099 18.52 1.39 -52.11
N VAL A 1100 19.38 0.39 -52.30
CA VAL A 1100 20.61 0.60 -53.08
C VAL A 1100 20.27 1.08 -54.49
N GLY A 1101 19.20 0.54 -55.07
CA GLY A 1101 18.73 1.06 -56.34
C GLY A 1101 18.07 2.43 -56.20
N LYS A 1102 17.28 2.60 -55.14
CA LYS A 1102 16.62 3.88 -54.91
C LYS A 1102 17.64 4.99 -54.67
N ASN A 1103 18.71 4.69 -53.94
CA ASN A 1103 19.79 5.65 -53.76
C ASN A 1103 20.69 5.75 -54.98
N LEU A 1104 20.49 4.89 -55.98
CA LEU A 1104 21.33 4.93 -57.18
C LEU A 1104 20.99 6.11 -58.07
N LEU A 1105 19.77 6.66 -57.97
CA LEU A 1105 19.35 7.77 -58.81
C LEU A 1105 19.28 9.11 -58.11
N TRP A 1106 19.16 9.13 -56.78
CA TRP A 1106 19.05 10.37 -56.02
C TRP A 1106 20.02 10.34 -54.85
N ILE A 1107 20.00 11.40 -54.06
CA ILE A 1107 20.91 11.55 -52.93
C ILE A 1107 20.29 12.52 -51.92
N ASN A 1108 20.26 12.14 -50.65
CA ASN A 1108 20.75 10.85 -50.18
C ASN A 1108 19.64 10.00 -49.57
N SER A 1109 19.90 8.69 -49.46
CA SER A 1109 19.00 7.74 -48.80
C SER A 1109 19.88 6.81 -47.97
N VAL A 1110 20.11 7.17 -46.71
CA VAL A 1110 21.02 6.44 -45.85
C VAL A 1110 20.21 5.61 -44.85
N ALA A 1111 20.91 4.75 -44.12
CA ALA A 1111 20.29 3.86 -43.14
C ALA A 1111 21.23 3.76 -41.94
N GLN A 1112 20.94 2.82 -41.05
CA GLN A 1112 21.71 2.58 -39.85
C GLN A 1112 22.66 1.39 -40.05
N GLN A 1113 23.31 0.97 -38.98
CA GLN A 1113 24.26 -0.13 -39.04
C GLN A 1113 23.57 -1.42 -39.48
N ALA A 1114 24.35 -2.31 -40.10
CA ALA A 1114 23.84 -3.56 -40.62
C ALA A 1114 24.45 -4.80 -39.96
N GLU A 1115 25.52 -4.65 -39.20
CA GLU A 1115 26.13 -5.81 -38.54
C GLU A 1115 25.21 -6.38 -37.46
N GLY A 1116 24.46 -5.51 -36.78
CA GLY A 1116 23.53 -5.98 -35.77
C GLY A 1116 22.43 -6.86 -36.34
N ARG A 1117 22.03 -6.61 -37.58
CA ARG A 1117 21.04 -7.44 -38.24
C ARG A 1117 21.65 -8.64 -38.94
N PHE A 1118 22.93 -8.57 -39.32
CA PHE A 1118 23.59 -9.71 -39.93
C PHE A 1118 23.99 -10.75 -38.90
N GLU A 1119 24.25 -10.32 -37.66
CA GLU A 1119 24.64 -11.28 -36.63
C GLU A 1119 23.47 -12.17 -36.23
N LYS A 1120 22.28 -11.60 -36.10
CA LYS A 1120 21.10 -12.34 -35.72
C LYS A 1120 20.37 -12.86 -36.96
N ALA A 1121 19.82 -14.07 -36.89
CA ALA A 1121 19.86 -14.92 -35.69
C ALA A 1121 19.94 -16.38 -36.08
N SER A 1122 19.66 -17.26 -35.12
CA SER A 1122 19.57 -18.71 -35.29
C SER A 1122 20.89 -19.35 -35.73
N VAL A 1123 22.00 -18.63 -35.66
CA VAL A 1123 23.31 -19.16 -36.03
C VAL A 1123 24.31 -18.73 -34.97
N GLU A 1124 25.05 -19.70 -34.42
CA GLU A 1124 26.03 -19.44 -33.37
C GLU A 1124 27.46 -19.54 -33.87
N TYR A 1125 27.66 -19.62 -35.19
CA TYR A 1125 29.00 -19.63 -35.78
C TYR A 1125 29.31 -18.34 -36.54
N GLN A 1126 28.41 -17.91 -37.42
CA GLN A 1126 28.60 -16.65 -38.14
C GLN A 1126 28.41 -15.45 -37.23
N GLU A 1127 27.71 -15.61 -36.10
CA GLU A 1127 27.49 -14.52 -35.17
C GLU A 1127 28.78 -13.94 -34.62
N HIS A 1128 29.76 -14.77 -34.28
CA HIS A 1128 31.04 -14.29 -33.79
C HIS A 1128 31.79 -13.47 -34.83
N LEU A 1129 31.80 -13.95 -36.08
CA LEU A 1129 32.48 -13.21 -37.14
C LEU A 1129 31.75 -11.91 -37.48
N CYS A 1130 30.42 -11.89 -37.34
CA CYS A 1130 29.68 -10.67 -37.59
C CYS A 1130 29.83 -9.66 -36.46
N ALA A 1131 30.00 -10.14 -35.22
CA ALA A 1131 30.22 -9.24 -34.09
C ALA A 1131 31.66 -8.75 -34.00
N MET A 1132 32.62 -9.52 -34.52
CA MET A 1132 34.02 -9.11 -34.45
C MET A 1132 34.29 -7.86 -35.29
N THR A 1133 33.48 -7.63 -36.33
CA THR A 1133 33.72 -6.51 -37.24
C THR A 1133 33.32 -5.16 -36.63
N GLY A 1134 32.54 -5.16 -35.55
CA GLY A 1134 32.09 -3.91 -34.97
C GLY A 1134 33.03 -3.34 -33.93
N VAL A 1135 32.49 -2.98 -32.76
CA VAL A 1135 33.27 -2.41 -31.68
C VAL A 1135 33.25 -3.38 -30.50
N ASP A 1136 33.23 -4.67 -30.81
CA ASP A 1136 33.02 -5.69 -29.79
C ASP A 1136 34.14 -5.70 -28.77
N CYS A 1137 35.39 -5.76 -29.24
CA CYS A 1137 36.58 -6.04 -28.43
C CYS A 1137 36.26 -7.13 -27.39
N CYS A 1138 35.77 -8.25 -27.90
CA CYS A 1138 35.22 -9.31 -27.06
C CYS A 1138 36.32 -9.96 -26.22
N ILE A 1139 35.90 -10.81 -25.29
CA ILE A 1139 36.78 -11.52 -24.38
C ILE A 1139 36.95 -12.94 -24.87
N SER A 1140 38.19 -13.42 -24.87
CA SER A 1140 38.51 -14.77 -25.32
C SER A 1140 38.57 -15.70 -24.10
N SER A 1141 37.68 -16.68 -24.06
CA SER A 1141 37.63 -17.62 -22.95
C SER A 1141 38.45 -18.86 -23.23
N VAL A 1182 35.87 -4.41 -18.43
CA VAL A 1182 35.93 -4.31 -16.97
C VAL A 1182 37.29 -3.76 -16.55
N ILE A 1183 37.42 -2.44 -16.51
CA ILE A 1183 36.34 -1.52 -16.83
C ILE A 1183 36.56 -0.98 -18.25
N ASN A 1184 37.26 -1.77 -19.06
CA ASN A 1184 37.62 -1.42 -20.43
C ASN A 1184 36.67 -2.04 -21.45
N TYR A 1185 35.37 -2.03 -21.16
CA TYR A 1185 34.39 -2.81 -21.91
C TYR A 1185 34.17 -2.21 -23.30
N LEU A 1186 33.12 -2.68 -23.98
CA LEU A 1186 32.93 -2.62 -25.43
C LEU A 1186 33.45 -1.35 -26.11
N GLY A 1187 33.09 -0.18 -25.60
CA GLY A 1187 33.46 1.06 -26.28
C GLY A 1187 33.44 2.24 -25.34
N ASN A 1188 34.23 3.26 -25.69
CA ASN A 1188 34.27 4.51 -24.95
C ASN A 1188 34.22 5.72 -25.88
N LYS A 1189 34.17 5.51 -27.19
CA LYS A 1189 34.12 6.60 -28.16
C LYS A 1189 33.40 6.10 -29.39
N ALA A 1190 32.24 6.67 -29.69
CA ALA A 1190 31.68 7.77 -28.88
C ALA A 1190 30.71 7.26 -27.84
N CYS A 1191 29.84 6.32 -28.24
CA CYS A 1191 28.81 5.75 -27.38
C CYS A 1191 27.93 6.85 -26.79
N GLU A 1192 27.19 7.50 -27.67
CA GLU A 1192 26.36 8.66 -27.29
C GLU A 1192 25.15 8.19 -26.50
N CYS A 1193 24.26 9.12 -26.18
CA CYS A 1193 23.09 8.81 -25.39
C CYS A 1193 22.09 7.95 -26.18
N TYR A 1194 21.36 7.12 -25.45
CA TYR A 1194 20.28 6.26 -25.95
C TYR A 1194 20.79 5.13 -26.83
N ILE A 1195 22.09 5.07 -27.13
CA ILE A 1195 22.63 3.98 -27.94
C ILE A 1195 23.03 2.78 -27.09
N SER A 1196 23.02 2.92 -25.77
CA SER A 1196 23.37 1.80 -24.89
C SER A 1196 22.45 0.61 -25.06
N ILE A 1197 21.21 0.83 -25.51
CA ILE A 1197 20.30 -0.27 -25.79
C ILE A 1197 20.89 -1.17 -26.87
N ALA A 1198 21.52 -0.56 -27.88
CA ALA A 1198 22.21 -1.33 -28.90
C ALA A 1198 23.51 -1.93 -28.38
N ASP A 1199 24.05 -1.39 -27.29
CA ASP A 1199 25.27 -1.91 -26.70
C ASP A 1199 25.03 -2.91 -25.58
N TRP A 1200 23.87 -2.86 -24.93
CA TRP A 1200 23.53 -3.81 -23.88
C TRP A 1200 22.94 -5.11 -24.44
N ALA A 1201 22.75 -5.19 -25.76
CA ALA A 1201 22.26 -6.41 -26.39
C ALA A 1201 23.33 -7.15 -27.17
N ALA A 1202 24.41 -6.48 -27.57
CA ALA A 1202 25.52 -7.15 -28.23
C ALA A 1202 26.41 -7.90 -27.24
N VAL A 1203 26.41 -7.50 -25.97
CA VAL A 1203 27.21 -8.21 -24.98
C VAL A 1203 26.58 -9.54 -24.63
N GLN A 1204 25.25 -9.59 -24.52
CA GLN A 1204 24.57 -10.84 -24.21
C GLN A 1204 24.78 -11.88 -25.30
N GLU A 1205 25.05 -11.44 -26.53
CA GLU A 1205 25.33 -12.36 -27.62
C GLU A 1205 26.72 -12.97 -27.54
N TRP A 1206 27.63 -12.36 -26.78
CA TRP A 1206 28.98 -12.90 -26.64
C TRP A 1206 29.01 -14.03 -25.61
N GLN A 1207 28.56 -13.74 -24.39
CA GLN A 1207 28.54 -14.74 -23.33
C GLN A 1207 27.55 -15.88 -23.60
N ASN A 1208 26.63 -15.69 -24.54
CA ASN A 1208 25.75 -16.78 -24.95
C ASN A 1208 26.40 -17.70 -25.97
N ALA A 1209 27.21 -17.13 -26.87
CA ALA A 1209 27.98 -17.97 -27.79
C ALA A 1209 29.12 -18.67 -27.08
N ILE A 1210 29.68 -18.06 -26.04
CA ILE A 1210 30.71 -18.72 -25.26
C ILE A 1210 30.14 -19.91 -24.50
N HIS A 1211 28.88 -19.82 -24.05
CA HIS A 1211 28.26 -20.94 -23.36
C HIS A 1211 28.15 -22.16 -24.26
N ASP A 1212 27.98 -21.96 -25.57
CA ASP A 1212 27.93 -23.07 -26.50
C ASP A 1212 29.31 -23.49 -26.98
N LEU A 1213 30.25 -22.56 -27.07
CA LEU A 1213 31.62 -22.91 -27.45
C LEU A 1213 32.30 -23.73 -26.37
N LYS A 1214 31.98 -23.47 -25.10
CA LYS A 1214 32.57 -24.22 -23.99
C LYS A 1214 31.79 -25.51 -23.72
N LYS A 1215 30.49 -25.38 -23.45
CA LYS A 1215 29.66 -26.54 -23.17
C LYS A 1215 29.08 -27.12 -24.46
N PRO A 1280 34.86 -23.34 -12.93
CA PRO A 1280 36.14 -22.66 -13.12
C PRO A 1280 36.28 -22.05 -14.52
N ASP A 1281 35.61 -22.65 -15.51
CA ASP A 1281 35.64 -22.15 -16.86
C ASP A 1281 34.79 -20.89 -17.03
N PRO A 1282 33.53 -20.85 -16.57
CA PRO A 1282 32.75 -19.62 -16.69
C PRO A 1282 33.06 -18.56 -15.65
N ARG A 1283 34.13 -18.73 -14.86
CA ARG A 1283 34.48 -17.73 -13.86
C ARG A 1283 34.86 -16.40 -14.51
N GLU A 1284 35.42 -16.44 -15.71
CA GLU A 1284 35.78 -15.22 -16.43
C GLU A 1284 34.58 -14.54 -17.06
N LEU A 1285 33.39 -15.15 -17.01
CA LEU A 1285 32.18 -14.56 -17.58
C LEU A 1285 31.31 -13.87 -16.53
N GLN A 1286 31.25 -14.41 -15.31
CA GLN A 1286 30.49 -13.75 -14.26
C GLN A 1286 31.10 -12.42 -13.85
N LYS A 1287 32.41 -12.24 -14.01
CA LYS A 1287 33.04 -10.96 -13.77
C LYS A 1287 32.81 -9.98 -14.93
N SER A 1288 32.19 -10.43 -16.02
CA SER A 1288 31.90 -9.58 -17.16
C SER A 1288 30.39 -9.36 -17.36
N ILE A 1289 29.54 -10.08 -16.63
CA ILE A 1289 28.10 -9.91 -16.71
C ILE A 1289 27.56 -9.18 -15.49
N GLU A 1290 28.04 -9.55 -14.29
CA GLU A 1290 27.60 -8.86 -13.08
C GLU A 1290 27.96 -7.39 -13.12
N VAL A 1291 29.05 -7.03 -13.82
CA VAL A 1291 29.37 -5.63 -14.04
C VAL A 1291 28.49 -5.03 -15.13
N GLN A 1292 27.96 -5.85 -16.03
CA GLN A 1292 27.08 -5.35 -17.07
C GLN A 1292 25.72 -4.95 -16.50
N LEU A 1293 25.31 -5.58 -15.39
CA LEU A 1293 24.08 -5.16 -14.72
C LEU A 1293 24.23 -3.76 -14.12
N LEU A 1294 25.45 -3.38 -13.74
CA LEU A 1294 25.67 -2.04 -13.20
C LEU A 1294 25.49 -0.96 -14.26
N ARG A 1295 25.74 -1.28 -15.53
CA ARG A 1295 25.53 -0.34 -16.62
C ARG A 1295 24.22 -0.59 -17.38
N SER A 1296 23.54 -1.69 -17.11
CA SER A 1296 22.22 -1.93 -17.71
C SER A 1296 21.10 -1.31 -16.89
N SER A 1297 21.33 -1.03 -15.60
CA SER A 1297 20.35 -0.41 -14.74
C SER A 1297 20.46 1.11 -14.73
N VAL A 1298 21.24 1.70 -15.64
CA VAL A 1298 21.33 3.15 -15.72
C VAL A 1298 20.18 3.76 -16.50
N CYS A 1299 19.49 2.97 -17.33
CA CYS A 1299 18.29 3.46 -17.99
C CYS A 1299 17.09 3.50 -17.06
N LEU A 1300 17.05 2.61 -16.07
CA LEU A 1300 16.01 2.66 -15.04
C LEU A 1300 16.34 3.66 -13.95
N ALA A 1301 17.62 4.04 -13.80
CA ALA A 1301 18.00 5.06 -12.85
C ALA A 1301 17.80 6.47 -13.40
N THR A 1302 18.00 6.66 -14.71
CA THR A 1302 17.67 7.93 -15.35
C THR A 1302 16.18 8.09 -15.57
N ALA A 1303 15.39 7.04 -15.40
CA ALA A 1303 13.94 7.13 -15.45
C ALA A 1303 13.35 7.76 -14.19
N LEU A 1304 14.20 8.21 -13.27
CA LEU A 1304 13.76 8.93 -12.08
C LEU A 1304 14.29 10.36 -12.05
N ASN A 1305 14.68 10.88 -13.21
CA ASN A 1305 15.23 12.24 -13.32
C ASN A 1305 14.49 12.98 -14.43
N PRO A 1306 13.70 14.03 -14.11
CA PRO A 1306 13.45 14.41 -12.71
C PRO A 1306 12.37 13.54 -12.06
N ILE A 1307 11.30 13.26 -12.80
CA ILE A 1307 10.25 12.33 -12.38
C ILE A 1307 9.62 11.74 -13.62
N GLU A 1308 9.58 10.41 -13.70
CA GLU A 1308 8.95 9.72 -14.81
C GLU A 1308 8.16 8.52 -14.28
N GLN A 1309 7.33 7.95 -15.16
CA GLN A 1309 6.54 6.78 -14.84
C GLN A 1309 7.35 5.52 -15.17
N ASP A 1310 6.69 4.36 -15.19
CA ASP A 1310 7.39 3.10 -15.47
C ASP A 1310 8.06 3.09 -16.83
N GLN A 1311 7.73 4.03 -17.71
CA GLN A 1311 8.41 4.14 -19.00
C GLN A 1311 9.90 4.36 -18.81
N LYS A 1312 10.71 3.75 -19.67
CA LYS A 1312 10.22 2.92 -20.76
C LYS A 1312 10.31 1.44 -20.43
N TRP A 1313 9.73 0.60 -21.28
CA TRP A 1313 9.72 -0.84 -21.11
C TRP A 1313 10.63 -1.57 -22.09
N GLN A 1314 11.17 -0.88 -23.09
CA GLN A 1314 12.06 -1.52 -24.06
C GLN A 1314 13.46 -1.74 -23.51
N SER A 1315 13.81 -1.08 -22.40
CA SER A 1315 15.12 -1.23 -21.79
C SER A 1315 15.09 -2.03 -20.49
N ILE A 1316 13.92 -2.25 -19.92
CA ILE A 1316 13.82 -3.07 -18.72
C ILE A 1316 13.85 -4.56 -19.05
N THR A 1317 13.49 -4.93 -20.28
CA THR A 1317 13.57 -6.33 -20.68
C THR A 1317 15.03 -6.78 -20.79
N GLU A 1318 15.91 -5.89 -21.25
CA GLU A 1318 17.34 -6.20 -21.31
C GLU A 1318 17.97 -6.32 -19.94
N ASN A 1319 17.26 -5.94 -18.88
CA ASN A 1319 17.74 -6.12 -17.51
C ASN A 1319 17.33 -7.49 -16.96
N VAL A 1320 16.07 -7.86 -17.15
CA VAL A 1320 15.62 -9.17 -16.71
C VAL A 1320 16.28 -10.28 -17.50
N VAL A 1321 16.42 -10.09 -18.82
CA VAL A 1321 17.07 -11.10 -19.64
C VAL A 1321 18.56 -11.17 -19.37
N LYS A 1322 19.16 -10.12 -18.81
CA LYS A 1322 20.56 -10.17 -18.42
C LYS A 1322 20.74 -10.84 -17.07
N TYR A 1323 19.81 -10.59 -16.13
CA TYR A 1323 19.80 -11.35 -14.89
C TYR A 1323 19.57 -12.83 -15.15
N LEU A 1324 18.77 -13.16 -16.17
CA LEU A 1324 18.58 -14.56 -16.55
C LEU A 1324 19.88 -15.17 -17.06
N LYS A 1325 20.66 -14.41 -17.84
CA LYS A 1325 21.92 -14.93 -18.34
C LYS A 1325 22.94 -15.09 -17.22
N GLN A 1326 23.00 -14.13 -16.29
CA GLN A 1326 23.92 -14.26 -15.17
C GLN A 1326 23.48 -15.33 -14.19
N THR A 1327 22.19 -15.71 -14.20
CA THR A 1327 21.73 -16.80 -13.35
C THR A 1327 21.94 -18.15 -14.01
N SER A 1328 21.80 -18.23 -15.34
CA SER A 1328 22.00 -19.46 -16.08
C SER A 1328 23.45 -19.70 -16.45
N ARG A 1329 24.37 -18.90 -15.91
CA ARG A 1329 25.80 -19.06 -16.17
C ARG A 1329 26.52 -19.75 -15.04
N ILE A 1330 26.13 -19.48 -13.78
CA ILE A 1330 26.76 -20.14 -12.65
C ILE A 1330 26.35 -21.61 -12.59
N ALA A 1331 25.21 -21.95 -13.18
CA ALA A 1331 24.76 -23.34 -13.22
C ALA A 1331 24.30 -23.71 -14.62
N ILE A 1332 23.68 -24.89 -14.76
CA ILE A 1332 23.17 -25.34 -16.05
C ILE A 1332 21.68 -25.00 -16.19
N GLY A 1333 21.18 -24.07 -15.39
CA GLY A 1333 19.78 -23.67 -15.44
C GLY A 1333 18.84 -24.76 -14.99
N PRO A 1334 18.87 -25.11 -13.70
CA PRO A 1334 17.96 -26.14 -13.19
C PRO A 1334 16.63 -25.59 -12.67
N LEU A 1335 16.51 -24.29 -12.48
CA LEU A 1335 15.29 -23.68 -11.96
C LEU A 1335 15.26 -22.22 -12.39
N ARG A 1336 14.38 -21.44 -11.75
CA ARG A 1336 14.30 -20.01 -12.01
C ARG A 1336 15.68 -19.35 -11.86
N LEU A 1337 15.95 -18.34 -12.68
CA LEU A 1337 14.99 -17.77 -13.63
C LEU A 1337 14.89 -18.56 -14.93
N SER A 1338 13.85 -18.28 -15.69
CA SER A 1338 13.56 -18.97 -16.95
C SER A 1338 13.72 -18.09 -18.18
N THR A 1339 13.16 -16.87 -18.25
CA THR A 1339 12.36 -16.21 -17.21
C THR A 1339 10.87 -16.37 -17.45
N LEU A 1340 10.07 -15.89 -16.51
CA LEU A 1340 8.61 -15.99 -16.56
C LEU A 1340 8.04 -14.71 -17.14
N THR A 1341 7.25 -14.84 -18.21
CA THR A 1341 6.64 -13.70 -18.88
C THR A 1341 5.19 -14.01 -19.23
N VAL A 1342 4.48 -14.65 -18.31
CA VAL A 1342 3.08 -14.99 -18.51
C VAL A 1342 2.23 -13.74 -18.35
N SER A 1343 0.95 -13.83 -18.75
CA SER A 1343 0.02 -12.71 -18.65
C SER A 1343 0.05 -12.10 -17.25
N GLN A 1344 0.36 -10.81 -17.12
CA GLN A 1344 0.53 -9.77 -18.17
C GLN A 1344 -0.71 -9.54 -19.03
N SER A 1345 -1.78 -9.05 -18.39
CA SER A 1345 -2.91 -8.48 -19.09
C SER A 1345 -2.72 -6.96 -19.18
N LEU A 1346 -1.67 -6.58 -19.91
CA LEU A 1346 -1.22 -5.19 -19.90
C LEU A 1346 -2.20 -4.25 -20.58
N PRO A 1347 -2.70 -4.51 -21.81
CA PRO A 1347 -2.41 -5.62 -22.74
C PRO A 1347 -1.63 -5.20 -23.99
N VAL A 1348 -1.48 -3.90 -24.26
CA VAL A 1348 -0.93 -3.48 -25.53
C VAL A 1348 0.57 -3.80 -25.57
N LEU A 1349 1.37 -3.09 -24.77
CA LEU A 1349 2.75 -3.42 -24.46
C LEU A 1349 3.51 -3.98 -25.66
N SER A 1350 3.73 -3.16 -26.69
CA SER A 1350 4.25 -3.59 -27.99
C SER A 1350 5.33 -4.66 -27.84
N THR A 1351 5.21 -5.70 -28.67
CA THR A 1351 6.04 -6.90 -28.54
C THR A 1351 7.53 -6.57 -28.57
N LEU A 1352 7.92 -5.52 -29.27
CA LEU A 1352 9.30 -5.08 -29.34
C LEU A 1352 9.46 -3.81 -28.52
N GLN A 1353 10.38 -3.85 -27.56
CA GLN A 1353 11.24 -5.00 -27.34
C GLN A 1353 10.82 -5.82 -26.13
N LEU A 1354 9.52 -5.97 -25.93
CA LEU A 1354 9.03 -6.74 -24.80
C LEU A 1354 9.13 -8.25 -25.07
N TYR A 1355 8.43 -8.73 -26.10
CA TYR A 1355 8.43 -10.15 -26.44
C TYR A 1355 9.44 -10.50 -27.51
N CYS A 1356 9.71 -9.60 -28.46
CA CYS A 1356 10.67 -9.89 -29.52
C CYS A 1356 12.09 -9.97 -28.97
N SER A 1357 12.38 -9.29 -27.86
CA SER A 1357 13.68 -9.35 -27.22
C SER A 1357 13.72 -10.32 -26.06
N SER A 1358 12.60 -10.97 -25.74
CA SER A 1358 12.54 -11.99 -24.69
C SER A 1358 12.62 -13.40 -25.24
N ALA A 1359 11.99 -13.66 -26.38
CA ALA A 1359 12.10 -14.96 -27.04
C ALA A 1359 13.39 -15.14 -27.80
N LEU A 1360 14.22 -14.09 -27.90
CA LEU A 1360 15.51 -14.21 -28.58
C LEU A 1360 16.48 -15.05 -27.77
N GLU A 1361 16.69 -14.68 -26.50
CA GLU A 1361 17.57 -15.46 -25.64
C GLU A 1361 16.89 -16.72 -25.11
N ASN A 1362 15.56 -16.70 -24.97
CA ASN A 1362 14.85 -17.89 -24.51
C ASN A 1362 14.89 -19.02 -25.53
N THR A 1363 14.97 -18.69 -26.83
CA THR A 1363 15.12 -19.73 -27.83
C THR A 1363 16.52 -20.34 -27.80
N VAL A 1364 17.54 -19.52 -27.53
CA VAL A 1364 18.90 -20.05 -27.43
C VAL A 1364 19.04 -20.89 -26.17
N SER A 1365 18.38 -20.49 -25.08
CA SER A 1365 18.41 -21.29 -23.86
C SER A 1365 17.80 -22.67 -24.05
N ASN A 1366 16.91 -22.84 -25.02
CA ASN A 1366 16.33 -24.14 -25.31
C ASN A 1366 17.05 -24.87 -26.43
N ARG A 1367 17.75 -24.15 -27.30
CA ARG A 1367 18.47 -24.79 -28.40
C ARG A 1367 19.69 -25.58 -27.94
N LEU A 1368 20.13 -25.40 -26.70
CA LEU A 1368 21.24 -26.15 -26.14
C LEU A 1368 20.70 -27.17 -25.15
N SER A 1369 20.97 -28.45 -25.40
CA SER A 1369 20.52 -29.54 -24.54
C SER A 1369 21.67 -30.46 -24.16
N THR A 1370 22.88 -29.90 -24.03
CA THR A 1370 24.05 -30.70 -23.69
C THR A 1370 24.50 -30.41 -22.27
N ALA A 1396 16.09 -26.67 -15.99
CA ALA A 1396 15.30 -27.70 -16.65
C ALA A 1396 13.89 -27.19 -16.95
N LEU A 1397 13.09 -28.02 -17.62
CA LEU A 1397 11.71 -27.69 -17.99
C LEU A 1397 11.65 -26.41 -18.81
N ARG A 1398 12.55 -26.31 -19.79
CA ARG A 1398 12.62 -25.15 -20.67
C ARG A 1398 11.88 -25.37 -21.99
N TYR A 1399 10.89 -26.27 -21.99
CA TYR A 1399 10.10 -26.54 -23.18
C TYR A 1399 8.62 -26.22 -23.02
N THR A 1400 8.09 -26.23 -21.79
CA THR A 1400 6.70 -25.88 -21.56
C THR A 1400 6.51 -24.36 -21.46
N MET A 1401 7.41 -23.68 -20.75
CA MET A 1401 7.34 -22.23 -20.66
C MET A 1401 7.61 -21.57 -22.01
N TYR A 1402 8.42 -22.21 -22.86
CA TYR A 1402 8.74 -21.64 -24.16
C TYR A 1402 7.49 -21.50 -25.03
N GLN A 1403 6.51 -22.38 -24.86
CA GLN A 1403 5.27 -22.25 -25.61
C GLN A 1403 4.43 -21.09 -25.10
N ASN A 1404 4.56 -20.74 -23.82
CA ASN A 1404 3.84 -19.59 -23.28
C ASN A 1404 4.40 -18.27 -23.82
N GLN A 1405 5.66 -18.24 -24.23
CA GLN A 1405 6.22 -17.04 -24.83
C GLN A 1405 5.77 -16.83 -26.27
N LEU A 1406 5.29 -17.89 -26.93
CA LEU A 1406 4.81 -17.81 -28.30
C LEU A 1406 3.29 -17.66 -28.37
N LEU A 1407 2.54 -18.42 -27.56
CA LEU A 1407 1.09 -18.31 -27.55
C LEU A 1407 0.63 -16.92 -27.15
N GLU A 1408 1.39 -16.22 -26.31
CA GLU A 1408 1.11 -14.83 -25.97
C GLU A 1408 1.61 -13.85 -27.02
N LYS A 1409 2.33 -14.34 -28.03
CA LYS A 1409 2.73 -13.52 -29.17
C LYS A 1409 1.95 -13.83 -30.44
N ILE A 1410 1.28 -14.99 -30.49
CA ILE A 1410 0.43 -15.29 -31.64
C ILE A 1410 -0.82 -14.43 -31.62
N LYS A 1411 -1.40 -14.24 -30.43
CA LYS A 1411 -2.63 -13.45 -30.28
C LYS A 1411 -2.32 -11.96 -30.39
N GLU A 1412 -1.92 -11.56 -31.60
CA GLU A 1412 -1.60 -10.16 -31.91
C GLU A 1412 -2.19 -9.85 -33.29
N GLN A 1413 -3.39 -9.24 -33.34
CA GLN A 1413 -4.29 -8.86 -32.22
C GLN A 1413 -3.66 -7.96 -31.15
N THR A 1414 -3.35 -6.71 -31.50
CA THR A 1414 -3.82 -6.10 -32.75
C THR A 1414 -2.85 -5.06 -33.31
N VAL A 1415 -2.44 -5.21 -34.57
CA VAL A 1415 -2.79 -6.35 -35.42
C VAL A 1415 -1.61 -6.81 -36.28
N PRO A 1416 -0.51 -7.25 -35.66
CA PRO A 1416 0.61 -7.76 -36.45
C PRO A 1416 0.30 -9.11 -37.08
N ILE A 1417 0.06 -9.13 -38.38
CA ILE A 1417 -0.32 -10.36 -39.06
C ILE A 1417 0.89 -11.12 -39.60
N ARG A 1418 1.90 -10.41 -40.11
CA ARG A 1418 3.09 -11.08 -40.62
C ARG A 1418 3.94 -11.65 -39.49
N SER A 1419 3.95 -10.98 -38.34
CA SER A 1419 4.68 -11.44 -37.17
C SER A 1419 3.88 -12.41 -36.31
N HIS A 1420 2.77 -12.94 -36.82
CA HIS A 1420 1.94 -13.89 -36.09
C HIS A 1420 1.99 -15.29 -36.67
N LEU A 1421 2.72 -15.50 -37.77
CA LEU A 1421 2.84 -16.81 -38.38
C LEU A 1421 4.16 -17.51 -38.07
N MET A 1422 5.19 -16.77 -37.68
CA MET A 1422 6.46 -17.40 -37.33
C MET A 1422 6.34 -18.20 -36.04
N GLU A 1423 5.64 -17.66 -35.05
CA GLU A 1423 5.42 -18.41 -33.81
C GLU A 1423 4.54 -19.63 -34.05
N LEU A 1424 3.57 -19.52 -34.96
CA LEU A 1424 2.77 -20.67 -35.32
C LEU A 1424 3.61 -21.75 -35.99
N GLY A 1425 4.64 -21.36 -36.75
CA GLY A 1425 5.54 -22.33 -37.34
C GLY A 1425 6.57 -22.89 -36.39
N LEU A 1426 6.91 -22.16 -35.34
CA LEU A 1426 7.84 -22.64 -34.33
C LEU A 1426 7.17 -23.44 -33.22
N THR A 1427 5.84 -23.32 -33.08
CA THR A 1427 5.14 -24.04 -32.02
C THR A 1427 4.87 -25.48 -32.39
N ALA A 1428 4.11 -25.70 -33.47
CA ALA A 1428 3.71 -27.05 -33.87
C ALA A 1428 4.65 -27.64 -34.92
N ALA A 1429 4.72 -27.01 -36.10
CA ALA A 1429 5.52 -27.52 -37.19
C ALA A 1429 5.89 -26.36 -38.11
N LYS A 1430 7.04 -26.50 -38.77
CA LYS A 1430 7.57 -25.43 -39.59
C LYS A 1430 6.93 -25.45 -40.98
N PHE A 1431 6.69 -24.26 -41.52
CA PHE A 1431 6.16 -24.08 -42.87
C PHE A 1431 7.10 -23.15 -43.63
N ALA A 1432 7.37 -23.49 -44.89
CA ALA A 1432 8.34 -22.73 -45.69
C ALA A 1432 7.90 -21.29 -45.89
N ARG A 1433 6.80 -21.09 -46.63
CA ARG A 1433 6.31 -19.76 -46.97
C ARG A 1433 4.88 -19.88 -47.45
N LYS A 1434 4.06 -18.87 -47.12
CA LYS A 1434 2.66 -18.85 -47.51
C LYS A 1434 2.28 -17.43 -47.91
N ARG A 1435 1.71 -17.28 -49.10
CA ARG A 1435 1.26 -15.99 -49.60
C ARG A 1435 -0.21 -15.73 -49.31
N GLY A 1436 -0.84 -16.54 -48.46
CA GLY A 1436 -2.25 -16.39 -48.17
C GLY A 1436 -2.96 -17.73 -48.06
N ASN A 1437 -2.21 -18.81 -48.28
CA ASN A 1437 -2.73 -20.17 -48.21
C ASN A 1437 -2.56 -20.79 -46.82
N VAL A 1438 -2.52 -19.97 -45.77
CA VAL A 1438 -2.36 -20.49 -44.41
C VAL A 1438 -3.50 -21.42 -44.04
N SER A 1439 -4.69 -21.20 -44.62
CA SER A 1439 -5.83 -22.06 -44.32
C SER A 1439 -5.55 -23.50 -44.73
N LEU A 1440 -4.90 -23.71 -45.86
CA LEU A 1440 -4.55 -25.06 -46.29
C LEU A 1440 -3.42 -25.65 -45.47
N ALA A 1441 -2.70 -24.84 -44.70
CA ALA A 1441 -1.58 -25.34 -43.91
C ALA A 1441 -2.02 -25.82 -42.54
N THR A 1442 -2.73 -24.97 -41.79
CA THR A 1442 -3.13 -25.26 -40.40
C THR A 1442 -4.66 -25.23 -40.31
N ARG A 1443 -5.28 -26.39 -40.51
CA ARG A 1443 -6.73 -26.53 -40.36
C ARG A 1443 -7.04 -27.99 -40.07
N LEU A 1444 -7.89 -28.22 -39.06
CA LEU A 1444 -8.31 -29.57 -38.67
C LEU A 1444 -7.12 -30.45 -38.33
N LEU A 1445 -6.40 -30.04 -37.28
CA LEU A 1445 -5.25 -30.79 -36.77
C LEU A 1445 -5.43 -31.03 -35.29
N ALA A 1446 -5.60 -32.29 -34.91
CA ALA A 1446 -5.78 -32.67 -33.52
C ALA A 1446 -4.43 -32.93 -32.87
N GLN A 1447 -4.33 -32.60 -31.58
CA GLN A 1447 -3.10 -32.73 -30.83
C GLN A 1447 -3.42 -33.30 -29.45
N CYS A 1448 -2.44 -33.27 -28.55
CA CYS A 1448 -2.58 -33.78 -27.20
C CYS A 1448 -1.88 -32.82 -26.26
N SER A 1449 -1.67 -33.26 -25.01
CA SER A 1449 -0.97 -32.46 -24.01
C SER A 1449 0.36 -31.95 -24.57
N GLU A 1450 0.73 -30.72 -24.22
CA GLU A 1450 0.05 -29.91 -23.21
C GLU A 1450 -1.18 -29.16 -23.72
N VAL A 1451 -1.58 -28.14 -22.95
CA VAL A 1451 -2.81 -27.37 -23.16
C VAL A 1451 -2.98 -26.97 -24.62
N GLN A 1452 -4.20 -27.11 -25.13
CA GLN A 1452 -4.51 -26.89 -26.53
C GLN A 1452 -4.87 -25.45 -26.85
N LEU A 1453 -4.39 -24.49 -26.05
CA LEU A 1453 -4.64 -23.07 -26.35
C LEU A 1453 -4.09 -22.65 -27.70
N GLY A 1454 -3.15 -23.40 -28.27
CA GLY A 1454 -2.62 -23.12 -29.59
C GLY A 1454 -3.54 -23.47 -30.73
N LYS A 1455 -4.73 -23.98 -30.44
CA LYS A 1455 -5.72 -24.31 -31.46
C LYS A 1455 -6.75 -23.21 -31.65
N THR A 1456 -7.27 -22.65 -30.56
CA THR A 1456 -8.25 -21.57 -30.66
C THR A 1456 -7.64 -20.26 -31.15
N THR A 1457 -6.32 -20.16 -31.21
CA THR A 1457 -5.65 -18.98 -31.74
C THR A 1457 -5.44 -19.04 -33.24
N THR A 1458 -5.37 -20.25 -33.82
CA THR A 1458 -5.27 -20.35 -35.27
C THR A 1458 -6.58 -19.98 -35.95
N ALA A 1459 -7.71 -20.35 -35.36
CA ALA A 1459 -9.01 -19.98 -35.90
C ALA A 1459 -9.21 -18.47 -35.86
N GLN A 1460 -8.89 -17.85 -34.73
CA GLN A 1460 -8.98 -16.39 -34.63
C GLN A 1460 -8.00 -15.71 -35.57
N ASP A 1461 -6.87 -16.36 -35.87
CA ASP A 1461 -5.96 -15.82 -36.87
C ASP A 1461 -6.56 -15.89 -38.27
N LEU A 1462 -7.27 -16.99 -38.57
CA LEU A 1462 -7.95 -17.12 -39.85
C LEU A 1462 -9.15 -16.20 -39.98
N VAL A 1463 -9.71 -15.75 -38.84
CA VAL A 1463 -10.83 -14.82 -38.90
C VAL A 1463 -10.41 -13.53 -39.58
N GLN A 1464 -9.20 -13.05 -39.30
CA GLN A 1464 -8.70 -11.82 -39.91
C GLN A 1464 -8.43 -11.97 -41.41
N HIS A 1465 -8.47 -13.19 -41.93
CA HIS A 1465 -8.28 -13.44 -43.37
C HIS A 1465 -9.53 -14.02 -44.02
N PHE A 1466 -10.09 -15.08 -43.46
CA PHE A 1466 -11.27 -15.73 -44.01
C PHE A 1466 -12.45 -15.57 -43.05
N LYS A 1467 -13.64 -15.87 -43.55
CA LYS A 1467 -14.87 -15.75 -42.78
C LYS A 1467 -15.60 -17.06 -42.60
N LYS A 1468 -15.67 -17.90 -43.64
CA LYS A 1468 -16.38 -19.17 -43.57
C LYS A 1468 -15.47 -20.33 -43.20
N LEU A 1469 -14.17 -20.22 -43.46
CA LEU A 1469 -13.23 -21.28 -43.13
C LEU A 1469 -12.77 -21.25 -41.68
N SER A 1470 -13.06 -20.16 -40.95
CA SER A 1470 -12.65 -20.08 -39.55
C SER A 1470 -13.72 -20.64 -38.63
N THR A 1471 -14.99 -20.39 -38.94
CA THR A 1471 -16.07 -20.93 -38.11
C THR A 1471 -16.12 -22.45 -38.18
N GLN A 1472 -15.80 -23.03 -39.35
CA GLN A 1472 -15.74 -24.47 -39.46
C GLN A 1472 -14.69 -25.06 -38.52
N GLY A 1473 -13.50 -24.47 -38.51
CA GLY A 1473 -12.47 -24.92 -37.59
C GLY A 1473 -12.84 -24.69 -36.13
N GLN A 1474 -13.53 -23.59 -35.85
CA GLN A 1474 -13.99 -23.34 -34.48
C GLN A 1474 -14.94 -24.43 -34.01
N VAL A 1475 -15.95 -24.75 -34.82
CA VAL A 1475 -16.91 -25.78 -34.42
C VAL A 1475 -16.26 -27.16 -34.41
N ASP A 1476 -15.24 -27.37 -35.24
CA ASP A 1476 -14.49 -28.62 -35.17
C ASP A 1476 -13.73 -28.73 -33.85
N GLU A 1477 -13.11 -27.64 -33.42
CA GLU A 1477 -12.44 -27.62 -32.12
C GLU A 1477 -13.42 -27.59 -30.95
N LYS A 1478 -14.71 -27.35 -31.21
CA LYS A 1478 -15.71 -27.49 -30.16
C LYS A 1478 -15.96 -28.95 -29.82
N TRP A 1479 -15.93 -29.82 -30.82
CA TRP A 1479 -16.17 -31.25 -30.64
C TRP A 1479 -14.96 -31.98 -30.07
N GLY A 1480 -13.90 -31.26 -29.71
CA GLY A 1480 -12.72 -31.85 -29.14
C GLY A 1480 -12.82 -32.07 -27.64
N PRO A 1481 -13.10 -31.01 -26.87
CA PRO A 1481 -13.24 -31.17 -25.42
C PRO A 1481 -14.57 -31.78 -25.01
N GLU A 1482 -15.30 -32.36 -25.98
CA GLU A 1482 -16.53 -33.08 -25.64
C GLU A 1482 -16.28 -34.16 -24.60
N LEU A 1483 -15.17 -34.87 -24.72
CA LEU A 1483 -14.72 -35.85 -23.72
C LEU A 1483 -13.40 -35.32 -23.17
N ASP A 1484 -13.50 -34.44 -22.17
CA ASP A 1484 -12.33 -33.81 -21.58
C ASP A 1484 -12.77 -33.13 -20.29
N ILE A 1485 -11.78 -32.67 -19.52
CA ILE A 1485 -12.02 -31.98 -18.26
C ILE A 1485 -11.67 -30.50 -18.33
N GLU A 1486 -11.08 -30.04 -19.43
CA GLU A 1486 -10.69 -28.64 -19.54
C GLU A 1486 -11.92 -27.75 -19.73
N LYS A 1487 -11.88 -26.57 -19.11
CA LYS A 1487 -12.97 -25.61 -19.21
C LYS A 1487 -12.92 -24.77 -20.49
N THR A 1488 -11.97 -25.05 -21.39
CA THR A 1488 -11.85 -24.29 -22.62
C THR A 1488 -13.10 -24.37 -23.49
N LYS A 1489 -13.95 -25.38 -23.28
CA LYS A 1489 -15.21 -25.46 -24.00
C LYS A 1489 -16.15 -24.30 -23.68
N LEU A 1490 -15.88 -23.54 -22.62
CA LEU A 1490 -16.64 -22.35 -22.30
C LEU A 1490 -16.07 -21.09 -22.96
N LEU A 1491 -14.96 -21.22 -23.68
CA LEU A 1491 -14.36 -20.10 -24.39
C LEU A 1491 -14.51 -20.20 -25.90
N TYR A 1492 -14.53 -21.41 -26.45
CA TYR A 1492 -14.69 -21.57 -27.89
C TYR A 1492 -16.07 -21.11 -28.35
N THR A 1493 -17.13 -21.73 -27.80
CA THR A 1493 -18.49 -21.35 -28.17
C THR A 1493 -18.75 -19.87 -27.91
N ALA A 1494 -18.44 -19.41 -26.70
CA ALA A 1494 -18.59 -18.00 -26.38
C ALA A 1494 -17.68 -17.10 -27.21
N GLY A 1495 -16.66 -17.67 -27.86
CA GLY A 1495 -15.80 -16.91 -28.74
C GLY A 1495 -16.18 -17.09 -30.20
N GLN A 1496 -17.11 -18.02 -30.46
CA GLN A 1496 -17.58 -18.28 -31.81
C GLN A 1496 -18.94 -17.68 -32.09
N SER A 1497 -19.77 -17.47 -31.05
CA SER A 1497 -21.07 -16.86 -31.24
C SER A 1497 -20.97 -15.44 -31.77
N THR A 1498 -19.84 -14.77 -31.55
CA THR A 1498 -19.63 -13.44 -32.11
C THR A 1498 -19.35 -13.51 -33.61
N HIS A 1499 -18.63 -14.54 -34.06
CA HIS A 1499 -18.35 -14.70 -35.48
C HIS A 1499 -19.62 -15.03 -36.26
N ALA A 1500 -20.43 -15.95 -35.73
CA ALA A 1500 -21.69 -16.35 -36.36
C ALA A 1500 -22.86 -15.45 -35.97
N MET A 1501 -22.58 -14.25 -35.44
CA MET A 1501 -23.65 -13.36 -35.02
C MET A 1501 -24.26 -12.61 -36.19
N GLU A 1502 -23.43 -12.15 -37.12
CA GLU A 1502 -23.90 -11.31 -38.22
C GLU A 1502 -23.03 -11.55 -39.44
N MET A 1503 -23.61 -11.37 -40.63
CA MET A 1503 -25.04 -11.12 -40.80
C MET A 1503 -25.58 -11.93 -41.99
N LEU A 1504 -24.65 -12.44 -42.81
CA LEU A 1504 -25.01 -13.05 -44.08
C LEU A 1504 -25.19 -14.57 -44.01
N SER A 1505 -25.05 -15.18 -42.83
CA SER A 1505 -25.22 -16.62 -42.72
C SER A 1505 -26.66 -17.02 -43.06
N SER A 1506 -27.61 -16.67 -42.18
CA SER A 1506 -29.03 -16.88 -42.41
C SER A 1506 -29.35 -18.33 -42.79
N CYS A 1507 -28.54 -19.27 -42.33
CA CYS A 1507 -28.74 -20.68 -42.63
C CYS A 1507 -29.06 -21.52 -41.40
N ALA A 1508 -29.07 -20.90 -40.21
CA ALA A 1508 -29.36 -21.65 -39.00
C ALA A 1508 -30.81 -22.13 -38.98
N ILE A 1509 -31.74 -21.29 -39.44
CA ILE A 1509 -33.14 -21.71 -39.49
C ILE A 1509 -33.34 -22.82 -40.50
N SER A 1510 -32.66 -22.73 -41.65
CA SER A 1510 -32.75 -23.80 -42.64
C SER A 1510 -32.15 -25.09 -42.11
N PHE A 1511 -31.04 -24.99 -41.37
CA PHE A 1511 -30.42 -26.17 -40.78
C PHE A 1511 -31.34 -26.80 -39.74
N CYS A 1512 -32.01 -25.99 -38.94
CA CYS A 1512 -32.94 -26.53 -37.95
C CYS A 1512 -34.13 -27.21 -38.63
N LYS A 1513 -34.66 -26.58 -39.68
CA LYS A 1513 -35.77 -27.18 -40.43
C LYS A 1513 -35.34 -28.51 -41.05
N SER A 1514 -34.11 -28.56 -41.56
CA SER A 1514 -33.62 -29.81 -42.14
C SER A 1514 -33.46 -30.89 -41.07
N VAL A 1515 -32.90 -30.53 -39.91
CA VAL A 1515 -32.77 -31.49 -38.81
C VAL A 1515 -34.14 -32.02 -38.41
N LYS A 1516 -35.15 -31.14 -38.36
CA LYS A 1516 -36.50 -31.59 -38.08
C LYS A 1516 -37.11 -32.36 -39.24
N ALA A 1517 -36.51 -32.27 -40.44
CA ALA A 1517 -37.06 -32.94 -41.61
C ALA A 1517 -36.01 -33.74 -42.37
N GLU A 1518 -35.24 -34.57 -41.66
CA GLU A 1518 -34.26 -35.47 -42.27
C GLU A 1518 -33.19 -34.69 -43.04
N TYR A 1519 -32.37 -33.98 -42.26
CA TYR A 1519 -31.33 -33.12 -42.80
C TYR A 1519 -30.41 -33.86 -43.77
N ALA A 1520 -30.27 -33.29 -44.98
CA ALA A 1520 -29.30 -33.76 -45.96
C ALA A 1520 -28.69 -32.57 -46.69
N VAL A 1521 -28.65 -31.40 -46.06
CA VAL A 1521 -28.26 -30.16 -46.72
C VAL A 1521 -27.94 -29.14 -45.64
N ALA A 1522 -27.01 -28.23 -45.95
CA ALA A 1522 -26.25 -28.24 -47.19
C ALA A 1522 -24.74 -28.34 -46.92
N LYS A 1523 -24.25 -27.45 -46.07
CA LYS A 1523 -22.81 -27.30 -45.83
C LYS A 1523 -22.37 -28.14 -44.65
N SER A 1524 -21.06 -28.18 -44.44
CA SER A 1524 -20.49 -28.89 -43.30
C SER A 1524 -20.54 -28.07 -42.03
N ILE A 1525 -20.55 -26.73 -42.16
CA ILE A 1525 -20.62 -25.87 -40.98
C ILE A 1525 -21.93 -26.09 -40.23
N LEU A 1526 -23.04 -26.15 -40.98
CA LEU A 1526 -24.34 -26.38 -40.35
C LEU A 1526 -24.41 -27.77 -39.74
N THR A 1527 -23.83 -28.77 -40.40
CA THR A 1527 -23.82 -30.12 -39.85
C THR A 1527 -23.05 -30.16 -38.53
N LEU A 1528 -21.88 -29.51 -38.49
CA LEU A 1528 -21.11 -29.48 -37.26
C LEU A 1528 -21.83 -28.71 -36.16
N ALA A 1529 -22.49 -27.60 -36.52
CA ALA A 1529 -23.21 -26.81 -35.53
C ALA A 1529 -24.41 -27.57 -34.98
N LYS A 1530 -25.03 -28.42 -35.80
CA LYS A 1530 -26.15 -29.23 -35.32
C LYS A 1530 -25.69 -30.48 -34.59
N TRP A 1531 -24.47 -30.94 -34.85
CA TRP A 1531 -23.92 -32.09 -34.14
C TRP A 1531 -23.22 -31.72 -32.84
N ILE A 1532 -22.89 -30.45 -32.64
CA ILE A 1532 -22.27 -30.03 -31.39
C ILE A 1532 -23.31 -29.68 -30.33
N GLN A 1533 -24.48 -29.18 -30.74
CA GLN A 1533 -25.54 -28.83 -29.80
C GLN A 1533 -26.44 -30.00 -29.45
N ALA A 1534 -26.34 -31.12 -30.17
CA ALA A 1534 -27.12 -32.31 -29.87
C ALA A 1534 -26.58 -33.08 -28.68
N GLU A 1535 -25.50 -32.63 -28.06
CA GLU A 1535 -24.91 -33.28 -26.90
C GLU A 1535 -25.54 -32.85 -25.59
N TRP A 1536 -26.58 -32.01 -25.63
CA TRP A 1536 -27.23 -31.57 -24.40
C TRP A 1536 -27.93 -32.70 -23.66
N LYS A 1537 -28.29 -33.78 -24.37
CA LYS A 1537 -28.93 -34.92 -23.72
C LYS A 1537 -27.92 -35.84 -23.04
N GLU A 1538 -26.64 -35.74 -23.39
CA GLU A 1538 -25.60 -36.55 -22.77
C GLU A 1538 -24.94 -35.87 -21.59
N ILE A 1539 -25.05 -34.55 -21.48
CA ILE A 1539 -24.44 -33.82 -20.37
C ILE A 1539 -25.52 -33.39 -19.38
N PRO A 1582 -31.19 -23.51 -15.12
CA PRO A 1582 -30.54 -24.40 -16.09
C PRO A 1582 -30.87 -25.87 -15.85
N ARG A 1583 -32.10 -26.15 -15.40
CA ARG A 1583 -32.50 -27.52 -15.12
C ARG A 1583 -32.90 -28.25 -16.39
N ILE A 1584 -33.86 -27.71 -17.13
CA ILE A 1584 -34.37 -28.34 -18.34
C ILE A 1584 -34.06 -27.42 -19.52
N GLU A 1585 -33.73 -28.03 -20.66
CA GLU A 1585 -33.46 -27.29 -21.88
C GLU A 1585 -34.78 -26.88 -22.53
N SER A 1586 -34.69 -26.38 -23.76
CA SER A 1586 -35.88 -25.92 -24.48
C SER A 1586 -36.87 -27.08 -24.68
N GLU A 1587 -38.15 -26.77 -24.54
CA GLU A 1587 -39.18 -27.81 -24.62
C GLU A 1587 -39.30 -28.41 -26.02
N SER A 1588 -39.46 -27.60 -27.07
CA SER A 1588 -39.45 -26.13 -27.08
C SER A 1588 -40.82 -25.53 -27.40
N THR A 1589 -41.42 -24.89 -26.40
CA THR A 1589 -42.64 -24.12 -26.60
C THR A 1589 -42.37 -22.65 -26.89
N VAL A 1590 -41.22 -22.14 -26.45
CA VAL A 1590 -40.80 -20.77 -26.78
C VAL A 1590 -40.23 -20.66 -28.18
N HIS A 1591 -40.28 -21.74 -28.96
CA HIS A 1591 -39.68 -21.79 -30.29
C HIS A 1591 -40.54 -21.07 -31.32
N ILE A 1592 -40.25 -21.30 -32.60
CA ILE A 1592 -40.87 -20.61 -33.73
C ILE A 1592 -42.39 -20.57 -33.61
N GLY A 1593 -42.97 -21.52 -32.86
CA GLY A 1593 -44.41 -21.51 -32.64
C GLY A 1593 -44.94 -20.21 -32.09
N VAL A 1594 -44.11 -19.47 -31.35
CA VAL A 1594 -44.47 -18.16 -30.82
C VAL A 1594 -43.50 -17.07 -31.28
N GLY A 1595 -42.20 -17.37 -31.24
CA GLY A 1595 -41.21 -16.40 -31.66
C GLY A 1595 -39.84 -17.01 -31.77
N GLU A 1596 -38.83 -16.15 -31.81
CA GLU A 1596 -37.44 -16.56 -31.88
C GLU A 1596 -37.18 -17.44 -33.09
N PRO A 1597 -37.17 -16.87 -34.30
CA PRO A 1597 -37.00 -17.71 -35.50
C PRO A 1597 -35.62 -18.34 -35.61
N ASP A 1598 -34.56 -17.65 -35.14
CA ASP A 1598 -33.22 -18.23 -35.20
C ASP A 1598 -33.13 -19.48 -34.35
N PHE A 1599 -33.31 -19.33 -33.03
CA PHE A 1599 -33.41 -20.41 -32.06
C PHE A 1599 -32.11 -21.19 -31.88
N ILE A 1600 -31.07 -20.90 -32.65
CA ILE A 1600 -29.81 -21.64 -32.58
C ILE A 1600 -28.81 -20.94 -31.67
N LEU A 1601 -28.78 -19.61 -31.69
CA LEU A 1601 -27.89 -18.87 -30.79
C LEU A 1601 -28.24 -19.13 -29.33
N GLY A 1602 -29.54 -19.21 -29.01
CA GLY A 1602 -29.94 -19.54 -27.66
C GLY A 1602 -29.52 -20.95 -27.27
N GLN A 1603 -29.62 -21.90 -28.20
CA GLN A 1603 -29.16 -23.26 -27.91
C GLN A 1603 -27.66 -23.30 -27.68
N LEU A 1604 -26.89 -22.53 -28.45
CA LEU A 1604 -25.45 -22.47 -28.21
C LEU A 1604 -25.13 -21.84 -26.87
N TYR A 1605 -25.83 -20.76 -26.51
CA TYR A 1605 -25.61 -20.13 -25.20
C TYR A 1605 -25.97 -21.07 -24.06
N HIS A 1606 -27.01 -21.89 -24.25
CA HIS A 1606 -27.39 -22.85 -23.22
C HIS A 1606 -26.40 -24.01 -23.14
N LEU A 1607 -25.86 -24.45 -24.28
CA LEU A 1607 -24.86 -25.50 -24.28
C LEU A 1607 -23.55 -25.01 -23.65
N SER A 1608 -23.25 -23.73 -23.77
CA SER A 1608 -22.03 -23.16 -23.20
C SER A 1608 -22.13 -22.96 -21.69
N SER A 1609 -23.16 -23.50 -21.04
CA SER A 1609 -23.30 -23.33 -19.59
C SER A 1609 -22.26 -24.14 -18.82
N VAL A 1610 -21.76 -25.23 -19.41
CA VAL A 1610 -20.77 -26.05 -18.73
C VAL A 1610 -19.44 -25.31 -18.66
N GLN A 1611 -18.87 -25.22 -17.46
CA GLN A 1611 -19.48 -25.79 -16.27
C GLN A 1611 -19.81 -24.71 -15.24
N ALA A 1612 -18.86 -23.82 -15.01
CA ALA A 1612 -19.06 -22.73 -14.05
C ALA A 1612 -18.79 -21.39 -14.71
N ALA A 1616 -17.56 -18.61 -15.77
CA ALA A 1616 -18.14 -17.52 -15.01
C ALA A 1616 -18.86 -16.54 -15.92
N LYS A 1617 -18.20 -16.15 -17.01
CA LYS A 1617 -18.75 -15.23 -17.99
C LYS A 1617 -19.63 -15.92 -19.03
N SER A 1618 -20.00 -17.18 -18.80
CA SER A 1618 -20.83 -17.90 -19.75
C SER A 1618 -22.32 -17.80 -19.44
N TRP A 1619 -22.68 -17.41 -18.22
CA TRP A 1619 -24.08 -17.24 -17.85
C TRP A 1619 -24.62 -15.86 -18.21
N ALA A 1620 -23.78 -14.84 -18.19
CA ALA A 1620 -24.24 -13.50 -18.55
C ALA A 1620 -24.62 -13.44 -20.03
N ALA A 1621 -23.87 -14.14 -20.89
CA ALA A 1621 -24.20 -14.16 -22.30
C ALA A 1621 -25.53 -14.85 -22.57
N LEU A 1622 -25.86 -15.87 -21.77
CA LEU A 1622 -27.16 -16.52 -21.91
C LEU A 1622 -28.28 -15.67 -21.35
N ALA A 1623 -28.01 -14.96 -20.24
CA ALA A 1623 -29.03 -14.13 -19.62
C ALA A 1623 -29.38 -12.92 -20.48
N SER A 1624 -28.36 -12.29 -21.09
CA SER A 1624 -28.60 -11.14 -21.94
C SER A 1624 -29.45 -11.49 -23.16
N TRP A 1625 -29.43 -12.75 -23.59
CA TRP A 1625 -30.28 -13.21 -24.69
C TRP A 1625 -31.67 -13.62 -24.19
N ALA A 1626 -31.71 -14.36 -23.08
CA ALA A 1626 -32.98 -14.85 -22.56
C ALA A 1626 -33.88 -13.70 -22.12
N TYR A 1627 -33.35 -12.76 -21.34
CA TYR A 1627 -34.15 -11.63 -20.89
C TYR A 1627 -34.59 -10.76 -22.06
N ARG A 1628 -33.71 -10.57 -23.05
CA ARG A 1628 -34.06 -9.75 -24.20
C ARG A 1628 -35.21 -10.38 -24.99
N TRP A 1629 -35.10 -11.67 -25.30
CA TRP A 1629 -36.15 -12.32 -26.07
C TRP A 1629 -37.39 -12.60 -25.22
N GLY A 1630 -37.30 -12.51 -23.89
CA GLY A 1630 -38.49 -12.59 -23.08
C GLY A 1630 -39.24 -11.28 -23.03
N ARG A 1631 -38.51 -10.16 -22.92
CA ARG A 1631 -39.13 -8.84 -22.95
C ARG A 1631 -39.59 -8.46 -24.35
N LYS A 1632 -39.06 -9.11 -25.38
CA LYS A 1632 -39.47 -8.85 -26.76
C LYS A 1632 -40.60 -9.76 -27.23
N VAL A 1633 -41.15 -10.59 -26.35
CA VAL A 1633 -42.25 -11.49 -26.67
C VAL A 1633 -43.49 -11.20 -25.83
N VAL A 1634 -43.30 -11.02 -24.51
CA VAL A 1634 -44.42 -10.75 -23.64
C VAL A 1634 -45.06 -9.41 -23.95
N ASP A 1635 -44.31 -8.48 -24.56
CA ASP A 1635 -44.91 -7.22 -25.00
C ASP A 1635 -45.61 -7.38 -26.34
N ASN A 1636 -45.11 -8.27 -27.20
CA ASN A 1636 -45.75 -8.53 -28.48
C ASN A 1636 -46.99 -9.40 -28.32
N ALA A 1637 -46.98 -10.34 -27.36
CA ALA A 1637 -48.14 -11.19 -27.12
C ALA A 1637 -49.27 -10.45 -26.45
N SER A 1638 -48.99 -9.32 -25.79
CA SER A 1638 -50.05 -8.55 -25.15
C SER A 1638 -50.94 -7.87 -26.18
N GLN A 1639 -50.41 -7.57 -27.37
CA GLN A 1639 -51.20 -6.96 -28.43
C GLN A 1639 -51.92 -8.00 -29.28
N GLY A 1640 -51.26 -9.12 -29.58
CA GLY A 1640 -51.90 -10.19 -30.32
C GLY A 1640 -52.30 -11.35 -29.44
N GLU A 1641 -51.97 -12.56 -29.87
CA GLU A 1641 -52.30 -13.76 -29.11
C GLU A 1641 -51.40 -14.90 -29.59
N GLY A 1642 -51.48 -16.01 -28.86
CA GLY A 1642 -50.71 -17.19 -29.20
C GLY A 1642 -51.03 -18.38 -28.32
N VAL A 1643 -51.21 -19.55 -28.92
CA VAL A 1643 -51.55 -20.76 -28.18
C VAL A 1643 -51.02 -21.96 -28.94
N ARG A 1644 -50.44 -22.91 -28.21
CA ARG A 1644 -49.90 -24.12 -28.79
C ARG A 1644 -50.97 -25.20 -28.83
N LEU A 1645 -50.63 -26.35 -29.42
CA LEU A 1645 -51.61 -27.42 -29.58
C LEU A 1645 -51.88 -28.12 -28.26
N LEU A 1646 -50.85 -28.32 -27.44
CA LEU A 1646 -51.04 -29.02 -26.16
C LEU A 1646 -51.96 -28.27 -25.21
N PRO A 1647 -51.81 -26.97 -24.96
CA PRO A 1647 -52.74 -26.29 -24.06
C PRO A 1647 -54.12 -26.04 -24.67
N ARG A 1648 -54.26 -26.14 -25.98
CA ARG A 1648 -55.56 -25.93 -26.61
C ARG A 1648 -56.36 -27.21 -26.79
N GLU A 1649 -55.70 -28.37 -26.78
CA GLU A 1649 -56.44 -29.63 -26.88
C GLU A 1649 -57.14 -29.97 -25.57
N LYS A 1650 -56.62 -29.50 -24.44
CA LYS A 1650 -57.25 -29.78 -23.16
C LYS A 1650 -58.64 -29.16 -23.08
N SER A 1651 -58.75 -27.88 -23.48
CA SER A 1651 -60.05 -27.22 -23.46
C SER A 1651 -61.00 -27.83 -24.48
N GLU A 1652 -60.48 -28.33 -25.60
CA GLU A 1652 -61.34 -28.94 -26.61
C GLU A 1652 -61.83 -30.31 -26.17
N VAL A 1653 -61.04 -31.04 -25.39
CA VAL A 1653 -61.44 -32.36 -24.90
C VAL A 1653 -62.19 -32.28 -23.59
N GLN A 1654 -62.17 -31.14 -22.91
CA GLN A 1654 -62.85 -31.01 -21.62
C GLN A 1654 -64.23 -30.37 -21.73
N ASN A 1655 -64.46 -29.52 -22.72
CA ASN A 1655 -65.71 -28.78 -22.86
C ASN A 1655 -66.79 -29.56 -23.59
N LEU A 1656 -66.64 -30.89 -23.69
CA LEU A 1656 -67.71 -31.72 -24.21
C LEU A 1656 -68.91 -31.67 -23.28
N LEU A 1657 -70.11 -31.94 -23.82
CA LEU A 1657 -70.36 -32.16 -25.25
C LEU A 1657 -70.54 -30.94 -26.17
N PRO A 1658 -71.25 -29.88 -25.69
CA PRO A 1658 -72.07 -29.06 -26.60
C PRO A 1658 -71.48 -28.72 -27.97
N ASP A 1659 -70.39 -27.94 -28.00
CA ASP A 1659 -69.90 -27.46 -29.30
C ASP A 1659 -68.50 -26.87 -29.12
N THR A 1660 -67.69 -26.97 -30.17
CA THR A 1660 -66.37 -26.39 -30.20
C THR A 1660 -66.29 -25.12 -31.04
N ILE A 1661 -67.37 -24.76 -31.75
CA ILE A 1661 -67.36 -23.54 -32.53
C ILE A 1661 -67.19 -22.32 -31.63
N THR A 1662 -67.88 -22.30 -30.49
CA THR A 1662 -67.66 -21.24 -29.52
C THR A 1662 -66.28 -21.33 -28.89
N GLU A 1663 -65.74 -22.56 -28.76
CA GLU A 1663 -64.39 -22.71 -28.24
C GLU A 1663 -63.35 -22.13 -29.19
N GLU A 1664 -63.66 -22.10 -30.49
CA GLU A 1664 -62.73 -21.50 -31.45
C GLU A 1664 -62.46 -20.03 -31.12
N GLU A 1665 -63.46 -19.31 -30.62
CA GLU A 1665 -63.25 -17.94 -30.19
C GLU A 1665 -62.86 -17.85 -28.71
N LYS A 1666 -63.27 -18.82 -27.91
CA LYS A 1666 -62.85 -18.85 -26.51
C LYS A 1666 -61.34 -18.98 -26.38
N GLU A 1667 -60.73 -19.78 -27.25
CA GLU A 1667 -59.27 -19.92 -27.23
C GLU A 1667 -58.59 -18.61 -27.61
N ARG A 1668 -59.14 -17.89 -28.58
CA ARG A 1668 -58.57 -16.60 -28.94
C ARG A 1668 -58.71 -15.59 -27.81
N ILE A 1669 -59.87 -15.59 -27.14
CA ILE A 1669 -60.06 -14.70 -26.00
C ILE A 1669 -59.08 -15.03 -24.88
N TYR A 1670 -58.86 -16.32 -24.62
CA TYR A 1670 -57.90 -16.72 -23.60
C TYR A 1670 -56.49 -16.29 -23.98
N GLY A 1671 -56.10 -16.49 -25.23
CA GLY A 1671 -54.77 -16.09 -25.66
C GLY A 1671 -54.56 -14.59 -25.62
N ILE A 1672 -55.63 -13.81 -25.83
CA ILE A 1672 -55.52 -12.36 -25.79
C ILE A 1672 -55.46 -11.87 -24.34
N LEU A 1673 -56.30 -12.43 -23.46
CA LEU A 1673 -56.39 -11.91 -22.10
C LEU A 1673 -55.27 -12.42 -21.21
N GLY A 1674 -54.82 -13.66 -21.41
CA GLY A 1674 -53.77 -14.20 -20.56
C GLY A 1674 -52.43 -13.54 -20.74
N GLN A 1675 -52.14 -13.07 -21.96
CA GLN A 1675 -50.88 -12.41 -22.27
C GLN A 1675 -50.92 -10.91 -22.00
N ALA A 1676 -52.02 -10.40 -21.45
CA ALA A 1676 -52.13 -8.98 -21.14
C ALA A 1676 -51.32 -8.56 -19.92
N VAL A 1677 -50.88 -9.51 -19.11
CA VAL A 1677 -50.09 -9.20 -17.91
C VAL A 1677 -48.64 -8.92 -18.30
N GLU A 1700 -56.67 -9.95 -8.80
CA GLU A 1700 -57.23 -8.80 -9.51
C GLU A 1700 -57.20 -9.03 -11.01
N ASP A 1701 -55.99 -9.14 -11.56
CA ASP A 1701 -55.85 -9.34 -13.00
C ASP A 1701 -56.20 -10.77 -13.41
N ASP A 1702 -55.96 -11.75 -12.53
CA ASP A 1702 -56.27 -13.13 -12.86
C ASP A 1702 -57.77 -13.38 -12.83
N MET A 1703 -58.49 -12.68 -11.95
CA MET A 1703 -59.94 -12.87 -11.87
C MET A 1703 -60.63 -12.49 -13.17
N VAL A 1704 -60.09 -11.49 -13.88
CA VAL A 1704 -60.65 -11.11 -15.18
C VAL A 1704 -60.65 -12.28 -16.14
N ASP A 1705 -59.74 -13.23 -15.95
CA ASP A 1705 -59.68 -14.42 -16.81
C ASP A 1705 -60.99 -15.20 -16.77
N VAL A 1706 -61.77 -15.08 -15.69
CA VAL A 1706 -63.05 -15.75 -15.63
C VAL A 1706 -64.19 -14.86 -16.10
N ILE A 1707 -63.99 -13.55 -16.16
CA ILE A 1707 -65.05 -12.64 -16.58
C ILE A 1707 -65.50 -12.96 -18.00
N TRP A 1708 -64.54 -13.15 -18.90
CA TRP A 1708 -64.84 -13.57 -20.27
C TRP A 1708 -65.10 -15.07 -20.38
N ARG A 1709 -64.93 -15.83 -19.30
CA ARG A 1709 -65.17 -17.27 -19.35
C ARG A 1709 -66.67 -17.58 -19.32
N GLN A 1710 -67.40 -16.96 -18.41
CA GLN A 1710 -68.83 -17.18 -18.28
C GLN A 1710 -69.66 -16.25 -19.15
N LEU A 1711 -69.01 -15.37 -19.93
CA LEU A 1711 -69.74 -14.46 -20.80
C LEU A 1711 -70.22 -15.13 -22.08
N ILE A 1712 -69.49 -16.13 -22.56
CA ILE A 1712 -69.85 -16.85 -23.78
C ILE A 1712 -70.44 -18.22 -23.47
N SER A 1713 -69.73 -19.02 -22.67
CA SER A 1713 -70.23 -20.35 -22.32
C SER A 1713 -71.38 -20.26 -21.33
N SER A 1714 -71.16 -19.59 -20.20
CA SER A 1714 -72.17 -19.42 -19.16
C SER A 1714 -72.68 -20.77 -18.66
N CYS A 1715 -71.75 -21.62 -18.25
CA CYS A 1715 -72.10 -22.95 -17.75
C CYS A 1715 -71.48 -23.18 -16.37
N THR A 1726 -70.54 -26.58 -12.90
CA THR A 1726 -69.33 -26.02 -12.31
C THR A 1726 -68.30 -25.68 -13.40
N GLU A 1727 -67.26 -26.50 -13.51
CA GLU A 1727 -66.19 -26.31 -14.48
C GLU A 1727 -65.54 -24.94 -14.35
N GLY A 1728 -65.41 -24.44 -13.12
CA GLY A 1728 -64.79 -23.15 -12.88
C GLY A 1728 -63.31 -23.19 -12.59
N VAL A 1729 -62.76 -24.38 -12.32
CA VAL A 1729 -61.33 -24.48 -12.04
C VAL A 1729 -60.52 -24.69 -13.32
N ILE A 1730 -61.15 -25.19 -14.38
CA ILE A 1730 -60.43 -25.37 -15.64
C ILE A 1730 -60.17 -24.03 -16.31
N LYS A 1731 -61.01 -23.04 -16.05
CA LYS A 1731 -60.80 -21.70 -16.60
C LYS A 1731 -59.66 -20.97 -15.92
N VAL A 1732 -59.26 -21.39 -14.72
CA VAL A 1732 -58.14 -20.81 -14.01
C VAL A 1732 -56.88 -21.66 -14.16
N TRP A 1733 -57.00 -22.84 -14.75
CA TRP A 1733 -55.86 -23.72 -15.02
C TRP A 1733 -55.41 -23.69 -16.46
N ARG A 1734 -56.34 -23.57 -17.41
CA ARG A 1734 -55.97 -23.44 -18.81
C ARG A 1734 -55.47 -22.03 -19.11
N LYS A 1735 -55.95 -21.03 -18.38
CA LYS A 1735 -55.50 -19.66 -18.58
C LYS A 1735 -54.12 -19.39 -18.01
N VAL A 1736 -53.62 -20.25 -17.12
CA VAL A 1736 -52.28 -20.11 -16.60
C VAL A 1736 -51.30 -21.07 -17.26
N VAL A 1737 -51.77 -22.17 -17.84
CA VAL A 1737 -50.88 -23.05 -18.59
C VAL A 1737 -50.54 -22.45 -19.96
N ASP A 1738 -51.46 -21.68 -20.54
CA ASP A 1738 -51.17 -21.00 -21.79
C ASP A 1738 -50.23 -19.82 -21.58
N ARG A 1739 -50.16 -19.29 -20.36
CA ARG A 1739 -49.23 -18.22 -20.01
C ARG A 1739 -47.99 -18.73 -19.29
N ILE A 1740 -47.85 -20.04 -19.14
CA ILE A 1740 -46.67 -20.60 -18.49
C ILE A 1740 -45.47 -20.55 -19.42
N PHE A 1741 -45.62 -21.10 -20.64
CA PHE A 1741 -44.53 -21.06 -21.61
C PHE A 1741 -44.32 -19.67 -22.17
N SER A 1742 -45.35 -18.83 -22.18
CA SER A 1742 -45.18 -17.44 -22.63
C SER A 1742 -44.32 -16.65 -21.66
N LEU A 1743 -44.36 -16.99 -20.37
CA LEU A 1743 -43.53 -16.37 -19.34
C LEU A 1743 -42.41 -17.31 -18.90
N TYR A 1744 -41.94 -18.18 -19.79
CA TYR A 1744 -40.88 -19.13 -19.47
C TYR A 1744 -39.50 -18.65 -19.87
N LYS A 1745 -39.40 -17.74 -20.85
CA LYS A 1745 -38.10 -17.20 -21.24
C LYS A 1745 -37.51 -16.29 -20.18
N LEU A 1746 -38.33 -15.78 -19.26
CA LEU A 1746 -37.84 -14.94 -18.17
C LEU A 1746 -37.39 -15.76 -16.97
N SER A 1747 -37.96 -16.95 -16.77
CA SER A 1747 -37.52 -17.81 -15.67
C SER A 1747 -36.11 -18.33 -15.93
N CYS A 1748 -35.82 -18.75 -17.17
CA CYS A 1748 -34.47 -19.17 -17.52
C CYS A 1748 -33.48 -18.03 -17.33
N SER A 1749 -33.86 -16.81 -17.69
CA SER A 1749 -33.02 -15.65 -17.46
C SER A 1749 -32.79 -15.37 -15.98
N ALA A 1750 -33.82 -15.48 -15.15
CA ALA A 1750 -33.64 -15.31 -13.71
C ALA A 1750 -32.70 -16.36 -13.14
N TYR A 1751 -32.86 -17.62 -13.55
CA TYR A 1751 -31.96 -18.67 -13.10
C TYR A 1751 -30.52 -18.44 -13.56
N PHE A 1752 -30.35 -17.98 -14.80
CA PHE A 1752 -28.99 -17.70 -15.29
C PHE A 1752 -28.36 -16.55 -14.52
N THR A 1753 -29.13 -15.49 -14.24
CA THR A 1753 -28.59 -14.38 -13.47
C THR A 1753 -28.25 -14.80 -12.05
N PHE A 1754 -29.08 -15.66 -11.45
CA PHE A 1754 -28.78 -16.16 -10.10
C PHE A 1754 -27.51 -16.99 -10.10
N LEU A 1755 -27.36 -17.90 -11.07
CA LEU A 1755 -26.16 -18.72 -11.14
C LEU A 1755 -24.92 -17.90 -11.46
N LYS A 1756 -25.10 -16.77 -12.16
CA LYS A 1756 -23.96 -15.90 -12.45
C LYS A 1756 -23.57 -15.08 -11.23
N LEU A 1757 -24.54 -14.63 -10.44
CA LEU A 1757 -24.24 -13.91 -9.21
C LEU A 1757 -23.65 -14.84 -8.15
N ASN A 1758 -24.02 -16.12 -8.17
CA ASN A 1758 -23.43 -17.07 -7.22
C ASN A 1758 -21.96 -17.29 -7.52
N ALA A 1759 -21.59 -17.35 -8.80
CA ALA A 1759 -20.21 -17.56 -9.22
C ALA A 1759 -19.43 -16.27 -9.33
N GLY A 1760 -19.90 -15.19 -8.71
CA GLY A 1760 -19.21 -13.92 -8.78
C GLY A 1760 -19.45 -13.16 -10.07
N MET A 1784 -21.32 -7.76 -16.45
CA MET A 1784 -21.37 -6.86 -15.32
C MET A 1784 -22.46 -7.27 -14.34
N ILE A 1785 -22.12 -7.30 -13.05
CA ILE A 1785 -23.10 -7.68 -12.03
C ILE A 1785 -24.18 -6.62 -11.89
N VAL A 1786 -23.84 -5.36 -12.15
CA VAL A 1786 -24.83 -4.28 -12.06
C VAL A 1786 -25.92 -4.49 -13.10
N MET A 1787 -25.56 -4.98 -14.28
CA MET A 1787 -26.55 -5.25 -15.32
C MET A 1787 -27.56 -6.29 -14.85
N ALA A 1788 -27.07 -7.42 -14.33
CA ALA A 1788 -27.96 -8.47 -13.85
C ALA A 1788 -28.80 -7.98 -12.69
N THR A 1789 -28.21 -7.18 -11.79
CA THR A 1789 -28.96 -6.66 -10.66
C THR A 1789 -30.10 -5.76 -11.12
N LEU A 1790 -29.82 -4.86 -12.05
CA LEU A 1790 -30.86 -3.97 -12.56
C LEU A 1790 -31.94 -4.74 -13.31
N ARG A 1791 -31.55 -5.76 -14.08
CA ARG A 1791 -32.53 -6.55 -14.80
C ARG A 1791 -33.43 -7.33 -13.84
N LEU A 1792 -32.85 -7.92 -12.78
CA LEU A 1792 -33.66 -8.62 -11.79
C LEU A 1792 -34.58 -7.65 -11.05
N LEU A 1793 -34.10 -6.45 -10.75
CA LEU A 1793 -34.95 -5.48 -10.05
C LEU A 1793 -36.07 -4.98 -10.94
N ARG A 1794 -35.83 -4.85 -12.25
CA ARG A 1794 -36.86 -4.43 -13.18
C ARG A 1794 -37.82 -5.56 -13.54
N LEU A 1795 -37.42 -6.82 -13.36
CA LEU A 1795 -38.28 -7.96 -13.61
C LEU A 1795 -39.11 -8.35 -12.40
N LEU A 1796 -38.61 -8.11 -11.18
CA LEU A 1796 -39.35 -8.47 -9.98
C LEU A 1796 -40.58 -7.58 -9.81
N VAL A 1797 -40.39 -6.26 -9.93
CA VAL A 1797 -41.48 -5.32 -9.66
C VAL A 1797 -42.39 -5.10 -10.86
N LYS A 1798 -41.98 -5.53 -12.05
CA LYS A 1798 -42.85 -5.38 -13.22
C LYS A 1798 -44.06 -6.29 -13.12
N HIS A 1799 -43.83 -7.58 -12.89
CA HIS A 1799 -44.92 -8.55 -12.74
C HIS A 1799 -44.43 -9.65 -11.80
N ALA A 1800 -44.88 -9.59 -10.54
CA ALA A 1800 -44.48 -10.56 -9.53
C ALA A 1800 -45.23 -11.88 -9.62
N GLY A 1801 -46.23 -11.97 -10.51
CA GLY A 1801 -46.95 -13.23 -10.65
C GLY A 1801 -46.11 -14.33 -11.28
N GLU A 1802 -45.12 -13.95 -12.08
CA GLU A 1802 -44.23 -14.92 -12.72
C GLU A 1802 -42.91 -14.23 -13.03
N LEU A 1803 -41.81 -14.85 -12.62
CA LEU A 1803 -41.85 -16.14 -11.93
C LEU A 1803 -41.71 -15.96 -10.42
N ARG A 1804 -42.83 -16.11 -9.71
CA ARG A 1804 -42.79 -15.98 -8.25
C ARG A 1804 -42.10 -17.18 -7.59
N GLN A 1805 -42.21 -18.36 -8.21
CA GLN A 1805 -41.57 -19.54 -7.63
C GLN A 1805 -40.05 -19.53 -7.81
N TYR A 1806 -39.53 -18.68 -8.69
CA TYR A 1806 -38.09 -18.59 -8.92
C TYR A 1806 -37.45 -17.36 -8.29
N LEU A 1807 -38.17 -16.24 -8.24
CA LEU A 1807 -37.61 -15.03 -7.64
C LEU A 1807 -37.64 -15.10 -6.12
N GLU A 1808 -38.76 -15.52 -5.54
CA GLU A 1808 -38.86 -15.61 -4.08
C GLU A 1808 -37.94 -16.70 -3.52
N HIS A 1809 -37.65 -17.74 -4.30
CA HIS A 1809 -36.79 -18.81 -3.86
C HIS A 1809 -35.31 -18.57 -4.16
N GLY A 1810 -34.99 -17.52 -4.91
CA GLY A 1810 -33.61 -17.25 -5.25
C GLY A 1810 -33.08 -15.96 -4.67
N LEU A 1811 -33.96 -14.97 -4.51
CA LEU A 1811 -33.53 -13.68 -3.97
C LEU A 1811 -33.31 -13.73 -2.46
N GLU A 1812 -34.05 -14.58 -1.75
CA GLU A 1812 -33.90 -14.71 -0.31
C GLU A 1812 -32.88 -15.77 0.09
N THR A 1813 -32.43 -16.60 -0.86
CA THR A 1813 -31.46 -17.66 -0.59
C THR A 1813 -30.16 -17.32 -1.31
N THR A 1814 -29.22 -16.71 -0.56
CA THR A 1814 -27.89 -16.27 -0.99
C THR A 1814 -27.87 -15.81 -2.44
N PRO A 1815 -28.50 -14.67 -2.75
CA PRO A 1815 -28.53 -14.20 -4.15
C PRO A 1815 -27.14 -14.00 -4.75
N THR A 1816 -26.29 -13.21 -4.10
CA THR A 1816 -24.94 -12.98 -4.61
C THR A 1816 -23.84 -13.44 -3.64
N ALA A 1817 -23.87 -13.07 -2.35
CA ALA A 1817 -24.79 -12.17 -1.67
C ALA A 1817 -24.02 -11.34 -0.65
N PRO A 1818 -24.35 -10.05 -0.50
CA PRO A 1818 -25.36 -9.28 -1.25
C PRO A 1818 -24.77 -8.62 -2.49
N TRP A 1819 -25.47 -7.65 -3.07
CA TRP A 1819 -25.02 -6.98 -4.29
C TRP A 1819 -24.71 -5.51 -4.06
N ARG A 1820 -24.17 -5.18 -2.89
CA ARG A 1820 -23.49 -3.90 -2.71
C ARG A 1820 -22.33 -3.85 -3.69
N GLY A 1821 -22.01 -2.66 -4.19
CA GLY A 1821 -22.44 -1.35 -3.70
C GLY A 1821 -23.55 -0.64 -4.45
N ILE A 1822 -23.11 0.15 -5.44
CA ILE A 1822 -23.76 1.34 -5.98
C ILE A 1822 -25.26 1.22 -6.24
N ILE A 1823 -25.82 0.01 -6.19
CA ILE A 1823 -27.25 -0.15 -6.42
C ILE A 1823 -28.00 -0.41 -5.11
N PRO A 1824 -28.43 0.63 -4.39
CA PRO A 1824 -29.37 0.44 -3.27
C PRO A 1824 -30.84 0.64 -3.63
N GLN A 1825 -31.18 0.69 -4.92
CA GLN A 1825 -32.49 1.12 -5.40
C GLN A 1825 -33.65 0.37 -4.76
N LEU A 1826 -33.36 -0.74 -4.07
CA LEU A 1826 -34.39 -1.43 -3.31
C LEU A 1826 -35.12 -0.49 -2.36
N PHE A 1827 -34.40 0.48 -1.78
CA PHE A 1827 -35.04 1.45 -0.90
C PHE A 1827 -36.13 2.23 -1.62
N SER A 1828 -35.91 2.55 -2.90
CA SER A 1828 -36.93 3.25 -3.67
C SER A 1828 -38.09 2.33 -4.04
N ARG A 1829 -37.87 1.02 -3.99
CA ARG A 1829 -38.90 0.06 -4.36
C ARG A 1829 -39.60 -0.58 -3.17
N LEU A 1830 -39.22 -0.22 -1.95
CA LEU A 1830 -39.89 -0.77 -0.77
C LEU A 1830 -41.34 -0.30 -0.67
N ASN A 1831 -41.63 0.89 -1.20
CA ASN A 1831 -42.98 1.43 -1.17
C ASN A 1831 -43.73 1.07 -2.45
N HIS A 1832 -43.79 -0.23 -2.73
CA HIS A 1832 -44.44 -0.74 -3.92
C HIS A 1832 -45.93 -0.94 -3.66
N PRO A 1833 -46.75 -0.93 -4.72
CA PRO A 1833 -48.20 -1.08 -4.55
C PRO A 1833 -48.68 -2.52 -4.48
N GLU A 1834 -47.79 -3.50 -4.42
CA GLU A 1834 -48.17 -4.90 -4.36
C GLU A 1834 -47.65 -5.53 -3.08
N VAL A 1835 -48.38 -6.53 -2.60
CA VAL A 1835 -48.00 -7.25 -1.39
C VAL A 1835 -47.04 -8.38 -1.76
N TYR A 1836 -46.34 -8.90 -0.75
CA TYR A 1836 -45.41 -10.01 -0.82
C TYR A 1836 -44.16 -9.70 -1.62
N VAL A 1837 -44.02 -8.49 -2.17
CA VAL A 1837 -42.80 -8.13 -2.87
C VAL A 1837 -41.80 -7.42 -1.96
N ARG A 1838 -42.24 -6.88 -0.82
CA ARG A 1838 -41.34 -6.23 0.12
C ARG A 1838 -40.85 -7.17 1.22
N GLN A 1839 -41.49 -8.33 1.38
CA GLN A 1839 -41.04 -9.27 2.40
C GLN A 1839 -39.66 -9.82 2.08
N SER A 1840 -39.31 -9.91 0.80
CA SER A 1840 -37.97 -10.33 0.40
C SER A 1840 -36.98 -9.17 0.40
N ILE A 1841 -37.44 -7.96 0.06
CA ILE A 1841 -36.57 -6.80 0.08
C ILE A 1841 -36.12 -6.50 1.51
N CYS A 1842 -37.05 -6.62 2.47
CA CYS A 1842 -36.69 -6.39 3.86
C CYS A 1842 -35.68 -7.43 4.36
N ASN A 1843 -35.87 -8.69 3.94
CA ASN A 1843 -34.92 -9.74 4.32
C ASN A 1843 -33.54 -9.48 3.71
N LEU A 1844 -33.50 -9.05 2.44
CA LEU A 1844 -32.22 -8.76 1.80
C LEU A 1844 -31.53 -7.57 2.45
N LEU A 1845 -32.31 -6.56 2.87
CA LEU A 1845 -31.71 -5.43 3.57
C LEU A 1845 -31.21 -5.83 4.95
N CYS A 1846 -31.95 -6.68 5.66
CA CYS A 1846 -31.45 -7.21 6.92
C CYS A 1846 -30.16 -8.00 6.72
N ARG A 1847 -30.07 -8.73 5.60
CA ARG A 1847 -28.86 -9.50 5.34
C ARG A 1847 -27.68 -8.60 5.01
N VAL A 1848 -27.89 -7.56 4.21
CA VAL A 1848 -26.80 -6.64 3.88
C VAL A 1848 -26.42 -5.79 5.08
N ALA A 1849 -27.33 -5.60 6.04
CA ALA A 1849 -26.98 -4.87 7.25
C ALA A 1849 -26.24 -5.75 8.25
N GLN A 1850 -26.60 -7.04 8.32
CA GLN A 1850 -25.94 -7.94 9.26
C GLN A 1850 -24.55 -8.34 8.77
N ASP A 1851 -24.34 -8.37 7.46
CA ASP A 1851 -23.04 -8.73 6.88
C ASP A 1851 -22.44 -7.51 6.22
N SER A 1852 -21.26 -7.10 6.71
CA SER A 1852 -20.54 -5.94 6.22
C SER A 1852 -21.41 -4.69 6.29
N PRO A 1853 -21.74 -4.21 7.50
CA PRO A 1853 -22.58 -3.01 7.62
C PRO A 1853 -21.85 -1.73 7.24
N HIS A 1854 -20.53 -1.76 7.08
CA HIS A 1854 -19.79 -0.57 6.71
C HIS A 1854 -19.93 -0.22 5.23
N LEU A 1855 -20.50 -1.12 4.43
CA LEU A 1855 -20.70 -0.83 3.02
C LEU A 1855 -21.73 0.28 2.82
N ILE A 1856 -22.83 0.22 3.56
CA ILE A 1856 -23.87 1.24 3.50
C ILE A 1856 -24.31 1.57 4.92
N LEU A 1857 -24.27 2.86 5.26
CA LEU A 1857 -24.74 3.32 6.55
C LEU A 1857 -25.67 4.50 6.36
N TYR A 1858 -26.32 4.90 7.45
CA TYR A 1858 -27.43 5.84 7.41
C TYR A 1858 -28.50 5.42 6.39
N PRO A 1859 -28.89 4.13 6.38
CA PRO A 1859 -29.80 3.67 5.32
C PRO A 1859 -31.24 4.10 5.53
N ALA A 1860 -31.71 3.99 6.77
CA ALA A 1860 -33.08 4.34 7.12
C ALA A 1860 -33.19 5.31 8.29
N ILE A 1861 -32.08 5.63 8.96
CA ILE A 1861 -32.13 6.58 10.06
C ILE A 1861 -32.66 7.94 9.59
N VAL A 1862 -32.27 8.34 8.38
CA VAL A 1862 -32.82 9.56 7.80
C VAL A 1862 -34.29 9.39 7.47
N GLY A 1863 -34.66 8.20 6.98
CA GLY A 1863 -36.05 7.96 6.63
C GLY A 1863 -36.97 7.83 7.82
N THR A 1864 -36.47 7.29 8.93
CA THR A 1864 -37.29 7.14 10.13
C THR A 1864 -37.62 8.48 10.78
N ILE A 1865 -36.79 9.50 10.57
CA ILE A 1865 -37.08 10.82 11.14
C ILE A 1865 -38.18 11.51 10.35
N SER A 1866 -38.06 11.53 9.03
CA SER A 1866 -39.06 12.15 8.17
C SER A 1866 -40.18 11.18 7.84
N MET A 1926 -44.64 1.33 3.62
CA MET A 1926 -43.23 1.67 3.59
C MET A 1926 -42.69 1.93 4.99
N GLN A 1927 -43.52 2.55 5.83
CA GLN A 1927 -43.11 2.88 7.19
C GLN A 1927 -42.88 1.62 8.03
N ASP A 1928 -43.47 0.50 7.66
CA ASP A 1928 -43.30 -0.75 8.39
C ASP A 1928 -42.01 -1.48 8.00
N CYS A 1929 -41.25 -0.96 7.04
CA CYS A 1929 -40.00 -1.57 6.60
C CYS A 1929 -38.77 -0.89 7.20
N TYR A 1930 -38.81 0.43 7.37
CA TYR A 1930 -37.68 1.13 7.97
C TYR A 1930 -37.44 0.67 9.40
N SER A 1931 -38.50 0.36 10.15
CA SER A 1931 -38.33 -0.14 11.50
C SER A 1931 -37.73 -1.55 11.50
N LYS A 1932 -38.25 -2.42 10.63
CA LYS A 1932 -37.73 -3.78 10.51
C LYS A 1932 -36.31 -3.83 9.96
N ILE A 1933 -35.84 -2.74 9.36
CA ILE A 1933 -34.44 -2.65 8.98
C ILE A 1933 -33.59 -2.08 10.11
N VAL A 1934 -34.07 -1.03 10.77
CA VAL A 1934 -33.26 -0.35 11.77
C VAL A 1934 -33.11 -1.18 13.03
N ASP A 1935 -34.11 -2.01 13.36
CA ASP A 1935 -33.96 -2.86 14.54
C ASP A 1935 -32.89 -3.93 14.31
N LYS A 1936 -32.85 -4.52 13.11
CA LYS A 1936 -31.80 -5.47 12.79
C LYS A 1936 -30.43 -4.79 12.68
N LEU A 1937 -30.42 -3.52 12.23
CA LEU A 1937 -29.15 -2.80 12.18
C LEU A 1937 -28.64 -2.44 13.57
N SER A 1938 -29.55 -2.20 14.51
CA SER A 1938 -29.19 -1.86 15.88
C SER A 1938 -29.01 -3.07 16.78
N SER A 1939 -29.38 -4.26 16.31
CA SER A 1939 -29.17 -5.47 17.10
C SER A 1939 -27.69 -5.64 17.43
N ALA A 1940 -26.81 -5.33 16.49
CA ALA A 1940 -25.38 -5.39 16.71
C ALA A 1940 -24.84 -3.98 16.98
N ASN A 1941 -24.12 -3.82 18.10
CA ASN A 1941 -23.53 -2.56 18.51
C ASN A 1941 -24.58 -1.45 18.57
N PRO A 1942 -25.48 -1.48 19.56
CA PRO A 1942 -26.51 -0.43 19.63
C PRO A 1942 -25.93 0.95 19.95
N THR A 1943 -24.81 1.01 20.67
CA THR A 1943 -24.18 2.30 20.94
C THR A 1943 -23.69 2.95 19.66
N MET A 1944 -23.16 2.16 18.73
CA MET A 1944 -22.63 2.70 17.48
C MET A 1944 -23.72 3.26 16.58
N VAL A 1945 -24.97 2.80 16.73
CA VAL A 1945 -26.05 3.31 15.90
C VAL A 1945 -26.73 4.46 16.64
N LEU A 1946 -26.75 4.40 17.98
CA LEU A 1946 -27.27 5.52 18.75
C LEU A 1946 -26.41 6.75 18.57
N GLN A 1947 -25.09 6.57 18.46
CA GLN A 1947 -24.19 7.70 18.23
C GLN A 1947 -24.48 8.37 16.91
N VAL A 1948 -24.66 7.59 15.85
CA VAL A 1948 -24.93 8.20 14.54
C VAL A 1948 -26.33 8.76 14.47
N GLN A 1949 -27.29 8.20 15.23
CA GLN A 1949 -28.61 8.79 15.31
C GLN A 1949 -28.55 10.17 15.96
N MET A 1950 -27.82 10.28 17.07
CA MET A 1950 -27.66 11.59 17.71
C MET A 1950 -26.88 12.54 16.82
N LEU A 1951 -25.94 12.03 16.04
CA LEU A 1951 -25.19 12.87 15.10
C LEU A 1951 -26.12 13.43 14.03
N VAL A 1952 -27.00 12.59 13.48
CA VAL A 1952 -27.97 13.06 12.49
C VAL A 1952 -28.93 14.07 13.11
N ALA A 1953 -29.33 13.83 14.36
CA ALA A 1953 -30.20 14.79 15.05
C ALA A 1953 -29.52 16.14 15.22
N GLU A 1954 -28.23 16.13 15.61
CA GLU A 1954 -27.50 17.39 15.76
C GLU A 1954 -27.30 18.08 14.41
N LEU A 1955 -27.03 17.31 13.36
CA LEU A 1955 -26.86 17.89 12.03
C LEU A 1955 -28.15 18.47 11.49
N ARG A 1956 -29.29 17.90 11.89
CA ARG A 1956 -30.58 18.48 11.53
C ARG A 1956 -30.97 19.65 12.42
N ARG A 1957 -30.44 19.73 13.63
CA ARG A 1957 -30.72 20.84 14.54
C ARG A 1957 -29.86 22.07 14.26
N VAL A 1958 -28.63 21.89 13.79
CA VAL A 1958 -27.81 23.04 13.45
C VAL A 1958 -28.33 23.77 12.23
N THR A 1959 -29.11 23.09 11.38
CA THR A 1959 -29.76 23.72 10.25
C THR A 1959 -31.13 24.24 10.66
N VAL A 1960 -31.46 25.46 10.24
CA VAL A 1960 -30.59 26.27 9.38
C VAL A 1960 -29.54 27.14 10.12
N LEU A 1961 -29.86 27.86 11.19
CA LEU A 1961 -31.16 27.89 11.87
C LEU A 1961 -32.12 28.91 11.26
N TRP A 1962 -33.42 28.68 11.44
CA TRP A 1962 -34.45 29.55 10.92
C TRP A 1962 -34.80 30.70 11.85
N ASP A 1963 -33.92 31.04 12.81
CA ASP A 1963 -34.20 32.15 13.71
C ASP A 1963 -34.23 33.47 12.95
N GLU A 1964 -33.19 33.77 12.17
CA GLU A 1964 -33.17 34.96 11.35
C GLU A 1964 -33.77 34.75 9.98
N LEU A 1965 -34.08 33.51 9.61
CA LEU A 1965 -34.69 33.23 8.31
C LEU A 1965 -36.15 33.65 8.24
N TRP A 1966 -36.76 34.04 9.37
CA TRP A 1966 -38.14 34.50 9.33
C TRP A 1966 -38.31 35.74 8.47
N LEU A 1967 -37.26 36.58 8.39
CA LEU A 1967 -37.30 37.73 7.50
C LEU A 1967 -37.47 37.30 6.05
N GLY A 1968 -36.96 36.12 5.69
CA GLY A 1968 -37.20 35.59 4.35
C GLY A 1968 -38.67 35.39 4.05
N VAL A 1969 -39.46 35.08 5.08
CA VAL A 1969 -40.90 35.03 4.91
C VAL A 1969 -41.47 36.44 4.71
N LEU A 1970 -40.90 37.42 5.42
CA LEU A 1970 -41.30 38.81 5.24
C LEU A 1970 -40.68 39.46 4.02
N LEU A 1971 -39.69 38.83 3.40
CA LEU A 1971 -39.07 39.36 2.20
C LEU A 1971 -39.94 39.22 0.96
N GLN A 1972 -41.02 38.44 1.05
CA GLN A 1972 -41.97 38.28 -0.06
C GLN A 1972 -43.21 39.14 0.13
N GLN A 1973 -43.05 40.32 0.70
CA GLN A 1973 -44.15 41.24 0.98
C GLN A 1973 -44.02 42.52 0.16
N HIS A 1974 -43.67 42.37 -1.12
CA HIS A 1974 -43.55 43.53 -2.00
C HIS A 1974 -44.90 44.21 -2.19
N MET A 1975 -45.97 43.41 -2.31
CA MET A 1975 -47.31 43.97 -2.47
C MET A 1975 -48.37 43.26 -1.62
N TYR A 1976 -47.98 42.32 -0.76
CA TYR A 1976 -48.95 41.60 0.05
C TYR A 1976 -49.32 42.39 1.30
N VAL A 1977 -48.33 42.74 2.12
CA VAL A 1977 -48.59 43.46 3.35
C VAL A 1977 -48.92 44.92 3.09
N LEU A 1978 -48.56 45.45 1.92
CA LEU A 1978 -48.85 46.84 1.60
C LEU A 1978 -50.33 47.05 1.28
N ARG A 1979 -51.02 46.02 0.77
CA ARG A 1979 -52.43 46.14 0.45
C ARG A 1979 -53.25 46.51 1.67
N ARG A 1980 -52.89 45.94 2.83
CA ARG A 1980 -53.56 46.32 4.08
C ARG A 1980 -53.42 47.80 4.36
N ILE A 1981 -52.26 48.38 4.02
CA ILE A 1981 -52.08 49.82 4.15
C ILE A 1981 -53.11 50.55 3.28
N GLN A 1982 -53.36 50.04 2.07
CA GLN A 1982 -54.38 50.61 1.20
C GLN A 1982 -55.76 50.59 1.86
N GLN A 1983 -55.98 49.69 2.81
CA GLN A 1983 -57.22 49.70 3.58
C GLN A 1983 -57.14 50.57 4.81
N LEU A 1984 -55.93 50.72 5.38
CA LEU A 1984 -55.78 51.55 6.58
C LEU A 1984 -56.15 53.00 6.29
N GLU A 1985 -55.76 53.50 5.12
CA GLU A 1985 -56.13 54.84 4.68
C GLU A 1985 -57.49 54.86 3.98
N ASP A 1986 -58.29 53.80 4.13
CA ASP A 1986 -59.61 53.71 3.52
C ASP A 1986 -60.74 53.67 4.54
N GLU A 1987 -60.54 53.00 5.67
CA GLU A 1987 -61.61 52.91 6.66
C GLU A 1987 -61.75 54.22 7.43
N VAL A 1988 -60.62 54.87 7.76
CA VAL A 1988 -60.67 56.10 8.54
C VAL A 1988 -61.12 57.30 7.72
N LYS A 1989 -61.19 57.16 6.40
CA LYS A 1989 -61.63 58.26 5.54
C LYS A 1989 -63.12 58.22 5.23
N ARG A 1990 -63.72 57.03 5.19
CA ARG A 1990 -65.14 56.90 4.91
C ARG A 1990 -66.01 57.28 6.09
N VAL A 1991 -65.46 57.30 7.30
CA VAL A 1991 -66.22 57.66 8.49
C VAL A 1991 -65.69 58.96 9.08
N GLU A 2008 -63.90 42.59 11.41
CA GLU A 2008 -62.58 43.04 10.99
C GLU A 2008 -62.28 42.58 9.57
N LYS A 2009 -61.86 43.52 8.73
CA LYS A 2009 -61.51 43.23 7.34
C LYS A 2009 -60.10 43.62 6.95
N HIS A 2010 -59.51 44.62 7.61
CA HIS A 2010 -58.13 45.02 7.34
C HIS A 2010 -57.15 44.44 8.35
N THR A 2011 -57.46 44.51 9.65
CA THR A 2011 -56.59 43.90 10.65
C THR A 2011 -56.63 42.38 10.58
N ALA A 2012 -57.74 41.81 10.09
CA ALA A 2012 -57.84 40.37 9.95
C ALA A 2012 -57.24 39.86 8.64
N LEU A 2013 -56.84 40.75 7.74
CA LEU A 2013 -56.22 40.31 6.50
C LEU A 2013 -54.79 39.83 6.72
N MET A 2014 -54.12 40.32 7.75
CA MET A 2014 -52.77 39.90 8.09
C MET A 2014 -52.77 38.73 9.08
N LYS A 2015 -53.91 38.11 9.31
CA LYS A 2015 -54.01 36.97 10.23
C LYS A 2015 -53.23 35.79 9.68
N PRO A 2016 -53.11 35.66 8.35
CA PRO A 2016 -52.30 34.57 7.82
C PRO A 2016 -50.83 34.67 8.16
N ILE A 2017 -50.30 35.88 8.35
CA ILE A 2017 -48.92 36.04 8.76
C ILE A 2017 -48.74 35.79 10.26
N VAL A 2018 -49.80 35.91 11.05
CA VAL A 2018 -49.69 35.67 12.49
C VAL A 2018 -49.43 34.19 12.76
N PHE A 2019 -49.98 33.30 11.94
CA PHE A 2019 -49.77 31.87 12.13
C PHE A 2019 -48.30 31.50 11.98
N ALA A 2020 -47.54 32.29 11.22
CA ALA A 2020 -46.10 32.08 11.09
C ALA A 2020 -45.31 32.89 12.10
N LEU A 2021 -45.78 34.09 12.44
CA LEU A 2021 -45.09 34.91 13.44
C LEU A 2021 -45.12 34.24 14.80
N GLU A 2022 -46.18 33.51 15.11
CA GLU A 2022 -46.24 32.74 16.36
C GLU A 2022 -45.53 31.40 16.24
N HIS A 2023 -45.51 30.81 15.04
CA HIS A 2023 -44.83 29.53 14.85
C HIS A 2023 -43.32 29.67 14.98
N VAL A 2024 -42.76 30.76 14.45
CA VAL A 2024 -41.32 30.97 14.55
C VAL A 2024 -40.89 31.26 15.99
N ARG A 2025 -41.82 31.72 16.83
CA ARG A 2025 -41.50 31.94 18.24
C ARG A 2025 -41.76 30.69 19.08
N SER A 2026 -42.70 29.84 18.67
CA SER A 2026 -43.00 28.64 19.43
C SER A 2026 -41.94 27.56 19.24
N ILE A 2027 -41.28 27.53 18.09
CA ILE A 2027 -40.26 26.52 17.82
C ILE A 2027 -38.96 26.78 18.57
N THR A 2028 -38.79 27.97 19.14
CA THR A 2028 -37.59 28.32 19.89
C THR A 2028 -37.97 28.43 21.36
N ALA A 2029 -37.89 27.30 22.07
CA ALA A 2029 -38.22 27.27 23.50
C ALA A 2029 -37.45 26.09 24.11
N ALA A 2030 -36.36 26.42 24.81
CA ALA A 2030 -35.54 25.39 25.44
C ALA A 2030 -36.19 24.88 26.72
N GLU A 2037 -23.44 28.37 21.93
CA GLU A 2037 -24.56 29.27 22.17
C GLU A 2037 -25.81 28.50 22.58
N LYS A 2038 -25.61 27.31 23.14
CA LYS A 2038 -26.74 26.52 23.60
C LYS A 2038 -27.48 27.22 24.74
N TRP A 2039 -26.73 27.81 25.67
CA TRP A 2039 -27.33 28.58 26.75
C TRP A 2039 -27.50 30.05 26.40
N PHE A 2040 -26.82 30.53 25.36
CA PHE A 2040 -26.91 31.92 24.94
C PHE A 2040 -27.90 32.15 23.80
N GLN A 2041 -28.60 31.10 23.37
CA GLN A 2041 -29.58 31.28 22.30
C GLN A 2041 -30.77 32.11 22.76
N ASP A 2042 -31.07 32.12 24.06
CA ASP A 2042 -32.15 32.91 24.62
C ASP A 2042 -31.74 34.36 24.85
N ASN A 2043 -30.46 34.69 24.72
CA ASN A 2043 -29.96 36.05 24.88
C ASN A 2043 -29.53 36.67 23.56
N TYR A 2044 -28.98 35.88 22.65
CA TYR A 2044 -28.58 36.39 21.34
C TYR A 2044 -29.68 36.26 20.30
N GLY A 2045 -30.51 35.23 20.39
CA GLY A 2045 -31.61 35.05 19.47
C GLY A 2045 -32.92 35.57 20.03
N ASP A 2046 -33.21 35.23 21.28
CA ASP A 2046 -34.41 35.71 21.96
C ASP A 2046 -34.14 36.99 22.75
N ALA A 2047 -33.59 37.98 22.07
CA ALA A 2047 -33.25 39.25 22.72
C ALA A 2047 -34.46 40.17 22.81
N ILE A 2048 -35.03 40.53 21.66
CA ILE A 2048 -36.16 41.44 21.62
C ILE A 2048 -37.31 40.80 20.86
N GLU A 2049 -37.37 39.46 20.89
CA GLU A 2049 -38.44 38.76 20.19
C GLU A 2049 -39.80 39.04 20.82
N ASN A 2050 -39.84 39.31 22.13
CA ASN A 2050 -41.10 39.61 22.79
C ASN A 2050 -41.52 41.06 22.55
N ALA A 2051 -40.56 41.98 22.52
CA ALA A 2051 -40.85 43.39 22.30
C ALA A 2051 -41.12 43.72 20.84
N LEU A 2052 -41.00 42.75 19.93
CA LEU A 2052 -41.26 42.98 18.51
C LEU A 2052 -42.66 42.60 18.08
N GLU A 2053 -43.39 41.81 18.89
CA GLU A 2053 -44.74 41.38 18.55
C GLU A 2053 -45.76 41.91 19.55
N LYS A 2054 -45.41 42.94 20.33
CA LYS A 2054 -46.34 43.50 21.30
C LYS A 2054 -47.51 44.22 20.65
N LEU A 2055 -47.36 44.66 19.39
CA LEU A 2055 -48.43 45.36 18.69
C LEU A 2055 -48.73 44.80 17.31
N LYS A 2056 -47.77 44.16 16.64
CA LYS A 2056 -48.03 43.64 15.30
C LYS A 2056 -48.92 42.40 15.35
N THR A 2057 -48.69 41.52 16.32
CA THR A 2057 -49.49 40.30 16.40
C THR A 2057 -50.94 40.57 16.80
N PRO A 2058 -51.25 41.39 17.80
CA PRO A 2058 -52.67 41.64 18.10
C PRO A 2058 -53.39 42.46 17.05
N LEU A 2059 -52.67 43.22 16.24
CA LEU A 2059 -53.28 44.02 15.19
C LEU A 2059 -52.72 43.67 13.82
N SER A 2067 -49.97 49.22 10.14
CA SER A 2067 -49.05 49.50 9.05
C SER A 2067 -47.86 48.54 9.06
N TRP A 2068 -47.90 47.59 10.01
CA TRP A 2068 -46.84 46.59 10.18
C TRP A 2068 -45.49 47.26 10.40
N ILE A 2069 -45.46 48.23 11.31
CA ILE A 2069 -44.24 48.98 11.62
C ILE A 2069 -43.24 48.08 12.35
N PRO A 2070 -43.63 47.33 13.41
CA PRO A 2070 -42.63 46.45 14.06
C PRO A 2070 -42.35 45.18 13.26
N PHE A 2071 -41.88 45.37 12.02
CA PHE A 2071 -41.58 44.25 11.14
C PHE A 2071 -40.18 44.37 10.56
N LYS A 2072 -39.71 45.61 10.39
CA LYS A 2072 -38.40 45.85 9.81
C LYS A 2072 -37.28 45.93 10.84
N GLU A 2073 -37.62 46.18 12.11
CA GLU A 2073 -36.59 46.28 13.14
C GLU A 2073 -35.88 44.95 13.35
N ILE A 2074 -36.64 43.85 13.39
CA ILE A 2074 -36.02 42.55 13.59
C ILE A 2074 -35.24 42.12 12.35
N MET A 2075 -35.65 42.59 11.17
CA MET A 2075 -34.94 42.26 9.94
C MET A 2075 -33.68 43.09 9.75
N LEU A 2076 -33.62 44.29 10.32
CA LEU A 2076 -32.44 45.14 10.20
C LEU A 2076 -31.45 44.96 11.34
N SER A 2077 -31.93 44.57 12.53
CA SER A 2077 -31.02 44.35 13.66
C SER A 2077 -30.21 43.08 13.51
N LEU A 2078 -30.69 42.12 12.72
CA LEU A 2078 -29.96 40.87 12.50
C LEU A 2078 -29.13 40.90 11.23
N GLN A 2079 -29.46 41.76 10.28
CA GLN A 2079 -28.68 41.85 9.05
C GLN A 2079 -27.32 42.49 9.27
N GLN A 2080 -27.16 43.31 10.32
CA GLN A 2080 -25.88 43.94 10.59
C GLN A 2080 -24.83 42.95 11.08
N ARG A 2081 -25.26 41.82 11.66
CA ARG A 2081 -24.30 40.82 12.13
C ARG A 2081 -23.62 40.08 10.99
N ALA A 2082 -24.27 40.00 9.83
CA ALA A 2082 -23.65 39.32 8.69
C ALA A 2082 -22.54 40.16 8.08
N GLN A 2083 -22.70 41.49 8.09
CA GLN A 2083 -21.70 42.39 7.53
C GLN A 2083 -20.57 42.69 8.49
N LYS A 2084 -20.66 42.24 9.75
CA LYS A 2084 -19.59 42.49 10.71
C LYS A 2084 -18.37 41.61 10.42
N ARG A 2085 -18.56 40.29 10.47
CA ARG A 2085 -17.49 39.35 10.18
C ARG A 2085 -17.94 38.38 9.09
N ALA A 2086 -16.98 37.62 8.56
CA ALA A 2086 -17.26 36.65 7.51
C ALA A 2086 -17.82 35.36 8.11
N SER A 2087 -17.05 34.70 8.97
CA SER A 2087 -17.49 33.48 9.64
C SER A 2087 -17.93 33.82 11.07
N TYR A 2088 -19.14 34.37 11.16
CA TYR A 2088 -19.69 34.79 12.45
C TYR A 2088 -20.33 33.60 13.17
N ILE A 2089 -19.57 32.52 13.32
CA ILE A 2089 -20.02 31.32 14.02
C ILE A 2089 -18.90 30.84 14.92
N LEU A 2090 -19.25 30.45 16.14
CA LEU A 2090 -18.26 29.98 17.12
C LEU A 2090 -17.82 28.56 16.77
N ARG A 2091 -17.05 27.96 17.67
CA ARG A 2091 -16.52 26.61 17.46
C ARG A 2091 -17.60 25.58 17.79
N LEU A 2092 -17.19 24.32 17.93
CA LEU A 2092 -18.12 23.24 18.24
C LEU A 2092 -18.83 23.41 19.57
N GLU A 2093 -18.48 24.44 20.35
CA GLU A 2093 -19.19 24.78 21.57
C GLU A 2093 -20.47 25.57 21.31
N GLU A 2094 -20.98 25.52 20.07
CA GLU A 2094 -22.16 26.26 19.67
C GLU A 2094 -23.43 25.57 20.14
N ILE A 2095 -24.58 25.97 19.58
CA ILE A 2095 -25.90 25.48 19.93
C ILE A 2095 -25.91 23.96 20.07
N SER A 2096 -25.09 23.28 19.28
CA SER A 2096 -24.94 21.82 19.37
C SER A 2096 -23.56 21.50 19.93
N PRO A 2097 -23.39 21.48 21.25
CA PRO A 2097 -22.07 21.18 21.82
C PRO A 2097 -21.76 19.69 21.92
N TRP A 2098 -22.69 18.82 21.53
CA TRP A 2098 -22.45 17.38 21.64
C TRP A 2098 -21.32 16.93 20.72
N LEU A 2099 -21.11 17.65 19.61
CA LEU A 2099 -20.02 17.29 18.70
C LEU A 2099 -18.67 17.41 19.38
N ALA A 2100 -18.49 18.41 20.24
CA ALA A 2100 -17.25 18.58 20.97
C ALA A 2100 -17.13 17.62 22.15
N ALA A 2101 -18.18 16.88 22.47
CA ALA A 2101 -18.15 15.95 23.60
C ALA A 2101 -17.80 14.52 23.17
N MET A 2102 -18.28 14.09 22.01
CA MET A 2102 -18.00 12.75 21.50
C MET A 2102 -16.57 12.71 20.96
N THR A 2103 -15.62 12.62 21.89
CA THR A 2103 -14.21 12.62 21.55
C THR A 2103 -13.72 11.27 21.02
N ASN A 2104 -14.60 10.27 20.92
CA ASN A 2104 -14.22 8.97 20.41
C ASN A 2104 -15.48 8.20 20.07
N THR A 2105 -15.42 7.43 18.97
CA THR A 2105 -16.57 6.62 18.54
C THR A 2105 -16.05 5.49 17.68
N GLU A 2106 -16.94 4.55 17.39
CA GLU A 2106 -16.60 3.40 16.56
C GLU A 2106 -16.69 3.80 15.08
N ILE A 2107 -16.62 2.81 14.20
CA ILE A 2107 -16.72 3.07 12.76
C ILE A 2107 -18.10 3.60 12.44
N ALA A 2108 -18.16 4.78 11.81
CA ALA A 2108 -19.43 5.42 11.48
C ALA A 2108 -19.62 5.69 10.00
N LEU A 2109 -18.56 5.57 9.18
CA LEU A 2109 -18.62 5.79 7.74
C LEU A 2109 -19.23 7.15 7.41
N PRO A 2110 -18.48 8.24 7.61
CA PRO A 2110 -19.04 9.58 7.35
C PRO A 2110 -19.24 9.86 5.87
N GLY A 2111 -20.19 9.16 5.25
CA GLY A 2111 -20.48 9.38 3.84
C GLY A 2111 -19.37 8.93 2.92
N GLU A 2112 -18.98 7.67 3.01
CA GLU A 2112 -17.91 7.12 2.19
C GLU A 2112 -18.16 5.63 2.00
N VAL A 2113 -17.17 4.93 1.48
CA VAL A 2113 -17.27 3.49 1.25
C VAL A 2113 -16.04 2.78 1.78
N VAL A 2119 -15.36 5.14 8.06
CA VAL A 2119 -14.17 4.46 8.58
C VAL A 2119 -13.36 5.44 9.43
N THR A 2120 -13.30 6.69 9.00
CA THR A 2120 -12.54 7.74 9.68
C THR A 2120 -13.52 8.83 10.13
N ILE A 2121 -14.14 8.60 11.29
CA ILE A 2121 -15.05 9.57 11.90
C ILE A 2121 -14.67 9.74 13.36
N HIS A 2122 -13.37 9.65 13.65
CA HIS A 2122 -12.87 9.31 14.98
C HIS A 2122 -13.38 10.19 16.11
N SER A 2123 -13.00 11.49 16.13
CA SER A 2123 -13.38 12.34 17.26
C SER A 2123 -14.26 13.50 16.86
N VAL A 2124 -13.77 14.44 16.04
CA VAL A 2124 -14.50 15.68 15.77
C VAL A 2124 -13.76 16.43 14.67
N GLY A 2125 -14.49 17.27 13.94
CA GLY A 2125 -13.86 18.21 13.03
C GLY A 2125 -13.28 19.42 13.75
N GLY A 2126 -12.58 20.25 12.98
CA GLY A 2126 -11.95 21.42 13.54
C GLY A 2126 -12.90 22.54 13.87
N THR A 2127 -13.54 23.11 12.84
CA THR A 2127 -14.48 24.20 13.02
C THR A 2127 -15.31 24.33 11.75
N ILE A 2128 -16.37 25.12 11.83
CA ILE A 2128 -17.25 25.36 10.69
C ILE A 2128 -17.13 26.81 10.26
N THR A 2129 -17.46 27.05 9.00
CA THR A 2129 -17.37 28.39 8.41
C THR A 2129 -18.73 28.78 7.83
N ILE A 2130 -18.96 30.08 7.75
CA ILE A 2130 -20.26 30.58 7.28
C ILE A 2130 -20.36 30.60 5.76
N LEU A 2131 -19.24 30.62 5.04
CA LEU A 2131 -19.20 30.66 3.57
C LEU A 2131 -20.03 31.82 3.04
N PRO A 2132 -19.53 33.06 3.15
CA PRO A 2132 -20.31 34.21 2.69
C PRO A 2132 -20.44 34.31 1.17
N THR A 2133 -19.90 33.36 0.41
CA THR A 2133 -20.03 33.41 -1.03
C THR A 2133 -21.45 33.12 -1.48
N LYS A 2134 -21.99 31.97 -1.08
CA LYS A 2134 -23.35 31.58 -1.41
C LYS A 2134 -24.10 31.23 -0.12
N THR A 2135 -25.36 30.86 -0.27
CA THR A 2135 -26.21 30.51 0.86
C THR A 2135 -26.82 29.13 0.62
N LYS A 2136 -26.67 28.25 1.61
CA LYS A 2136 -25.95 28.55 2.84
C LYS A 2136 -25.03 27.40 3.23
N PRO A 2137 -23.80 27.40 2.71
CA PRO A 2137 -22.88 26.31 3.01
C PRO A 2137 -22.16 26.52 4.33
N LYS A 2138 -21.81 25.40 4.96
CA LYS A 2138 -21.08 25.39 6.24
C LYS A 2138 -20.00 24.33 6.15
N LYS A 2139 -18.81 24.74 5.70
CA LYS A 2139 -17.71 23.81 5.52
C LYS A 2139 -17.13 23.41 6.88
N LEU A 2140 -17.07 22.10 7.13
CA LEU A 2140 -16.54 21.57 8.38
C LEU A 2140 -15.68 20.36 8.09
N LEU A 2141 -14.75 20.08 9.00
CA LEU A 2141 -13.88 18.93 8.91
C LEU A 2141 -14.46 17.75 9.70
N PHE A 2142 -13.76 16.62 9.67
CA PHE A 2142 -14.13 15.49 10.51
C PHE A 2142 -12.91 14.97 11.27
N LEU A 2143 -11.72 15.13 10.68
CA LEU A 2143 -10.46 14.72 11.31
C LEU A 2143 -10.50 13.26 11.76
N GLY A 2144 -10.86 12.38 10.83
CA GLY A 2144 -10.96 10.97 11.12
C GLY A 2144 -9.61 10.32 11.31
N SER A 2145 -9.65 9.02 11.57
CA SER A 2145 -8.44 8.23 11.77
C SER A 2145 -7.67 8.07 10.48
N SER A 2149 -9.36 16.41 8.10
CA SER A 2149 -8.79 15.53 7.09
C SER A 2149 -9.78 15.30 5.95
N TYR A 2150 -11.08 15.28 6.29
CA TYR A 2150 -12.14 15.06 5.32
C TYR A 2150 -13.14 16.21 5.41
N PRO A 2151 -13.00 17.23 4.57
CA PRO A 2151 -13.90 18.38 4.66
C PRO A 2151 -15.28 18.06 4.06
N TYR A 2152 -16.31 18.49 4.78
CA TYR A 2152 -17.69 18.36 4.34
C TYR A 2152 -18.39 19.70 4.51
N LEU A 2153 -19.62 19.78 4.01
CA LEU A 2153 -20.43 20.98 4.14
C LEU A 2153 -21.90 20.61 4.06
N PHE A 2154 -22.72 21.39 4.77
CA PHE A 2154 -24.16 21.18 4.82
C PHE A 2154 -24.86 22.05 3.79
N LYS A 2155 -26.05 21.60 3.39
CA LYS A 2155 -26.89 22.33 2.45
C LYS A 2155 -28.32 22.27 2.96
N GLY A 2156 -28.88 23.44 3.28
CA GLY A 2156 -30.24 23.52 3.77
C GLY A 2156 -31.18 24.18 2.79
N LEU A 2157 -32.49 23.95 2.95
CA LEU A 2157 -33.52 24.50 2.08
C LEU A 2157 -33.30 24.08 0.63
N GLU A 2158 -32.64 22.94 0.41
CA GLU A 2158 -32.37 22.43 -0.93
C GLU A 2158 -32.54 20.92 -0.91
N ASP A 2159 -33.39 20.41 -1.80
CA ASP A 2159 -33.67 18.98 -1.87
C ASP A 2159 -32.48 18.27 -2.50
N LEU A 2160 -31.64 17.69 -1.65
CA LEU A 2160 -30.45 16.97 -2.12
C LEU A 2160 -30.74 15.47 -2.23
N HIS A 2161 -31.65 15.15 -3.14
CA HIS A 2161 -31.99 13.77 -3.47
C HIS A 2161 -31.73 13.40 -4.92
N LEU A 2162 -31.94 14.33 -5.85
CA LEU A 2162 -31.58 14.07 -7.24
C LEU A 2162 -30.07 14.13 -7.44
N ASP A 2163 -29.38 14.96 -6.65
CA ASP A 2163 -27.93 15.04 -6.73
C ASP A 2163 -27.25 13.75 -6.31
N GLU A 2164 -27.93 12.89 -5.55
CA GLU A 2164 -27.39 11.58 -5.23
C GLU A 2164 -27.59 10.60 -6.38
N ARG A 2165 -28.74 10.67 -7.05
CA ARG A 2165 -28.96 9.86 -8.24
C ARG A 2165 -27.99 10.25 -9.35
N ILE A 2166 -27.62 11.53 -9.44
CA ILE A 2166 -26.66 11.95 -10.44
C ILE A 2166 -25.29 11.32 -10.17
N MET A 2167 -24.87 11.31 -8.91
CA MET A 2167 -23.58 10.69 -8.59
C MET A 2167 -23.63 9.17 -8.75
N GLN A 2168 -24.79 8.57 -8.48
CA GLN A 2168 -24.94 7.13 -8.75
C GLN A 2168 -24.82 6.84 -10.24
N PHE A 2169 -25.42 7.68 -11.07
CA PHE A 2169 -25.28 7.52 -12.53
C PHE A 2169 -23.83 7.70 -12.96
N LEU A 2170 -23.13 8.68 -12.37
CA LEU A 2170 -21.72 8.88 -12.70
C LEU A 2170 -20.89 7.67 -12.30
N SER A 2171 -21.20 7.06 -11.14
CA SER A 2171 -20.47 5.88 -10.71
C SER A 2171 -20.77 4.68 -11.59
N ILE A 2172 -22.02 4.56 -12.07
CA ILE A 2172 -22.35 3.50 -13.01
C ILE A 2172 -21.64 3.71 -14.34
N VAL A 2173 -21.45 4.96 -14.74
CA VAL A 2173 -20.69 5.24 -15.95
C VAL A 2173 -19.22 4.88 -15.75
N ASN A 2174 -18.67 5.20 -14.58
CA ASN A 2174 -17.25 4.94 -14.33
C ASN A 2174 -16.94 3.45 -14.19
N THR A 2175 -17.90 2.64 -13.75
CA THR A 2175 -17.65 1.21 -13.63
C THR A 2175 -17.74 0.48 -14.96
N MET A 2176 -18.20 1.15 -16.02
CA MET A 2176 -18.19 0.57 -17.35
C MET A 2176 -16.89 0.85 -18.10
N PHE A 2177 -16.13 1.86 -17.67
CA PHE A 2177 -14.84 2.14 -18.29
C PHE A 2177 -13.71 1.27 -17.75
N ALA A 2178 -13.94 0.58 -16.63
CA ALA A 2178 -12.90 -0.26 -16.05
C ALA A 2178 -12.52 -1.43 -16.94
N THR A 2179 -13.40 -1.84 -17.85
CA THR A 2179 -13.08 -2.92 -18.77
C THR A 2179 -12.02 -2.49 -19.78
N ILE A 2180 -11.92 -1.19 -20.06
CA ILE A 2180 -10.95 -0.66 -21.01
C ILE A 2180 -9.92 0.24 -20.35
N ASN A 2181 -9.93 0.37 -19.03
CA ASN A 2181 -8.96 1.20 -18.31
C ASN A 2181 -7.69 0.43 -18.00
N ARG A 2182 -7.09 -0.18 -19.03
CA ARG A 2182 -5.82 -0.90 -18.89
C ARG A 2182 -4.87 -0.38 -19.96
N GLN A 2183 -4.19 0.72 -19.64
CA GLN A 2183 -3.15 1.33 -20.48
C GLN A 2183 -3.63 1.52 -21.93
N GLU A 2184 -4.58 2.44 -22.15
CA GLU A 2184 -5.26 3.37 -21.22
C GLU A 2184 -4.41 4.10 -20.17
N THR A 2185 -3.36 4.79 -20.61
CA THR A 2185 -2.58 5.60 -19.67
C THR A 2185 -3.38 6.83 -19.24
N PRO A 2186 -4.07 7.53 -20.16
CA PRO A 2186 -5.06 8.52 -19.67
C PRO A 2186 -6.36 7.82 -19.28
N ARG A 2187 -6.38 7.31 -18.05
CA ARG A 2187 -7.48 6.49 -17.58
C ARG A 2187 -8.79 7.29 -17.57
N PHE A 2188 -9.84 6.67 -18.13
CA PHE A 2188 -11.16 7.28 -18.12
C PHE A 2188 -11.69 7.30 -16.68
N HIS A 2189 -11.99 8.49 -16.17
CA HIS A 2189 -12.46 8.61 -14.79
C HIS A 2189 -13.22 9.92 -14.65
N ALA A 2190 -14.50 9.82 -14.30
CA ALA A 2190 -15.32 10.98 -13.97
C ALA A 2190 -15.31 11.16 -12.46
N ARG A 2191 -14.93 12.36 -12.00
CA ARG A 2191 -14.79 12.61 -10.58
C ARG A 2191 -16.13 12.52 -9.86
N HIS A 2192 -16.20 11.69 -8.84
CA HIS A 2192 -17.42 11.49 -8.08
C HIS A 2192 -17.63 12.65 -7.11
N TYR A 2193 -18.68 12.55 -6.30
CA TYR A 2193 -19.01 13.57 -5.31
C TYR A 2193 -19.83 12.90 -4.21
N SER A 2194 -19.18 12.63 -3.08
CA SER A 2194 -19.83 11.92 -1.98
C SER A 2194 -20.88 12.82 -1.33
N VAL A 2195 -22.16 12.48 -1.52
CA VAL A 2195 -23.27 13.23 -0.96
C VAL A 2195 -24.13 12.29 -0.13
N THR A 2196 -24.92 12.87 0.77
CA THR A 2196 -25.87 12.09 1.57
C THR A 2196 -27.01 12.99 2.05
N PRO A 2197 -28.26 12.60 1.80
CA PRO A 2197 -29.38 13.42 2.24
C PRO A 2197 -29.64 13.27 3.73
N LEU A 2198 -29.92 14.39 4.39
CA LEU A 2198 -30.25 14.43 5.81
C LEU A 2198 -31.70 14.84 6.04
N GLY A 2199 -32.59 14.44 5.14
CA GLY A 2199 -33.99 14.80 5.21
C GLY A 2199 -34.39 15.71 4.08
N THR A 2200 -35.68 16.07 4.08
CA THR A 2200 -36.21 16.97 3.07
C THR A 2200 -35.57 18.35 3.20
N ARG A 2201 -35.05 18.85 2.08
CA ARG A 2201 -34.38 20.17 2.03
C ARG A 2201 -33.19 20.21 2.98
N SER A 2202 -32.45 19.11 3.05
CA SER A 2202 -31.26 19.04 3.91
C SER A 2202 -30.33 17.97 3.35
N GLY A 2203 -29.04 18.28 3.31
CA GLY A 2203 -28.06 17.33 2.82
C GLY A 2203 -26.67 17.67 3.29
N LEU A 2204 -25.76 16.72 3.11
CA LEU A 2204 -24.36 16.87 3.49
C LEU A 2204 -23.50 16.34 2.36
N ILE A 2205 -22.61 17.19 1.84
CA ILE A 2205 -21.75 16.83 0.72
C ILE A 2205 -20.30 17.06 1.13
N GLN A 2206 -19.38 16.66 0.25
CA GLN A 2206 -17.97 16.92 0.45
C GLN A 2206 -17.60 18.27 -0.17
N TRP A 2207 -16.62 18.93 0.43
CA TRP A 2207 -16.30 20.30 0.01
C TRP A 2207 -15.43 20.31 -1.25
N VAL A 2208 -14.19 19.82 -1.14
CA VAL A 2208 -13.30 19.79 -2.28
C VAL A 2208 -12.09 18.91 -1.98
N ASP A 2209 -11.49 18.35 -3.03
CA ASP A 2209 -10.16 17.75 -2.92
C ASP A 2209 -9.13 18.83 -3.26
N GLY A 2210 -7.87 18.43 -3.44
CA GLY A 2210 -6.86 19.39 -3.84
C GLY A 2210 -7.07 19.88 -5.26
N ALA A 2211 -7.65 21.07 -5.40
CA ALA A 2211 -8.00 21.61 -6.71
C ALA A 2211 -8.33 23.10 -6.60
N THR A 2212 -7.78 23.90 -7.51
CA THR A 2212 -8.05 25.33 -7.53
C THR A 2212 -9.05 25.67 -8.63
N PRO A 2213 -9.95 26.63 -8.39
CA PRO A 2213 -10.94 26.99 -9.41
C PRO A 2213 -10.30 27.64 -10.63
N LEU A 2214 -11.04 27.62 -11.73
CA LEU A 2214 -10.59 28.27 -12.95
C LEU A 2214 -10.75 29.78 -12.92
N PHE A 2215 -11.56 30.30 -12.00
CA PHE A 2215 -11.72 31.75 -11.87
C PHE A 2215 -10.57 32.40 -11.11
N GLY A 2216 -9.84 31.63 -10.31
CA GLY A 2216 -8.72 32.19 -9.57
C GLY A 2216 -7.61 32.67 -10.48
N LEU A 2217 -7.26 31.87 -11.49
CA LEU A 2217 -6.21 32.27 -12.43
C LEU A 2217 -6.64 33.43 -13.32
N TYR A 2218 -7.92 33.78 -13.34
CA TYR A 2218 -8.40 34.96 -14.05
C TYR A 2218 -8.42 36.20 -13.16
N LYS A 2219 -8.83 36.05 -11.89
CA LYS A 2219 -8.76 37.17 -10.96
C LYS A 2219 -7.31 37.56 -10.70
N ARG A 2220 -6.42 36.57 -10.59
CA ARG A 2220 -5.00 36.89 -10.44
C ARG A 2220 -4.44 37.58 -11.67
N TRP A 2221 -4.89 37.18 -12.86
CA TRP A 2221 -4.46 37.87 -14.08
C TRP A 2221 -4.95 39.30 -14.10
N GLN A 2222 -6.20 39.52 -13.69
CA GLN A 2222 -6.73 40.89 -13.60
C GLN A 2222 -5.92 41.73 -12.62
N GLN A 2223 -5.58 41.16 -11.46
CA GLN A 2223 -4.79 41.89 -10.48
C GLN A 2223 -3.40 42.20 -11.00
N ARG A 2224 -2.77 41.26 -11.71
CA ARG A 2224 -1.46 41.51 -12.28
C ARG A 2224 -1.51 42.58 -13.36
N GLU A 2225 -2.55 42.56 -14.20
CA GLU A 2225 -2.69 43.60 -15.21
C GLU A 2225 -2.92 44.96 -14.57
N ALA A 2226 -3.71 45.01 -13.49
CA ALA A 2226 -3.91 46.28 -12.79
C ALA A 2226 -2.61 46.79 -12.17
N ALA A 2227 -1.82 45.89 -11.59
CA ALA A 2227 -0.55 46.29 -11.01
C ALA A 2227 0.43 46.76 -12.07
N LEU A 2228 0.38 46.14 -13.26
CA LEU A 2228 1.26 46.57 -14.35
C LEU A 2228 0.83 47.93 -14.89
N GLN A 2229 -0.48 48.16 -15.00
CA GLN A 2229 -0.97 49.47 -15.45
C GLN A 2229 -0.68 50.55 -14.43
N ALA A 2230 -0.69 50.22 -13.13
CA ALA A 2230 -0.41 51.20 -12.11
C ALA A 2230 1.07 51.59 -12.07
N GLN A 2231 1.94 50.82 -12.73
CA GLN A 2231 3.36 51.11 -12.78
C GLN A 2231 3.75 51.97 -13.97
N LYS A 2232 2.79 52.66 -14.57
CA LYS A 2232 3.06 53.52 -15.73
C LYS A 2232 2.60 54.95 -15.47
N ILE A 2245 -10.56 46.10 -7.96
CA ILE A 2245 -9.75 45.25 -8.83
C ILE A 2245 -10.00 45.53 -10.33
N VAL A 2246 -11.24 45.61 -10.83
CA VAL A 2246 -12.50 45.38 -10.12
C VAL A 2246 -12.89 43.89 -10.01
N PRO A 2247 -12.77 43.11 -11.10
CA PRO A 2247 -12.38 43.36 -12.51
C PRO A 2247 -13.33 44.20 -13.38
N ARG A 2248 -14.67 44.08 -13.33
CA ARG A 2248 -15.43 43.07 -12.58
C ARG A 2248 -15.92 41.98 -13.54
N PRO A 2249 -16.17 40.77 -13.02
CA PRO A 2249 -16.64 39.69 -13.90
C PRO A 2249 -18.00 39.96 -14.51
N SER A 2250 -18.78 40.90 -13.96
CA SER A 2250 -20.08 41.25 -14.51
C SER A 2250 -20.18 42.69 -14.99
N GLU A 2251 -19.34 43.59 -14.47
CA GLU A 2251 -19.37 45.00 -14.86
C GLU A 2251 -18.49 45.31 -16.06
N LEU A 2252 -17.65 44.37 -16.49
CA LEU A 2252 -16.80 44.59 -17.65
C LEU A 2252 -17.52 44.36 -18.98
N TYR A 2253 -18.46 43.41 -19.02
CA TYR A 2253 -19.21 43.17 -20.25
C TYR A 2253 -20.10 44.36 -20.60
N TYR A 2254 -20.58 45.08 -19.59
CA TYR A 2254 -21.40 46.27 -19.83
C TYR A 2254 -20.56 47.51 -20.13
N SER A 2255 -19.24 47.45 -19.90
CA SER A 2255 -18.39 48.60 -20.18
C SER A 2255 -18.11 48.77 -21.67
N LYS A 2256 -18.34 47.74 -22.48
CA LYS A 2256 -18.13 47.82 -23.91
C LYS A 2256 -19.39 47.59 -24.74
N ILE A 2257 -20.44 47.00 -24.15
CA ILE A 2257 -21.69 46.81 -24.88
C ILE A 2257 -22.52 48.08 -24.95
N GLY A 2258 -22.14 49.12 -24.23
CA GLY A 2258 -22.86 50.38 -24.23
C GLY A 2258 -22.93 51.01 -25.61
N PRO A 2259 -21.77 51.42 -26.14
CA PRO A 2259 -21.76 52.01 -27.50
C PRO A 2259 -22.06 50.98 -28.57
N ALA A 2260 -23.33 50.60 -28.71
CA ALA A 2260 -23.73 49.62 -29.70
C ALA A 2260 -24.69 50.24 -30.71
N ARG A 2272 -32.88 46.24 -24.19
CA ARG A 2272 -34.10 45.51 -23.89
C ARG A 2272 -33.80 44.04 -23.58
N ARG A 2273 -34.10 43.17 -24.55
CA ARG A 2273 -33.85 41.74 -24.37
C ARG A 2273 -32.35 41.42 -24.37
N ASP A 2274 -31.58 41.84 -25.39
CA ASP A 2274 -31.99 42.65 -26.54
C ASP A 2274 -31.59 41.97 -27.85
N TRP A 2275 -31.69 42.72 -28.96
CA TRP A 2275 -31.26 42.26 -30.29
C TRP A 2275 -30.13 43.17 -30.77
N PRO A 2276 -28.90 42.96 -30.30
CA PRO A 2276 -27.81 43.88 -30.69
C PRO A 2276 -27.37 43.82 -32.15
N LEU A 2277 -27.25 42.67 -32.82
CA LEU A 2277 -27.64 41.33 -32.37
C LEU A 2277 -26.58 40.21 -32.37
N HIS A 2278 -25.64 40.04 -33.34
CA HIS A 2278 -25.20 40.87 -34.49
C HIS A 2278 -24.37 42.07 -34.04
N VAL A 2279 -24.29 42.29 -32.73
CA VAL A 2279 -23.26 43.15 -32.16
C VAL A 2279 -22.54 42.36 -31.07
N MET A 2280 -23.24 41.38 -30.50
CA MET A 2280 -22.61 40.52 -29.50
C MET A 2280 -21.49 39.67 -30.11
N LYS A 2281 -21.67 39.23 -31.36
CA LYS A 2281 -20.64 38.47 -32.04
C LYS A 2281 -19.40 39.32 -32.33
N ALA A 2282 -19.55 40.64 -32.44
CA ALA A 2282 -18.43 41.53 -32.66
C ALA A 2282 -17.80 42.00 -31.36
N VAL A 2283 -18.60 42.25 -30.34
CA VAL A 2283 -18.06 42.70 -29.05
C VAL A 2283 -17.40 41.56 -28.29
N LEU A 2284 -17.75 40.30 -28.60
CA LEU A 2284 -17.09 39.18 -27.95
C LEU A 2284 -15.66 39.03 -28.44
N GLU A 2285 -15.42 39.31 -29.73
CA GLU A 2285 -14.07 39.26 -30.27
C GLU A 2285 -13.18 40.37 -29.72
N GLU A 2286 -13.78 41.44 -29.19
CA GLU A 2286 -12.99 42.51 -28.59
C GLU A 2286 -12.46 42.14 -27.22
N LEU A 2287 -13.05 41.14 -26.56
CA LEU A 2287 -12.58 40.67 -25.26
C LEU A 2287 -11.72 39.42 -25.36
N MET A 2288 -11.97 38.56 -26.34
CA MET A 2288 -11.14 37.37 -26.52
C MET A 2288 -9.74 37.73 -27.00
N GLU A 2289 -9.60 38.85 -27.71
CA GLU A 2289 -8.30 39.32 -28.17
C GLU A 2289 -7.59 40.18 -27.14
N ALA A 2290 -8.14 40.29 -25.94
CA ALA A 2290 -7.52 41.02 -24.84
C ALA A 2290 -6.91 40.13 -23.78
N THR A 2291 -7.61 39.05 -23.40
CA THR A 2291 -7.05 38.09 -22.45
C THR A 2291 -6.20 37.07 -23.19
N PRO A 2292 -5.05 36.69 -22.64
CA PRO A 2292 -4.20 35.71 -23.29
C PRO A 2292 -4.82 34.32 -23.25
N PRO A 2293 -4.75 33.57 -24.34
CA PRO A 2293 -5.37 32.23 -24.38
C PRO A 2293 -4.57 31.16 -23.66
N ASN A 2294 -3.54 31.52 -22.90
CA ASN A 2294 -2.71 30.56 -22.19
C ASN A 2294 -2.71 30.82 -20.69
N LEU A 2295 -3.85 31.27 -20.15
CA LEU A 2295 -3.96 31.45 -18.71
C LEU A 2295 -4.00 30.13 -17.98
N LEU A 2296 -4.43 29.06 -18.62
CA LEU A 2296 -4.41 27.72 -18.04
C LEU A 2296 -3.29 26.84 -18.59
N ALA A 2297 -2.91 27.04 -19.86
CA ALA A 2297 -1.81 26.27 -20.42
C ALA A 2297 -0.48 26.61 -19.76
N LYS A 2298 -0.28 27.87 -19.38
CA LYS A 2298 0.91 28.28 -18.64
C LYS A 2298 0.80 28.00 -17.15
N GLU A 2299 -0.31 27.42 -16.70
CA GLU A 2299 -0.49 27.02 -15.31
C GLU A 2299 -0.14 25.56 -15.06
N LEU A 2300 -0.63 24.65 -15.90
CA LEU A 2300 -0.19 23.26 -15.83
C LEU A 2300 1.27 23.12 -16.27
N TRP A 2301 1.77 24.04 -17.08
CA TRP A 2301 3.17 24.01 -17.49
C TRP A 2301 4.09 24.48 -16.37
N SER A 2302 3.63 25.45 -15.57
CA SER A 2302 4.41 25.94 -14.44
C SER A 2302 4.27 25.06 -13.21
N SER A 2303 3.17 24.30 -13.10
CA SER A 2303 2.95 23.42 -11.96
C SER A 2303 3.52 22.02 -12.17
N CYS A 2304 4.47 21.87 -13.09
CA CYS A 2304 5.14 20.60 -13.34
C CYS A 2304 6.62 20.86 -13.52
N THR A 2305 7.44 20.31 -12.61
CA THR A 2305 8.87 20.59 -12.65
C THR A 2305 9.54 19.81 -13.77
N THR A 2306 9.09 18.60 -14.04
CA THR A 2306 9.73 17.75 -15.03
C THR A 2306 9.08 17.91 -16.39
N PRO A 2307 9.84 17.73 -17.48
CA PRO A 2307 9.24 17.76 -18.81
C PRO A 2307 8.40 16.53 -19.14
N ASP A 2308 8.45 15.50 -18.31
CA ASP A 2308 7.62 14.31 -18.49
C ASP A 2308 6.35 14.35 -17.66
N GLU A 2309 6.42 14.89 -16.43
CA GLU A 2309 5.22 15.09 -15.64
C GLU A 2309 4.25 16.04 -16.33
N TRP A 2310 4.78 17.06 -17.01
CA TRP A 2310 3.94 17.97 -17.77
C TRP A 2310 3.18 17.24 -18.87
N TRP A 2311 3.85 16.31 -19.55
CA TRP A 2311 3.18 15.56 -20.61
C TRP A 2311 2.07 14.69 -20.05
N ARG A 2312 2.32 14.01 -18.93
CA ARG A 2312 1.29 13.19 -18.31
C ARG A 2312 0.11 14.04 -17.85
N VAL A 2313 0.39 15.22 -17.30
CA VAL A 2313 -0.68 16.09 -16.84
C VAL A 2313 -1.51 16.59 -18.02
N THR A 2314 -0.86 16.98 -19.12
CA THR A 2314 -1.58 17.48 -20.28
C THR A 2314 -2.34 16.37 -21.00
N GLN A 2315 -1.87 15.12 -20.92
CA GLN A 2315 -2.61 14.00 -21.50
C GLN A 2315 -3.75 13.52 -20.61
N SER A 2316 -3.65 13.70 -19.30
CA SER A 2316 -4.76 13.37 -18.42
C SER A 2316 -5.82 14.45 -18.41
N TYR A 2317 -5.42 15.72 -18.57
CA TYR A 2317 -6.39 16.81 -18.60
C TYR A 2317 -7.27 16.73 -19.84
N ALA A 2318 -6.67 16.50 -21.01
CA ALA A 2318 -7.46 16.38 -22.24
C ALA A 2318 -8.39 15.18 -22.21
N ARG A 2319 -8.06 14.15 -21.43
CA ARG A 2319 -8.93 12.99 -21.30
C ARG A 2319 -10.07 13.26 -20.32
N SER A 2320 -9.74 13.82 -19.15
CA SER A 2320 -10.75 14.11 -18.14
C SER A 2320 -11.73 15.18 -18.59
N THR A 2321 -11.27 16.21 -19.30
CA THR A 2321 -12.18 17.21 -19.83
C THR A 2321 -13.15 16.61 -20.84
N ALA A 2322 -12.64 15.77 -21.74
CA ALA A 2322 -13.50 15.10 -22.71
C ALA A 2322 -14.52 14.20 -22.02
N VAL A 2323 -14.08 13.49 -20.98
CA VAL A 2323 -15.00 12.61 -20.25
C VAL A 2323 -16.10 13.42 -19.57
N MET A 2324 -15.71 14.48 -18.85
CA MET A 2324 -16.69 15.32 -18.16
C MET A 2324 -17.55 16.14 -19.12
N SER A 2325 -17.13 16.30 -20.37
CA SER A 2325 -17.92 17.04 -21.35
C SER A 2325 -18.87 16.15 -22.13
N MET A 2326 -18.49 14.90 -22.42
CA MET A 2326 -19.41 13.99 -23.08
C MET A 2326 -20.49 13.46 -22.15
N VAL A 2327 -20.23 13.42 -20.85
CA VAL A 2327 -21.31 13.12 -19.90
C VAL A 2327 -22.16 14.37 -19.69
N GLY A 2328 -21.55 15.56 -19.75
CA GLY A 2328 -22.32 16.78 -19.60
C GLY A 2328 -23.19 17.09 -20.80
N TYR A 2329 -22.75 16.71 -21.99
CA TYR A 2329 -23.56 16.90 -23.19
C TYR A 2329 -24.81 16.05 -23.15
N ILE A 2330 -24.79 14.92 -22.44
CA ILE A 2330 -25.90 13.97 -22.49
C ILE A 2330 -27.06 14.44 -21.63
N ILE A 2331 -26.83 14.58 -20.32
CA ILE A 2331 -27.97 14.64 -19.41
C ILE A 2331 -28.50 16.06 -19.24
N GLY A 2332 -27.75 16.89 -18.51
CA GLY A 2332 -28.25 18.24 -18.25
C GLY A 2332 -27.25 19.34 -17.99
N LEU A 2333 -25.96 19.07 -18.12
CA LEU A 2333 -24.96 20.00 -17.60
C LEU A 2333 -24.93 21.27 -18.42
N GLY A 2334 -25.36 22.38 -17.81
CA GLY A 2334 -25.32 23.69 -18.41
C GLY A 2334 -25.02 24.73 -17.36
N ASP A 2335 -24.99 26.00 -17.78
CA ASP A 2335 -24.68 27.12 -16.90
C ASP A 2335 -23.33 26.91 -16.20
N ARG A 2336 -22.35 26.43 -16.96
CA ARG A 2336 -21.02 26.13 -16.43
C ARG A 2336 -20.24 27.44 -16.34
N HIS A 2337 -20.11 27.97 -15.13
CA HIS A 2337 -19.32 29.17 -14.89
C HIS A 2337 -17.87 28.79 -14.62
N LEU A 2338 -17.05 29.78 -14.26
CA LEU A 2338 -15.68 29.51 -13.87
C LEU A 2338 -15.55 29.14 -12.40
N ASP A 2339 -16.64 29.12 -11.65
CA ASP A 2339 -16.64 28.70 -10.26
C ASP A 2339 -17.16 27.28 -10.07
N ASN A 2340 -18.02 26.80 -10.96
CA ASN A 2340 -18.56 25.46 -10.88
C ASN A 2340 -17.66 24.41 -11.53
N VAL A 2341 -16.59 24.83 -12.19
CA VAL A 2341 -15.65 23.92 -12.85
C VAL A 2341 -14.27 24.19 -12.27
N LEU A 2342 -13.69 23.18 -11.63
CA LEU A 2342 -12.36 23.27 -11.03
C LEU A 2342 -11.39 22.41 -11.84
N ILE A 2343 -10.15 22.32 -11.33
CA ILE A 2343 -9.12 21.50 -11.95
C ILE A 2343 -8.14 21.07 -10.88
N ASP A 2344 -7.78 19.79 -10.91
CA ASP A 2344 -6.80 19.25 -9.97
C ASP A 2344 -5.41 19.59 -10.48
N MET A 2345 -4.65 20.34 -9.68
CA MET A 2345 -3.32 20.79 -10.11
C MET A 2345 -2.27 19.69 -9.99
N THR A 2346 -2.56 18.62 -9.25
CA THR A 2346 -1.58 17.55 -9.05
C THR A 2346 -1.66 16.52 -10.18
N THR A 2347 -2.83 15.92 -10.39
CA THR A 2347 -3.01 14.88 -11.40
C THR A 2347 -3.52 15.40 -12.73
N GLY A 2348 -3.97 16.66 -12.79
CA GLY A 2348 -4.46 17.23 -14.02
C GLY A 2348 -5.91 16.96 -14.32
N GLU A 2349 -6.62 16.23 -13.46
CA GLU A 2349 -8.02 15.91 -13.70
C GLU A 2349 -8.89 17.15 -13.48
N VAL A 2350 -10.16 17.01 -13.85
CA VAL A 2350 -11.14 18.10 -13.75
C VAL A 2350 -12.31 17.61 -12.91
N VAL A 2351 -12.62 18.36 -11.86
CA VAL A 2351 -13.76 18.04 -10.99
C VAL A 2351 -14.85 19.09 -11.22
N HIS A 2352 -16.08 18.71 -10.88
CA HIS A 2352 -17.24 19.57 -11.03
C HIS A 2352 -17.99 19.66 -9.71
N ILE A 2353 -18.52 20.85 -9.43
CA ILE A 2353 -19.33 21.10 -8.24
C ILE A 2353 -20.73 20.56 -8.50
N ASP A 2354 -21.54 20.45 -7.44
CA ASP A 2354 -22.89 19.92 -7.56
C ASP A 2354 -23.68 20.67 -8.63
N TYR A 2355 -24.54 19.94 -9.32
CA TYR A 2355 -25.27 20.46 -10.48
C TYR A 2355 -26.70 20.78 -10.06
N ASN A 2356 -26.94 22.03 -9.67
CA ASN A 2356 -28.28 22.45 -9.31
C ASN A 2356 -29.21 22.46 -10.52
N VAL A 2357 -28.67 22.80 -11.68
CA VAL A 2357 -29.42 22.81 -12.94
C VAL A 2357 -28.96 21.61 -13.76
N CYS A 2358 -29.89 20.72 -14.07
CA CYS A 2358 -29.57 19.50 -14.80
C CYS A 2358 -30.84 19.01 -15.51
N PHE A 2359 -30.69 17.92 -16.27
CA PHE A 2359 -31.77 17.34 -17.06
C PHE A 2359 -32.41 18.39 -17.97
N GLU A 2360 -31.55 19.12 -18.69
CA GLU A 2360 -31.97 20.10 -19.70
C GLU A 2360 -32.84 21.20 -19.10
N LYS A 2361 -32.60 21.56 -17.84
CA LYS A 2361 -33.30 22.67 -17.23
C LYS A 2361 -32.73 24.03 -17.62
N GLY A 2362 -31.57 24.06 -18.28
CA GLY A 2362 -30.99 25.31 -18.73
C GLY A 2362 -31.75 25.98 -19.86
N LYS A 2363 -32.66 25.26 -20.52
CA LYS A 2363 -33.46 25.81 -21.61
C LYS A 2363 -34.85 26.24 -21.15
N SER A 2364 -35.10 26.26 -19.84
CA SER A 2364 -36.37 26.74 -19.31
C SER A 2364 -36.32 28.20 -18.87
N LEU A 2365 -35.11 28.76 -18.73
CA LEU A 2365 -34.96 30.17 -18.40
C LEU A 2365 -35.52 31.04 -19.54
N ARG A 2366 -36.16 32.17 -19.21
CA ARG A 2366 -36.23 32.94 -17.95
C ARG A 2366 -34.84 33.48 -17.58
N VAL A 2367 -34.01 33.66 -18.61
CA VAL A 2367 -32.69 34.29 -18.54
C VAL A 2367 -32.21 34.36 -19.99
N PRO A 2368 -31.21 35.20 -20.33
CA PRO A 2368 -30.62 35.12 -21.67
C PRO A 2368 -30.22 33.69 -22.02
N GLU A 2369 -30.90 33.12 -23.01
CA GLU A 2369 -30.81 31.68 -23.25
C GLU A 2369 -29.43 31.30 -23.77
N LYS A 2370 -28.92 30.19 -23.24
CA LYS A 2370 -27.64 29.63 -23.66
C LYS A 2370 -27.84 28.17 -24.05
N VAL A 2371 -27.18 27.74 -25.11
CA VAL A 2371 -27.27 26.34 -25.54
C VAL A 2371 -25.90 25.75 -25.80
N PRO A 2372 -24.97 25.73 -24.83
CA PRO A 2372 -23.71 25.02 -25.05
C PRO A 2372 -23.78 23.59 -24.55
N PHE A 2373 -23.20 22.65 -25.30
CA PHE A 2373 -23.17 21.26 -24.87
C PHE A 2373 -22.01 20.95 -23.94
N ARG A 2374 -21.06 21.87 -23.80
CA ARG A 2374 -19.92 21.73 -22.90
C ARG A 2374 -19.27 23.11 -22.78
N MET A 2375 -18.12 23.16 -22.13
CA MET A 2375 -17.33 24.39 -22.02
C MET A 2375 -16.17 24.32 -23.00
N THR A 2376 -16.16 25.23 -23.97
CA THR A 2376 -15.11 25.30 -24.99
C THR A 2376 -14.64 26.75 -25.14
N GLN A 2377 -14.32 27.37 -24.01
CA GLN A 2377 -13.91 28.77 -23.98
C GLN A 2377 -12.53 28.92 -24.63
N ASN A 2378 -12.06 30.17 -24.66
CA ASN A 2378 -10.77 30.46 -25.31
C ASN A 2378 -9.60 29.85 -24.54
N ILE A 2379 -9.75 29.65 -23.24
CA ILE A 2379 -8.68 29.14 -22.41
C ILE A 2379 -8.84 27.64 -22.13
N GLU A 2380 -9.59 26.93 -22.98
CA GLU A 2380 -9.69 25.48 -22.88
C GLU A 2380 -9.47 24.84 -24.25
N THR A 2381 -9.73 25.59 -25.31
CA THR A 2381 -9.46 25.09 -26.65
C THR A 2381 -7.98 25.07 -26.95
N ALA A 2382 -7.25 26.08 -26.49
CA ALA A 2382 -5.80 26.16 -26.68
C ALA A 2382 -5.04 25.41 -25.58
N LEU A 2383 -5.71 24.55 -24.82
CA LEU A 2383 -5.05 23.78 -23.77
C LEU A 2383 -4.50 22.46 -24.28
N GLY A 2384 -5.05 21.92 -25.36
CA GLY A 2384 -4.49 20.73 -25.96
C GLY A 2384 -3.15 20.98 -26.61
N VAL A 2385 -2.59 19.91 -27.19
CA VAL A 2385 -1.31 20.03 -27.87
C VAL A 2385 -1.42 20.96 -29.07
N THR A 2386 -2.45 20.77 -29.90
CA THR A 2386 -2.66 21.61 -31.07
C THR A 2386 -3.99 22.34 -31.04
N GLY A 2387 -5.09 21.62 -30.77
CA GLY A 2387 -6.40 22.22 -30.83
C GLY A 2387 -7.49 21.36 -30.20
N VAL A 2388 -8.64 21.24 -30.88
CA VAL A 2388 -9.76 20.46 -30.41
C VAL A 2388 -10.04 19.26 -31.32
N GLU A 2389 -9.97 19.47 -32.63
CA GLU A 2389 -10.34 18.42 -33.59
C GLU A 2389 -9.46 18.53 -34.82
N GLY A 2390 -8.95 17.40 -35.30
CA GLY A 2390 -9.15 16.10 -34.68
C GLY A 2390 -8.04 15.71 -33.72
N VAL A 2391 -7.90 16.48 -32.66
CA VAL A 2391 -6.82 16.32 -31.68
C VAL A 2391 -7.19 15.22 -30.69
N PHE A 2392 -6.23 14.82 -29.85
CA PHE A 2392 -6.34 13.75 -28.88
C PHE A 2392 -7.65 13.79 -28.08
N ARG A 2393 -8.18 14.99 -27.83
CA ARG A 2393 -9.42 15.11 -27.09
C ARG A 2393 -10.63 14.69 -27.91
N LEU A 2394 -10.51 14.57 -29.23
CA LEU A 2394 -11.63 14.12 -30.05
C LEU A 2394 -11.68 12.60 -30.16
N SER A 2395 -10.52 11.98 -30.41
CA SER A 2395 -10.48 10.53 -30.58
C SER A 2395 -10.86 9.78 -29.31
N CYS A 2396 -10.73 10.41 -28.14
CA CYS A 2396 -11.17 9.80 -26.90
C CYS A 2396 -12.65 10.07 -26.62
N GLU A 2397 -13.27 10.98 -27.35
CA GLU A 2397 -14.71 11.20 -27.21
C GLU A 2397 -15.51 10.20 -28.05
N GLN A 2398 -14.93 9.73 -29.17
CA GLN A 2398 -15.63 8.78 -30.03
C GLN A 2398 -15.71 7.40 -29.39
N VAL A 2399 -14.81 7.06 -28.48
CA VAL A 2399 -14.88 5.77 -27.80
C VAL A 2399 -15.89 5.78 -26.67
N LEU A 2400 -16.16 6.94 -26.07
CA LEU A 2400 -17.19 7.02 -25.03
C LEU A 2400 -18.57 6.70 -25.60
N HIS A 2401 -18.89 7.24 -26.77
CA HIS A 2401 -20.18 6.93 -27.40
C HIS A 2401 -20.26 5.47 -27.81
N ILE A 2402 -19.14 4.88 -28.23
CA ILE A 2402 -19.14 3.46 -28.58
C ILE A 2402 -19.39 2.60 -27.35
N MET A 2403 -18.74 2.93 -26.23
CA MET A 2403 -18.95 2.16 -25.00
C MET A 2403 -20.31 2.43 -24.37
N ARG A 2404 -20.94 3.56 -24.68
CA ARG A 2404 -22.26 3.85 -24.14
C ARG A 2404 -23.37 3.20 -24.97
N ARG A 2405 -23.30 3.31 -26.30
CA ARG A 2405 -24.33 2.71 -27.13
C ARG A 2405 -24.31 1.19 -27.06
N GLY A 2406 -23.14 0.60 -26.81
CA GLY A 2406 -23.07 -0.84 -26.62
C GLY A 2406 -23.71 -1.31 -25.33
N ARG A 2407 -23.81 -0.44 -24.33
CA ARG A 2407 -24.46 -0.74 -23.06
C ARG A 2407 -25.50 0.33 -22.75
N GLU A 2408 -26.30 0.68 -23.76
CA GLU A 2408 -27.28 1.75 -23.61
C GLU A 2408 -28.41 1.36 -22.67
N THR A 2409 -28.94 0.13 -22.81
CA THR A 2409 -30.04 -0.31 -21.96
C THR A 2409 -29.67 -0.22 -20.49
N LEU A 2410 -28.44 -0.61 -20.14
CA LEU A 2410 -27.99 -0.55 -18.75
C LEU A 2410 -28.12 0.84 -18.17
N LEU A 2411 -28.09 1.88 -19.00
CA LEU A 2411 -28.35 3.24 -18.52
C LEU A 2411 -29.84 3.56 -18.51
N THR A 2412 -30.57 3.16 -19.55
CA THR A 2412 -31.99 3.47 -19.62
C THR A 2412 -32.77 2.75 -18.52
N LEU A 2413 -32.27 1.60 -18.06
CA LEU A 2413 -32.89 0.93 -16.94
C LEU A 2413 -32.63 1.66 -15.63
N LEU A 2414 -31.53 2.41 -15.55
CA LEU A 2414 -31.23 3.15 -14.32
C LEU A 2414 -32.15 4.35 -14.18
N GLU A 2415 -32.32 5.13 -15.25
CA GLU A 2415 -33.20 6.29 -15.19
C GLU A 2415 -34.62 5.88 -14.85
N ALA A 2416 -35.09 4.74 -15.36
CA ALA A 2416 -36.41 4.24 -15.02
C ALA A 2416 -36.59 4.02 -13.53
N PHE A 2417 -35.49 3.75 -12.81
CA PHE A 2417 -35.53 3.70 -11.35
C PHE A 2417 -35.13 5.01 -10.70
N VAL A 2418 -34.42 5.88 -11.42
CA VAL A 2418 -34.12 7.21 -10.89
C VAL A 2418 -35.38 8.05 -10.89
N TYR A 2419 -36.15 8.02 -11.98
CA TYR A 2419 -37.40 8.74 -12.06
C TYR A 2419 -38.53 7.88 -11.49
N ASP A 2420 -39.76 8.35 -11.62
CA ASP A 2420 -40.91 7.79 -10.92
C ASP A 2420 -40.62 7.62 -9.43
N PRO A 2421 -40.13 8.67 -8.75
CA PRO A 2421 -39.64 8.51 -7.38
C PRO A 2421 -40.71 8.74 -6.33
N LEU A 2422 -40.32 8.65 -5.07
CA LEU A 2422 -41.19 8.99 -3.95
C LEU A 2422 -40.65 10.10 -3.05
N VAL A 2423 -39.35 10.42 -3.15
CA VAL A 2423 -38.74 11.45 -2.32
C VAL A 2423 -37.92 12.44 -3.12
N ASP A 2424 -37.60 12.15 -4.39
CA ASP A 2424 -36.77 13.05 -5.17
C ASP A 2424 -37.52 14.32 -5.53
N TRP A 2425 -38.81 14.20 -5.89
CA TRP A 2425 -39.66 15.34 -6.24
C TRP A 2425 -39.06 16.14 -7.39
N THR A 2426 -38.95 15.48 -8.54
CA THR A 2426 -38.40 16.11 -9.74
C THR A 2426 -39.32 17.23 -10.24
N ASN A 3606 -46.31 13.97 -13.04
CA ASN A 3606 -45.25 13.08 -13.51
C ASN A 3606 -44.99 13.27 -15.00
N SER A 3607 -45.55 14.34 -15.56
CA SER A 3607 -45.38 14.65 -16.97
C SER A 3607 -44.01 15.24 -17.29
N TYR A 3608 -43.19 15.52 -16.28
CA TYR A 3608 -41.86 16.07 -16.49
C TYR A 3608 -40.76 15.03 -16.39
N ALA A 3609 -40.97 13.97 -15.60
CA ALA A 3609 -39.96 12.92 -15.48
C ALA A 3609 -39.91 12.01 -16.69
N VAL A 3610 -40.95 12.01 -17.53
CA VAL A 3610 -40.94 11.21 -18.75
C VAL A 3610 -40.24 11.92 -19.90
N SER A 3611 -40.38 13.25 -19.98
CA SER A 3611 -39.71 14.00 -21.03
C SER A 3611 -38.19 13.95 -20.90
N VAL A 3612 -37.66 14.02 -19.69
CA VAL A 3612 -36.21 13.93 -19.51
C VAL A 3612 -35.69 12.55 -19.88
N TRP A 3613 -36.43 11.50 -19.52
CA TRP A 3613 -36.02 10.14 -19.90
C TRP A 3613 -36.08 9.97 -21.42
N LYS A 3614 -37.11 10.52 -22.06
CA LYS A 3614 -37.19 10.44 -23.52
C LYS A 3614 -36.05 11.20 -24.19
N ARG A 3615 -35.68 12.37 -23.65
CA ARG A 3615 -34.56 13.13 -24.20
C ARG A 3615 -33.25 12.39 -24.01
N VAL A 3616 -33.06 11.75 -22.85
CA VAL A 3616 -31.85 10.97 -22.63
C VAL A 3616 -31.78 9.78 -23.58
N LYS A 3617 -32.93 9.12 -23.81
CA LYS A 3617 -32.96 8.00 -24.74
C LYS A 3617 -32.67 8.45 -26.16
N ALA A 3618 -33.20 9.61 -26.55
CA ALA A 3618 -32.93 10.15 -27.88
C ALA A 3618 -31.48 10.59 -28.05
N LYS A 3619 -30.85 11.08 -26.97
CA LYS A 3619 -29.44 11.46 -27.04
C LYS A 3619 -28.53 10.24 -27.05
N LEU A 3620 -28.93 9.15 -26.39
CA LEU A 3620 -28.16 7.93 -26.44
C LEU A 3620 -28.38 7.15 -27.74
N GLU A 3621 -29.52 7.34 -28.39
CA GLU A 3621 -29.79 6.70 -29.67
C GLU A 3621 -29.37 7.56 -30.86
N GLY A 3622 -28.67 8.66 -30.62
CA GLY A 3622 -28.15 9.55 -31.65
C GLY A 3622 -29.26 10.28 -32.40
N ARG A 3623 -30.51 10.12 -31.95
CA ARG A 3623 -31.64 10.83 -32.54
C ARG A 3623 -31.88 12.12 -31.75
N ASP A 3624 -30.89 13.00 -31.80
CA ASP A 3624 -30.97 14.25 -31.06
C ASP A 3624 -31.78 15.29 -31.80
N VAL A 3625 -31.36 15.65 -33.02
CA VAL A 3625 -32.04 16.66 -33.81
C VAL A 3625 -33.01 16.06 -34.82
N ASP A 3626 -32.57 15.06 -35.59
CA ASP A 3626 -33.41 14.40 -36.59
C ASP A 3626 -33.78 13.02 -36.07
N PRO A 3627 -35.05 12.84 -35.72
CA PRO A 3627 -35.55 11.58 -35.19
C PRO A 3627 -35.80 10.54 -36.28
N ASN A 3628 -35.36 10.79 -37.52
CA ASN A 3628 -35.55 9.86 -38.61
C ASN A 3628 -34.25 9.29 -39.14
N ARG A 3629 -33.10 9.83 -38.76
CA ARG A 3629 -31.80 9.37 -39.22
C ARG A 3629 -30.94 8.99 -38.02
N ARG A 3630 -30.25 7.86 -38.14
CA ARG A 3630 -29.36 7.37 -37.08
C ARG A 3630 -27.95 7.91 -37.35
N MET A 3631 -27.56 8.93 -36.59
CA MET A 3631 -26.25 9.52 -36.76
C MET A 3631 -25.18 8.63 -36.15
N SER A 3632 -24.01 8.59 -36.79
CA SER A 3632 -22.90 7.80 -36.29
C SER A 3632 -22.28 8.46 -35.05
N VAL A 3633 -21.34 7.76 -34.43
CA VAL A 3633 -20.68 8.30 -33.26
C VAL A 3633 -19.77 9.48 -33.63
N ALA A 3634 -19.00 9.32 -34.71
CA ALA A 3634 -18.13 10.42 -35.15
C ALA A 3634 -18.95 11.61 -35.63
N GLU A 3635 -20.06 11.36 -36.33
CA GLU A 3635 -20.91 12.45 -36.78
C GLU A 3635 -21.53 13.20 -35.61
N GLN A 3636 -22.01 12.47 -34.59
CA GLN A 3636 -22.58 13.12 -33.42
C GLN A 3636 -21.51 13.91 -32.66
N VAL A 3637 -20.30 13.36 -32.56
CA VAL A 3637 -19.22 14.08 -31.90
C VAL A 3637 -18.87 15.37 -32.65
N ASP A 3638 -18.81 15.30 -33.97
CA ASP A 3638 -18.51 16.50 -34.75
C ASP A 3638 -19.63 17.53 -34.64
N TYR A 3639 -20.89 17.07 -34.60
CA TYR A 3639 -22.00 17.99 -34.46
C TYR A 3639 -22.01 18.66 -33.09
N VAL A 3640 -21.64 17.91 -32.04
CA VAL A 3640 -21.57 18.48 -30.70
C VAL A 3640 -20.35 19.38 -30.51
N ILE A 3641 -19.28 19.15 -31.28
CA ILE A 3641 -18.09 19.99 -31.16
C ILE A 3641 -18.23 21.27 -31.97
N LYS A 3642 -18.90 21.20 -33.12
CA LYS A 3642 -19.07 22.40 -33.94
C LYS A 3642 -20.00 23.40 -33.30
N GLU A 3643 -20.97 22.93 -32.50
CA GLU A 3643 -21.91 23.82 -31.84
C GLU A 3643 -21.39 24.35 -30.52
N ALA A 3644 -20.52 23.60 -29.83
CA ALA A 3644 -19.99 24.04 -28.56
C ALA A 3644 -18.89 25.10 -28.70
N THR A 3645 -18.31 25.24 -29.89
CA THR A 3645 -17.24 26.21 -30.13
C THR A 3645 -17.62 27.26 -31.17
N ASN A 3646 -18.89 27.30 -31.59
CA ASN A 3646 -19.32 28.29 -32.57
C ASN A 3646 -19.40 29.67 -31.94
N LEU A 3647 -18.93 30.68 -32.68
CA LEU A 3647 -18.96 32.05 -32.19
C LEU A 3647 -20.37 32.61 -32.07
N ASP A 3648 -21.33 32.04 -32.81
CA ASP A 3648 -22.70 32.53 -32.73
C ASP A 3648 -23.36 32.10 -31.42
N ASN A 3649 -23.16 30.85 -31.01
CA ASN A 3649 -23.77 30.37 -29.78
C ASN A 3649 -23.00 30.84 -28.54
N LEU A 3650 -21.70 31.10 -28.68
CA LEU A 3650 -20.90 31.55 -27.54
C LEU A 3650 -21.03 33.05 -27.29
N ALA A 3651 -21.70 33.78 -28.17
CA ALA A 3651 -21.89 35.22 -27.99
C ALA A 3651 -23.23 35.59 -27.37
N GLN A 3652 -24.22 34.68 -27.43
CA GLN A 3652 -25.55 34.93 -26.87
C GLN A 3652 -25.71 34.30 -25.49
N LEU A 3653 -24.64 34.19 -24.72
CA LEU A 3653 -24.67 33.61 -23.40
C LEU A 3653 -24.73 34.70 -22.33
N TYR A 3654 -24.91 34.27 -21.08
CA TYR A 3654 -24.99 35.20 -19.97
C TYR A 3654 -23.63 35.85 -19.71
N GLU A 3655 -23.67 37.03 -19.11
CA GLU A 3655 -22.44 37.75 -18.80
C GLU A 3655 -21.63 37.07 -17.72
N GLY A 3656 -22.27 36.29 -16.85
CA GLY A 3656 -21.56 35.59 -15.78
C GLY A 3656 -20.92 34.29 -16.24
N TRP A 3657 -21.27 33.78 -17.43
CA TRP A 3657 -20.66 32.56 -17.91
C TRP A 3657 -19.21 32.76 -18.32
N THR A 3658 -18.83 34.01 -18.60
CA THR A 3658 -17.46 34.35 -19.01
C THR A 3658 -17.03 33.56 -20.24
N ALA A 3659 -17.77 33.78 -21.33
CA ALA A 3659 -17.46 33.09 -22.58
C ALA A 3659 -16.16 33.60 -23.19
N TRP A 3660 -15.80 34.86 -22.94
CA TRP A 3660 -14.56 35.40 -23.48
C TRP A 3660 -13.34 34.83 -22.77
N VAL A 3661 -13.47 34.50 -21.49
CA VAL A 3661 -12.37 33.93 -20.73
C VAL A 3661 -12.32 32.42 -20.89
#